data_3VZG
# 
_entry.id   3VZG 
# 
_audit_conform.dict_name       mmcif_pdbx.dic 
_audit_conform.dict_version    5.381 
_audit_conform.dict_location   http://mmcif.pdb.org/dictionaries/ascii/mmcif_pdbx.dic 
# 
loop_
_database_2.database_id 
_database_2.database_code 
_database_2.pdbx_database_accession 
_database_2.pdbx_DOI 
PDB   3VZG         pdb_00003vzg 10.2210/pdb3vzg/pdb 
RCSB  RCSB095693   ?            ?                   
WWPDB D_1000095693 ?            ?                   
# 
loop_
_pdbx_database_related.db_name 
_pdbx_database_related.db_id 
_pdbx_database_related.details 
_pdbx_database_related.content_type 
PDB 3VZF . unspecified 
PDB 3VZE . unspecified 
# 
_pdbx_database_status.status_code                     REL 
_pdbx_database_status.entry_id                        3VZG 
_pdbx_database_status.recvd_initial_deposition_date   2012-10-11 
_pdbx_database_status.deposit_site                    PDBJ 
_pdbx_database_status.process_site                    PDBJ 
_pdbx_database_status.methods_development_category    ? 
_pdbx_database_status.status_code_sf                  REL 
_pdbx_database_status.status_code_mr                  ? 
_pdbx_database_status.SG_entry                        ? 
_pdbx_database_status.status_code_cs                  ? 
_pdbx_database_status.pdb_format_compatible           Y 
_pdbx_database_status.status_code_nmr_data            ? 
# 
loop_
_audit_author.name 
_audit_author.pdbx_ordinal 
'Kanagawa, M.'  1 
'Yamaguchi, Y.' 2 
# 
_citation.id                        primary 
_citation.title                     'Structural Basis for Multiple Sugar Recognition of Jacalin-related Human ZG16p Lectin' 
_citation.journal_abbrev            J.Biol.Chem. 
_citation.journal_volume            289 
_citation.page_first                16954 
_citation.page_last                 16965 
_citation.year                      2014 
_citation.journal_id_ASTM           JBCHA3 
_citation.country                   US 
_citation.journal_id_ISSN           0021-9258 
_citation.journal_id_CSD            0071 
_citation.book_publisher            ? 
_citation.pdbx_database_id_PubMed   24790092 
_citation.pdbx_database_id_DOI      10.1074/jbc.M113.539114 
# 
loop_
_citation_author.citation_id 
_citation_author.name 
_citation_author.ordinal 
_citation_author.identifier_ORCID 
primary 'Kanagawa, M.'      1 ? 
primary 'Liu, Y.'           2 ? 
primary 'Hanashima, S.'     3 ? 
primary 'Ikeda, A.'         4 ? 
primary 'Chai, W.'          5 ? 
primary 'Nakano, Y.'        6 ? 
primary 'Kojima-Aikawa, K.' 7 ? 
primary 'Feizi, T.'         8 ? 
primary 'Yamaguchi, Y.'     9 ? 
# 
_cell.entry_id           3VZG 
_cell.length_a           58.397 
_cell.length_b           73.022 
_cell.length_c           30.400 
_cell.angle_alpha        90.00 
_cell.angle_beta         90.00 
_cell.angle_gamma        90.00 
_cell.Z_PDB              4 
_cell.pdbx_unique_axis   ? 
_cell.length_a_esd       ? 
_cell.length_b_esd       ? 
_cell.length_c_esd       ? 
_cell.angle_alpha_esd    ? 
_cell.angle_beta_esd     ? 
_cell.angle_gamma_esd    ? 
# 
_symmetry.entry_id                         3VZG 
_symmetry.space_group_name_H-M             'P 21 21 2' 
_symmetry.pdbx_full_space_group_name_H-M   ? 
_symmetry.cell_setting                     ? 
_symmetry.Int_Tables_number                18 
_symmetry.space_group_name_Hall            ? 
# 
loop_
_entity.id 
_entity.type 
_entity.src_method 
_entity.pdbx_description 
_entity.formula_weight 
_entity.pdbx_number_of_molecules 
_entity.pdbx_ec 
_entity.pdbx_mutation 
_entity.pdbx_fragment 
_entity.details 
1 polymer     man 'Zymogen granule membrane protein 16' 15501.401 1  ? ? 'UNP residues 21-159' ? 
2 non-polymer syn THREONINE                             119.119   1  ? ? ?                     ? 
3 non-polymer man alpha-D-mannopyranose                 180.156   1  ? ? ?                     ? 
4 non-polymer syn 'CHLORIDE ION'                        35.453    2  ? ? ?                     ? 
5 water       nat water                                 18.015    51 ? ? ?                     ? 
# 
_entity_name_com.entity_id   1 
_entity_name_com.name        'Zymogen granule protein 16, hZG16, Secretory lectin ZG16' 
# 
_entity_poly.entity_id                      1 
_entity_poly.type                           'polypeptide(L)' 
_entity_poly.nstd_linkage                   no 
_entity_poly.nstd_monomer                   no 
_entity_poly.pdbx_seq_one_letter_code       
;GSARSSSYSGEYGSGGGKRFSHSGNQLDGPITALRVRVNTYYIVGLQVRYGKVWSDYVGGRNGDLEEIFLHPGESVIQVS
GKYKWYLKKLVFVTDKGRYLSFGKDSGTSFNAVPLHPNTVLRFISGRSGSLIDAIGLHWDV
;
_entity_poly.pdbx_seq_one_letter_code_can   
;GSARSSSYSGEYGSGGGKRFSHSGNQLDGPITALRVRVNTYYIVGLQVRYGKVWSDYVGGRNGDLEEIFLHPGESVIQVS
GKYKWYLKKLVFVTDKGRYLSFGKDSGTSFNAVPLHPNTVLRFISGRSGSLIDAIGLHWDV
;
_entity_poly.pdbx_strand_id                 A 
_entity_poly.pdbx_target_identifier         ? 
# 
loop_
_entity_poly_seq.entity_id 
_entity_poly_seq.num 
_entity_poly_seq.mon_id 
_entity_poly_seq.hetero 
1 1   GLY n 
1 2   SER n 
1 3   ALA n 
1 4   ARG n 
1 5   SER n 
1 6   SER n 
1 7   SER n 
1 8   TYR n 
1 9   SER n 
1 10  GLY n 
1 11  GLU n 
1 12  TYR n 
1 13  GLY n 
1 14  SER n 
1 15  GLY n 
1 16  GLY n 
1 17  GLY n 
1 18  LYS n 
1 19  ARG n 
1 20  PHE n 
1 21  SER n 
1 22  HIS n 
1 23  SER n 
1 24  GLY n 
1 25  ASN n 
1 26  GLN n 
1 27  LEU n 
1 28  ASP n 
1 29  GLY n 
1 30  PRO n 
1 31  ILE n 
1 32  THR n 
1 33  ALA n 
1 34  LEU n 
1 35  ARG n 
1 36  VAL n 
1 37  ARG n 
1 38  VAL n 
1 39  ASN n 
1 40  THR n 
1 41  TYR n 
1 42  TYR n 
1 43  ILE n 
1 44  VAL n 
1 45  GLY n 
1 46  LEU n 
1 47  GLN n 
1 48  VAL n 
1 49  ARG n 
1 50  TYR n 
1 51  GLY n 
1 52  LYS n 
1 53  VAL n 
1 54  TRP n 
1 55  SER n 
1 56  ASP n 
1 57  TYR n 
1 58  VAL n 
1 59  GLY n 
1 60  GLY n 
1 61  ARG n 
1 62  ASN n 
1 63  GLY n 
1 64  ASP n 
1 65  LEU n 
1 66  GLU n 
1 67  GLU n 
1 68  ILE n 
1 69  PHE n 
1 70  LEU n 
1 71  HIS n 
1 72  PRO n 
1 73  GLY n 
1 74  GLU n 
1 75  SER n 
1 76  VAL n 
1 77  ILE n 
1 78  GLN n 
1 79  VAL n 
1 80  SER n 
1 81  GLY n 
1 82  LYS n 
1 83  TYR n 
1 84  LYS n 
1 85  TRP n 
1 86  TYR n 
1 87  LEU n 
1 88  LYS n 
1 89  LYS n 
1 90  LEU n 
1 91  VAL n 
1 92  PHE n 
1 93  VAL n 
1 94  THR n 
1 95  ASP n 
1 96  LYS n 
1 97  GLY n 
1 98  ARG n 
1 99  TYR n 
1 100 LEU n 
1 101 SER n 
1 102 PHE n 
1 103 GLY n 
1 104 LYS n 
1 105 ASP n 
1 106 SER n 
1 107 GLY n 
1 108 THR n 
1 109 SER n 
1 110 PHE n 
1 111 ASN n 
1 112 ALA n 
1 113 VAL n 
1 114 PRO n 
1 115 LEU n 
1 116 HIS n 
1 117 PRO n 
1 118 ASN n 
1 119 THR n 
1 120 VAL n 
1 121 LEU n 
1 122 ARG n 
1 123 PHE n 
1 124 ILE n 
1 125 SER n 
1 126 GLY n 
1 127 ARG n 
1 128 SER n 
1 129 GLY n 
1 130 SER n 
1 131 LEU n 
1 132 ILE n 
1 133 ASP n 
1 134 ALA n 
1 135 ILE n 
1 136 GLY n 
1 137 LEU n 
1 138 HIS n 
1 139 TRP n 
1 140 ASP n 
1 141 VAL n 
# 
_entity_src_gen.entity_id                          1 
_entity_src_gen.pdbx_src_id                        1 
_entity_src_gen.pdbx_alt_source_flag               sample 
_entity_src_gen.pdbx_seq_type                      ? 
_entity_src_gen.pdbx_beg_seq_num                   ? 
_entity_src_gen.pdbx_end_seq_num                   ? 
_entity_src_gen.gene_src_common_name               human 
_entity_src_gen.gene_src_genus                     ? 
_entity_src_gen.pdbx_gene_src_gene                 ZG16 
_entity_src_gen.gene_src_species                   ? 
_entity_src_gen.gene_src_strain                    ? 
_entity_src_gen.gene_src_tissue                    ? 
_entity_src_gen.gene_src_tissue_fraction           ? 
_entity_src_gen.gene_src_details                   ? 
_entity_src_gen.pdbx_gene_src_fragment             ? 
_entity_src_gen.pdbx_gene_src_scientific_name      'Homo sapiens' 
_entity_src_gen.pdbx_gene_src_ncbi_taxonomy_id     9606 
_entity_src_gen.pdbx_gene_src_variant              ? 
_entity_src_gen.pdbx_gene_src_cell_line            ? 
_entity_src_gen.pdbx_gene_src_atcc                 ? 
_entity_src_gen.pdbx_gene_src_organ                ? 
_entity_src_gen.pdbx_gene_src_organelle            ? 
_entity_src_gen.pdbx_gene_src_cell                 ? 
_entity_src_gen.pdbx_gene_src_cellular_location    ? 
_entity_src_gen.host_org_common_name               ? 
_entity_src_gen.pdbx_host_org_scientific_name      'Escherichia coli' 
_entity_src_gen.pdbx_host_org_ncbi_taxonomy_id     562 
_entity_src_gen.host_org_genus                     ? 
_entity_src_gen.pdbx_host_org_gene                 ? 
_entity_src_gen.pdbx_host_org_organ                ? 
_entity_src_gen.host_org_species                   ? 
_entity_src_gen.pdbx_host_org_tissue               ? 
_entity_src_gen.pdbx_host_org_tissue_fraction      ? 
_entity_src_gen.pdbx_host_org_strain               'E. coli BL21(DE3)' 
_entity_src_gen.pdbx_host_org_variant              ? 
_entity_src_gen.pdbx_host_org_cell_line            ? 
_entity_src_gen.pdbx_host_org_atcc                 ? 
_entity_src_gen.pdbx_host_org_culture_collection   ? 
_entity_src_gen.pdbx_host_org_cell                 ? 
_entity_src_gen.pdbx_host_org_organelle            ? 
_entity_src_gen.pdbx_host_org_cellular_location    ? 
_entity_src_gen.pdbx_host_org_vector_type          plasmid 
_entity_src_gen.pdbx_host_org_vector               ? 
_entity_src_gen.host_org_details                   ? 
_entity_src_gen.expression_system_id               ? 
_entity_src_gen.plasmid_name                       'pCold-I(MBP fusion)' 
_entity_src_gen.plasmid_details                    ? 
_entity_src_gen.pdbx_description                   ? 
# 
_struct_ref.id                         1 
_struct_ref.db_name                    UNP 
_struct_ref.db_code                    ZG16_HUMAN 
_struct_ref.pdbx_db_accession          O60844 
_struct_ref.entity_id                  1 
_struct_ref.pdbx_seq_one_letter_code   
;ARSSSYSGEYGSGGGKRFSHSGNQLDGPITALRVRVNTYYIVGLQVRYGKVWSDYVGGRNGDLEEIFLHPGESVIQVSGK
YKWYLKKLVFVTDKGRYLSFGKDSGTSFNAVPLHPNTVLRFISGRSGSLIDAIGLHWDV
;
_struct_ref.pdbx_align_begin           21 
_struct_ref.pdbx_db_isoform            ? 
# 
_struct_ref_seq.align_id                      1 
_struct_ref_seq.ref_id                        1 
_struct_ref_seq.pdbx_PDB_id_code              3VZG 
_struct_ref_seq.pdbx_strand_id                A 
_struct_ref_seq.seq_align_beg                 3 
_struct_ref_seq.pdbx_seq_align_beg_ins_code   ? 
_struct_ref_seq.seq_align_end                 141 
_struct_ref_seq.pdbx_seq_align_end_ins_code   ? 
_struct_ref_seq.pdbx_db_accession             O60844 
_struct_ref_seq.db_align_beg                  21 
_struct_ref_seq.pdbx_db_align_beg_ins_code    ? 
_struct_ref_seq.db_align_end                  159 
_struct_ref_seq.pdbx_db_align_end_ins_code    ? 
_struct_ref_seq.pdbx_auth_seq_align_beg       21 
_struct_ref_seq.pdbx_auth_seq_align_end       159 
# 
loop_
_struct_ref_seq_dif.align_id 
_struct_ref_seq_dif.pdbx_pdb_id_code 
_struct_ref_seq_dif.mon_id 
_struct_ref_seq_dif.pdbx_pdb_strand_id 
_struct_ref_seq_dif.seq_num 
_struct_ref_seq_dif.pdbx_pdb_ins_code 
_struct_ref_seq_dif.pdbx_seq_db_name 
_struct_ref_seq_dif.pdbx_seq_db_accession_code 
_struct_ref_seq_dif.db_mon_id 
_struct_ref_seq_dif.pdbx_seq_db_seq_num 
_struct_ref_seq_dif.details 
_struct_ref_seq_dif.pdbx_auth_seq_num 
_struct_ref_seq_dif.pdbx_ordinal 
1 3VZG GLY A 1 ? UNP O60844 ? ? 'expression tag' 19 1 
1 3VZG SER A 2 ? UNP O60844 ? ? 'expression tag' 20 2 
# 
loop_
_chem_comp.id 
_chem_comp.type 
_chem_comp.mon_nstd_flag 
_chem_comp.name 
_chem_comp.pdbx_synonyms 
_chem_comp.formula 
_chem_comp.formula_weight 
ALA 'L-peptide linking'           y ALANINE               ?                                     'C3 H7 N O2'     89.093  
ARG 'L-peptide linking'           y ARGININE              ?                                     'C6 H15 N4 O2 1' 175.209 
ASN 'L-peptide linking'           y ASPARAGINE            ?                                     'C4 H8 N2 O3'    132.118 
ASP 'L-peptide linking'           y 'ASPARTIC ACID'       ?                                     'C4 H7 N O4'     133.103 
CL  non-polymer                   . 'CHLORIDE ION'        ?                                     'Cl -1'          35.453  
GLN 'L-peptide linking'           y GLUTAMINE             ?                                     'C5 H10 N2 O3'   146.144 
GLU 'L-peptide linking'           y 'GLUTAMIC ACID'       ?                                     'C5 H9 N O4'     147.129 
GLY 'peptide linking'             y GLYCINE               ?                                     'C2 H5 N O2'     75.067  
HIS 'L-peptide linking'           y HISTIDINE             ?                                     'C6 H10 N3 O2 1' 156.162 
HOH non-polymer                   . WATER                 ?                                     'H2 O'           18.015  
ILE 'L-peptide linking'           y ISOLEUCINE            ?                                     'C6 H13 N O2'    131.173 
LEU 'L-peptide linking'           y LEUCINE               ?                                     'C6 H13 N O2'    131.173 
LYS 'L-peptide linking'           y LYSINE                ?                                     'C6 H15 N2 O2 1' 147.195 
MAN 'D-saccharide, alpha linking' . alpha-D-mannopyranose 'alpha-D-mannose; D-mannose; mannose' 'C6 H12 O6'      180.156 
PHE 'L-peptide linking'           y PHENYLALANINE         ?                                     'C9 H11 N O2'    165.189 
PRO 'L-peptide linking'           y PROLINE               ?                                     'C5 H9 N O2'     115.130 
SER 'L-peptide linking'           y SERINE                ?                                     'C3 H7 N O3'     105.093 
THR 'L-peptide linking'           y THREONINE             ?                                     'C4 H9 N O3'     119.119 
TRP 'L-peptide linking'           y TRYPTOPHAN            ?                                     'C11 H12 N2 O2'  204.225 
TYR 'L-peptide linking'           y TYROSINE              ?                                     'C9 H11 N O3'    181.189 
VAL 'L-peptide linking'           y VALINE                ?                                     'C5 H11 N O2'    117.146 
# 
_exptl.entry_id          3VZG 
_exptl.method            'X-RAY DIFFRACTION' 
_exptl.crystals_number   1 
# 
_exptl_crystal.id                    1 
_exptl_crystal.density_meas          ? 
_exptl_crystal.density_Matthews      2.09 
_exptl_crystal.density_percent_sol   41.15 
_exptl_crystal.description           ? 
_exptl_crystal.F_000                 ? 
_exptl_crystal.preparation           ? 
# 
_exptl_crystal_grow.crystal_id      1 
_exptl_crystal_grow.method          ? 
_exptl_crystal_grow.temp            293 
_exptl_crystal_grow.temp_details    ? 
_exptl_crystal_grow.pH              5.6 
_exptl_crystal_grow.pdbx_pH_range   ? 
_exptl_crystal_grow.pdbx_details    
;0.09M MES(pH 6.5), 0.09M Sodium phosphate, 0.09M Potassium phosphate, 1.8M Sodium chloride, VAPOR DIFFUSION, SITTING DROP, temperature 293K
;
# 
_diffrn.id                     1 
_diffrn.ambient_temp           100 
_diffrn.ambient_temp_details   ? 
_diffrn.crystal_id             1 
# 
_diffrn_detector.diffrn_id              1 
_diffrn_detector.detector               CCD 
_diffrn_detector.type                   'ADSC QUANTUM 210' 
_diffrn_detector.pdbx_collection_date   2011-02-18 
_diffrn_detector.details                ? 
# 
_diffrn_radiation.diffrn_id                        1 
_diffrn_radiation.wavelength_id                    1 
_diffrn_radiation.pdbx_monochromatic_or_laue_m_l   M 
_diffrn_radiation.monochromator                    'SI(111)' 
_diffrn_radiation.pdbx_diffrn_protocol             'SINGLE WAVELENGTH' 
_diffrn_radiation.pdbx_scattering_type             x-ray 
# 
_diffrn_radiation_wavelength.id           1 
_diffrn_radiation_wavelength.wavelength   1.00000 
_diffrn_radiation_wavelength.wt           1.0 
# 
_diffrn_source.diffrn_id                   1 
_diffrn_source.source                      SYNCHROTRON 
_diffrn_source.type                        'PHOTON FACTORY BEAMLINE BL-5A' 
_diffrn_source.pdbx_synchrotron_site       'Photon Factory' 
_diffrn_source.pdbx_synchrotron_beamline   BL-5A 
_diffrn_source.pdbx_wavelength             1.00000 
_diffrn_source.pdbx_wavelength_list        ? 
# 
_reflns.pdbx_diffrn_id               1 
_reflns.pdbx_ordinal                 1 
_reflns.entry_id                     3VZG 
_reflns.observed_criterion_sigma_I   ? 
_reflns.observed_criterion_sigma_F   ? 
_reflns.d_resolution_low             50.000 
_reflns.d_resolution_high            2.700 
_reflns.number_obs                   3909 
_reflns.number_all                   ? 
_reflns.percent_possible_obs         98.3 
_reflns.pdbx_Rmerge_I_obs            0.10000 
_reflns.pdbx_Rsym_value              ? 
_reflns.pdbx_netI_over_sigmaI        17.5000 
_reflns.B_iso_Wilson_estimate        ? 
_reflns.pdbx_redundancy              6.800 
_reflns.R_free_details               ? 
_reflns.limit_h_max                  ? 
_reflns.limit_h_min                  ? 
_reflns.limit_k_max                  ? 
_reflns.limit_k_min                  ? 
_reflns.limit_l_max                  ? 
_reflns.limit_l_min                  ? 
_reflns.observed_criterion_F_max     ? 
_reflns.observed_criterion_F_min     ? 
_reflns.pdbx_chi_squared             ? 
_reflns.pdbx_scaling_rejects         ? 
# 
_reflns_shell.pdbx_diffrn_id         1 
_reflns_shell.pdbx_ordinal           1 
_reflns_shell.d_res_high             2.70 
_reflns_shell.d_res_low              2.75 
_reflns_shell.percent_possible_all   100.0 
_reflns_shell.Rmerge_I_obs           0.34500 
_reflns_shell.pdbx_Rsym_value        ? 
_reflns_shell.meanI_over_sigI_obs    4.800 
_reflns_shell.pdbx_redundancy        6.60 
_reflns_shell.percent_possible_obs   ? 
_reflns_shell.number_unique_all      ? 
_reflns_shell.number_measured_all    ? 
_reflns_shell.number_measured_obs    ? 
_reflns_shell.number_unique_obs      ? 
_reflns_shell.pdbx_chi_squared       ? 
# 
_refine.pdbx_refine_id                           'X-RAY DIFFRACTION' 
_refine.entry_id                                 3VZG 
_refine.pdbx_diffrn_id                           1 
_refine.pdbx_TLS_residual_ADP_flag               ? 
_refine.ls_number_reflns_obs                     3660 
_refine.ls_number_reflns_all                     ? 
_refine.pdbx_ls_sigma_I                          ? 
_refine.pdbx_ls_sigma_F                          ? 
_refine.pdbx_data_cutoff_high_absF               ? 
_refine.pdbx_data_cutoff_low_absF                ? 
_refine.pdbx_data_cutoff_high_rms_absF           ? 
_refine.ls_d_res_low                             45.60 
_refine.ls_d_res_high                            2.70 
_refine.ls_percent_reflns_obs                    98.6 
_refine.ls_R_factor_obs                          0.220 
_refine.ls_R_factor_all                          ? 
_refine.ls_R_factor_R_work                       0.217 
_refine.ls_R_factor_R_free                       0.288 
_refine.ls_R_factor_R_free_error                 ? 
_refine.ls_R_factor_R_free_error_details         ? 
_refine.ls_percent_reflns_R_free                 4.400 
_refine.ls_number_reflns_R_free                  170 
_refine.ls_number_parameters                     ? 
_refine.ls_number_restraints                     ? 
_refine.occupancy_min                            ? 
_refine.occupancy_max                            ? 
_refine.correlation_coeff_Fo_to_Fc               0.916 
_refine.correlation_coeff_Fo_to_Fc_free          0.832 
_refine.B_iso_mean                               27.43 
_refine.aniso_B[1][1]                            -1.11000 
_refine.aniso_B[2][2]                            -0.90000 
_refine.aniso_B[3][3]                            2.01000 
_refine.aniso_B[1][2]                            0.00000 
_refine.aniso_B[1][3]                            0.00000 
_refine.aniso_B[2][3]                            0.00000 
_refine.solvent_model_details                    MASK 
_refine.solvent_model_param_ksol                 ? 
_refine.solvent_model_param_bsol                 ? 
_refine.pdbx_solvent_vdw_probe_radii             1.40 
_refine.pdbx_solvent_ion_probe_radii             0.80 
_refine.pdbx_solvent_shrinkage_radii             0.80 
_refine.pdbx_ls_cross_valid_method               THROUGHOUT 
_refine.details                                  'HYDROGENS HAVE BEEN ADDED IN THE RIDING POSITIONS' 
_refine.pdbx_starting_model                      3APA 
_refine.pdbx_method_to_determine_struct          'MOLECULAR REPLACEMENT' 
_refine.pdbx_isotropic_thermal_model             ? 
_refine.pdbx_stereochemistry_target_values       'MAXIMUM LIKELIHOOD' 
_refine.pdbx_stereochem_target_val_spec_case     ? 
_refine.pdbx_R_Free_selection_details            RANDOM 
_refine.pdbx_overall_ESU_R                       ? 
_refine.pdbx_overall_ESU_R_Free                  0.446 
_refine.overall_SU_ML                            0.274 
_refine.pdbx_overall_phase_error                 ? 
_refine.overall_SU_B                             13.276 
_refine.overall_SU_R_Cruickshank_DPI             ? 
_refine.pdbx_overall_SU_R_free_Cruickshank_DPI   ? 
_refine.pdbx_overall_SU_R_Blow_DPI               ? 
_refine.pdbx_overall_SU_R_free_Blow_DPI          ? 
_refine.ls_redundancy_reflns_obs                 ? 
_refine.B_iso_min                                ? 
_refine.B_iso_max                                ? 
_refine.overall_SU_R_free                        ? 
_refine.ls_wR_factor_R_free                      ? 
_refine.ls_wR_factor_R_work                      ? 
_refine.overall_FOM_free_R_set                   ? 
_refine.overall_FOM_work_R_set                   ? 
# 
_refine_hist.pdbx_refine_id                   'X-RAY DIFFRACTION' 
_refine_hist.cycle_id                         LAST 
_refine_hist.pdbx_number_atoms_protein        1084 
_refine_hist.pdbx_number_atoms_nucleic_acid   0 
_refine_hist.pdbx_number_atoms_ligand         21 
_refine_hist.number_atoms_solvent             51 
_refine_hist.number_atoms_total               1156 
_refine_hist.d_res_high                       2.70 
_refine_hist.d_res_low                        45.60 
# 
loop_
_refine_ls_restr.type 
_refine_ls_restr.dev_ideal 
_refine_ls_restr.dev_ideal_target 
_refine_ls_restr.weight 
_refine_ls_restr.number 
_refine_ls_restr.pdbx_refine_id 
_refine_ls_restr.pdbx_restraint_function 
r_bond_refined_d             0.005  0.021  ? 1131 'X-RAY DIFFRACTION' ? 
r_bond_other_d               ?      ?      ? ?    'X-RAY DIFFRACTION' ? 
r_angle_refined_deg          0.827  1.961  ? 1529 'X-RAY DIFFRACTION' ? 
r_angle_other_deg            ?      ?      ? ?    'X-RAY DIFFRACTION' ? 
r_dihedral_angle_1_deg       4.632  5.000  ? 137  'X-RAY DIFFRACTION' ? 
r_dihedral_angle_2_deg       31.411 22.000 ? 50   'X-RAY DIFFRACTION' ? 
r_dihedral_angle_3_deg       12.956 15.000 ? 179  'X-RAY DIFFRACTION' ? 
r_dihedral_angle_4_deg       14.706 15.000 ? 9    'X-RAY DIFFRACTION' ? 
r_chiral_restr               0.047  0.200  ? 162  'X-RAY DIFFRACTION' ? 
r_gen_planes_refined         0.002  0.020  ? 861  'X-RAY DIFFRACTION' ? 
r_gen_planes_other           ?      ?      ? ?    'X-RAY DIFFRACTION' ? 
r_nbd_refined                0.140  0.200  ? 441  'X-RAY DIFFRACTION' ? 
r_nbd_other                  ?      ?      ? ?    'X-RAY DIFFRACTION' ? 
r_nbtor_refined              0.296  0.200  ? 748  'X-RAY DIFFRACTION' ? 
r_nbtor_other                ?      ?      ? ?    'X-RAY DIFFRACTION' ? 
r_xyhbond_nbd_refined        0.081  0.200  ? 51   'X-RAY DIFFRACTION' ? 
r_xyhbond_nbd_other          ?      ?      ? ?    'X-RAY DIFFRACTION' ? 
r_metal_ion_refined          ?      ?      ? ?    'X-RAY DIFFRACTION' ? 
r_metal_ion_other            ?      ?      ? ?    'X-RAY DIFFRACTION' ? 
r_symmetry_vdw_refined       0.094  0.200  ? 35   'X-RAY DIFFRACTION' ? 
r_symmetry_vdw_other         ?      ?      ? ?    'X-RAY DIFFRACTION' ? 
r_symmetry_hbond_refined     0.040  0.200  ? 7    'X-RAY DIFFRACTION' ? 
r_symmetry_hbond_other       ?      ?      ? ?    'X-RAY DIFFRACTION' ? 
r_symmetry_metal_ion_refined ?      ?      ? ?    'X-RAY DIFFRACTION' ? 
r_symmetry_metal_ion_other   ?      ?      ? ?    'X-RAY DIFFRACTION' ? 
r_mcbond_it                  0.129  1.500  ? 698  'X-RAY DIFFRACTION' ? 
r_mcbond_other               ?      ?      ? ?    'X-RAY DIFFRACTION' ? 
r_mcangle_it                 0.238  2.000  ? 1085 'X-RAY DIFFRACTION' ? 
r_scbond_it                  0.221  3.000  ? 506  'X-RAY DIFFRACTION' ? 
r_scangle_it                 0.392  4.500  ? 444  'X-RAY DIFFRACTION' ? 
r_rigid_bond_restr           ?      ?      ? ?    'X-RAY DIFFRACTION' ? 
r_sphericity_free            ?      ?      ? ?    'X-RAY DIFFRACTION' ? 
r_sphericity_bonded          ?      ?      ? ?    'X-RAY DIFFRACTION' ? 
# 
_refine_ls_shell.pdbx_refine_id                   'X-RAY DIFFRACTION' 
_refine_ls_shell.pdbx_total_number_of_bins_used   20 
_refine_ls_shell.d_res_high                       2.70 
_refine_ls_shell.d_res_low                        2.77 
_refine_ls_shell.number_reflns_R_work             268 
_refine_ls_shell.R_factor_R_work                  0.2760 
_refine_ls_shell.percent_reflns_obs               97.54 
_refine_ls_shell.R_factor_R_free                  0.2110 
_refine_ls_shell.R_factor_R_free_error            ? 
_refine_ls_shell.percent_reflns_R_free            ? 
_refine_ls_shell.number_reflns_R_free             10 
_refine_ls_shell.number_reflns_all                ? 
_refine_ls_shell.R_factor_all                     ? 
_refine_ls_shell.redundancy_reflns_obs            ? 
_refine_ls_shell.number_reflns_obs                ? 
# 
_struct.entry_id                  3VZG 
_struct.title                     
'Crystal structure of human pancreatic secretory protein ZG16p with O-(alpha-D-mannosyl)-L-threonine' 
_struct.pdbx_model_details        ? 
_struct.pdbx_CASP_flag            ? 
_struct.pdbx_model_type_details   ? 
# 
_struct_keywords.entry_id        3VZG 
_struct_keywords.pdbx_keywords   'SUGAR BINDING PROTEIN' 
_struct_keywords.text            'beta-prism fold, SUGAR BINDING PROTEIN' 
# 
loop_
_struct_asym.id 
_struct_asym.pdbx_blank_PDB_chainid_flag 
_struct_asym.pdbx_modified 
_struct_asym.entity_id 
_struct_asym.details 
A N N 1 ? 
B N N 2 ? 
C N N 3 ? 
D N N 4 ? 
E N N 4 ? 
F N N 5 ? 
# 
_struct_biol.id        1 
_struct_biol.details   ? 
# 
_struct_conf.conf_type_id            HELX_P 
_struct_conf.id                      HELX_P1 
_struct_conf.pdbx_PDB_helix_id       1 
_struct_conf.beg_label_comp_id       GLY 
_struct_conf.beg_label_asym_id       A 
_struct_conf.beg_label_seq_id        24 
_struct_conf.pdbx_beg_PDB_ins_code   ? 
_struct_conf.end_label_comp_id       ASP 
_struct_conf.end_label_asym_id       A 
_struct_conf.end_label_seq_id        28 
_struct_conf.pdbx_end_PDB_ins_code   ? 
_struct_conf.beg_auth_comp_id        GLY 
_struct_conf.beg_auth_asym_id        A 
_struct_conf.beg_auth_seq_id         42 
_struct_conf.end_auth_comp_id        ASP 
_struct_conf.end_auth_asym_id        A 
_struct_conf.end_auth_seq_id         46 
_struct_conf.pdbx_PDB_helix_class    5 
_struct_conf.details                 ? 
_struct_conf.pdbx_PDB_helix_length   5 
# 
_struct_conf_type.id          HELX_P 
_struct_conf_type.criteria    ? 
_struct_conf_type.reference   ? 
# 
_struct_conn.id                            covale1 
_struct_conn.conn_type_id                  covale 
_struct_conn.pdbx_leaving_atom_flag        one 
_struct_conn.pdbx_PDB_id                   ? 
_struct_conn.ptnr1_label_asym_id           B 
_struct_conn.ptnr1_label_comp_id           THR 
_struct_conn.ptnr1_label_seq_id            . 
_struct_conn.ptnr1_label_atom_id           OG1 
_struct_conn.pdbx_ptnr1_label_alt_id       ? 
_struct_conn.pdbx_ptnr1_PDB_ins_code       ? 
_struct_conn.pdbx_ptnr1_standard_comp_id   ? 
_struct_conn.ptnr1_symmetry                1_555 
_struct_conn.ptnr2_label_asym_id           C 
_struct_conn.ptnr2_label_comp_id           MAN 
_struct_conn.ptnr2_label_seq_id            . 
_struct_conn.ptnr2_label_atom_id           C1 
_struct_conn.pdbx_ptnr2_label_alt_id       ? 
_struct_conn.pdbx_ptnr2_PDB_ins_code       ? 
_struct_conn.ptnr1_auth_asym_id            A 
_struct_conn.ptnr1_auth_comp_id            THR 
_struct_conn.ptnr1_auth_seq_id             201 
_struct_conn.ptnr2_auth_asym_id            A 
_struct_conn.ptnr2_auth_comp_id            MAN 
_struct_conn.ptnr2_auth_seq_id             202 
_struct_conn.ptnr2_symmetry                1_555 
_struct_conn.pdbx_ptnr3_label_atom_id      ? 
_struct_conn.pdbx_ptnr3_label_seq_id       ? 
_struct_conn.pdbx_ptnr3_label_comp_id      ? 
_struct_conn.pdbx_ptnr3_label_asym_id      ? 
_struct_conn.pdbx_ptnr3_label_alt_id       ? 
_struct_conn.pdbx_ptnr3_PDB_ins_code       ? 
_struct_conn.details                       ? 
_struct_conn.pdbx_dist_value               1.438 
_struct_conn.pdbx_value_order              ? 
_struct_conn.pdbx_role                     O-Glycosylation 
# 
_struct_conn_type.id          covale 
_struct_conn_type.criteria    ? 
_struct_conn_type.reference   ? 
# 
_struct_mon_prot_cis.pdbx_id                1 
_struct_mon_prot_cis.label_comp_id          GLY 
_struct_mon_prot_cis.label_seq_id           10 
_struct_mon_prot_cis.label_asym_id          A 
_struct_mon_prot_cis.label_alt_id           . 
_struct_mon_prot_cis.pdbx_PDB_ins_code      ? 
_struct_mon_prot_cis.auth_comp_id           GLY 
_struct_mon_prot_cis.auth_seq_id            28 
_struct_mon_prot_cis.auth_asym_id           A 
_struct_mon_prot_cis.pdbx_label_comp_id_2   GLU 
_struct_mon_prot_cis.pdbx_label_seq_id_2    11 
_struct_mon_prot_cis.pdbx_label_asym_id_2   A 
_struct_mon_prot_cis.pdbx_PDB_ins_code_2    ? 
_struct_mon_prot_cis.pdbx_auth_comp_id_2    GLU 
_struct_mon_prot_cis.pdbx_auth_seq_id_2     29 
_struct_mon_prot_cis.pdbx_auth_asym_id_2    A 
_struct_mon_prot_cis.pdbx_PDB_model_num     1 
_struct_mon_prot_cis.pdbx_omega_angle       0.48 
# 
loop_
_struct_sheet.id 
_struct_sheet.type 
_struct_sheet.number_strands 
_struct_sheet.details 
A ? 4 ? 
B ? 3 ? 
C ? 4 ? 
D ? 4 ? 
# 
loop_
_struct_sheet_order.sheet_id 
_struct_sheet_order.range_id_1 
_struct_sheet_order.range_id_2 
_struct_sheet_order.offset 
_struct_sheet_order.sense 
A 1 2 ? anti-parallel 
A 2 3 ? anti-parallel 
A 3 4 ? anti-parallel 
B 1 2 ? anti-parallel 
B 2 3 ? anti-parallel 
C 1 2 ? anti-parallel 
C 2 3 ? anti-parallel 
C 3 4 ? anti-parallel 
D 1 2 ? anti-parallel 
D 2 3 ? anti-parallel 
D 3 4 ? anti-parallel 
# 
loop_
_struct_sheet_range.sheet_id 
_struct_sheet_range.id 
_struct_sheet_range.beg_label_comp_id 
_struct_sheet_range.beg_label_asym_id 
_struct_sheet_range.beg_label_seq_id 
_struct_sheet_range.pdbx_beg_PDB_ins_code 
_struct_sheet_range.end_label_comp_id 
_struct_sheet_range.end_label_asym_id 
_struct_sheet_range.end_label_seq_id 
_struct_sheet_range.pdbx_end_PDB_ins_code 
_struct_sheet_range.beg_auth_comp_id 
_struct_sheet_range.beg_auth_asym_id 
_struct_sheet_range.beg_auth_seq_id 
_struct_sheet_range.end_auth_comp_id 
_struct_sheet_range.end_auth_asym_id 
_struct_sheet_range.end_auth_seq_id 
A 1 SER A 7   ? GLY A 13  ? SER A 25  GLY A 31  
A 2 ILE A 132 ? ASP A 140 ? ILE A 150 ASP A 158 
A 3 VAL A 120 ? SER A 128 ? VAL A 138 SER A 146 
A 4 LYS A 18  ? SER A 21  ? LYS A 36  SER A 39  
B 1 VAL A 53  ? TRP A 54  ? VAL A 71  TRP A 72  
B 2 ILE A 43  ? TYR A 50  ? ILE A 61  TYR A 68  
B 3 VAL A 58  ? GLY A 59  ? VAL A 76  GLY A 77  
C 1 VAL A 53  ? TRP A 54  ? VAL A 71  TRP A 72  
C 2 ILE A 43  ? TYR A 50  ? ILE A 61  TYR A 68  
C 3 ILE A 31  ? VAL A 38  ? ILE A 49  VAL A 56  
C 4 ASP A 64  ? PHE A 69  ? ASP A 82  PHE A 87  
D 1 TYR A 99  ? GLY A 103 ? TYR A 117 GLY A 121 
D 2 LEU A 87  ? THR A 94  ? LEU A 105 THR A 112 
D 3 VAL A 76  ? TYR A 83  ? VAL A 94  TYR A 101 
D 4 THR A 108 ? ALA A 112 ? THR A 126 ALA A 130 
# 
loop_
_pdbx_struct_sheet_hbond.sheet_id 
_pdbx_struct_sheet_hbond.range_id_1 
_pdbx_struct_sheet_hbond.range_id_2 
_pdbx_struct_sheet_hbond.range_1_label_atom_id 
_pdbx_struct_sheet_hbond.range_1_label_comp_id 
_pdbx_struct_sheet_hbond.range_1_label_asym_id 
_pdbx_struct_sheet_hbond.range_1_label_seq_id 
_pdbx_struct_sheet_hbond.range_1_PDB_ins_code 
_pdbx_struct_sheet_hbond.range_1_auth_atom_id 
_pdbx_struct_sheet_hbond.range_1_auth_comp_id 
_pdbx_struct_sheet_hbond.range_1_auth_asym_id 
_pdbx_struct_sheet_hbond.range_1_auth_seq_id 
_pdbx_struct_sheet_hbond.range_2_label_atom_id 
_pdbx_struct_sheet_hbond.range_2_label_comp_id 
_pdbx_struct_sheet_hbond.range_2_label_asym_id 
_pdbx_struct_sheet_hbond.range_2_label_seq_id 
_pdbx_struct_sheet_hbond.range_2_PDB_ins_code 
_pdbx_struct_sheet_hbond.range_2_auth_atom_id 
_pdbx_struct_sheet_hbond.range_2_auth_comp_id 
_pdbx_struct_sheet_hbond.range_2_auth_asym_id 
_pdbx_struct_sheet_hbond.range_2_auth_seq_id 
A 1 2 N SER A 9   ? N SER A 27  O LEU A 137 ? O LEU A 155 
A 2 3 O GLY A 136 ? O GLY A 154 N SER A 125 ? N SER A 143 
A 3 4 O SER A 128 ? O SER A 146 N LYS A 18  ? N LYS A 36  
B 1 2 O VAL A 53  ? O VAL A 71  N TYR A 50  ? N TYR A 68  
B 2 3 N LEU A 46  ? N LEU A 64  O VAL A 58  ? O VAL A 76  
C 1 2 O VAL A 53  ? O VAL A 71  N TYR A 50  ? N TYR A 68  
C 2 3 O ARG A 49  ? O ARG A 67  N THR A 32  ? N THR A 50  
C 3 4 N VAL A 36  ? N VAL A 54  O GLU A 66  ? O GLU A 84  
D 1 2 O PHE A 102 ? O PHE A 120 N LEU A 90  ? N LEU A 108 
D 2 3 O VAL A 93  ? O VAL A 111 N ILE A 77  ? N ILE A 95  
D 3 4 N VAL A 79  ? N VAL A 97  O ALA A 112 ? O ALA A 130 
# 
_atom_sites.entry_id                    3VZG 
_atom_sites.fract_transf_matrix[1][1]   -0.00033585 
_atom_sites.fract_transf_matrix[1][2]   0.01237321 
_atom_sites.fract_transf_matrix[1][3]   0.01183310 
_atom_sites.fract_transf_matrix[2][1]   -0.00645245 
_atom_sites.fract_transf_matrix[2][2]   0.00825703 
_atom_sites.fract_transf_matrix[2][3]   -0.00881705 
_atom_sites.fract_transf_matrix[3][1]   -0.02900790 
_atom_sites.fract_transf_matrix[3][2]   -0.01112528 
_atom_sites.fract_transf_matrix[3][3]   0.01080977 
_atom_sites.fract_transf_vector[1]      0.223123 
_atom_sites.fract_transf_vector[2]      0.236084 
_atom_sites.fract_transf_vector[3]      0.068063 
# 
loop_
_atom_type.symbol 
C  
CL 
N  
O  
# 
loop_
_atom_site.group_PDB 
_atom_site.id 
_atom_site.type_symbol 
_atom_site.label_atom_id 
_atom_site.label_alt_id 
_atom_site.label_comp_id 
_atom_site.label_asym_id 
_atom_site.label_entity_id 
_atom_site.label_seq_id 
_atom_site.pdbx_PDB_ins_code 
_atom_site.Cartn_x 
_atom_site.Cartn_y 
_atom_site.Cartn_z 
_atom_site.occupancy 
_atom_site.B_iso_or_equiv 
_atom_site.pdbx_formal_charge 
_atom_site.auth_seq_id 
_atom_site.auth_comp_id 
_atom_site.auth_asym_id 
_atom_site.auth_atom_id 
_atom_site.pdbx_PDB_model_num 
ATOM   1    N  N   . ARG A 1 4   ? -18.374 -3.783  -14.785 1.00 38.10 ? 22  ARG A N   1 
ATOM   2    C  CA  . ARG A 1 4   ? -17.610 -3.663  -13.510 1.00 38.08 ? 22  ARG A CA  1 
ATOM   3    C  C   . ARG A 1 4   ? -16.135 -3.379  -13.793 1.00 37.86 ? 22  ARG A C   1 
ATOM   4    O  O   . ARG A 1 4   ? -15.435 -4.205  -14.388 1.00 37.90 ? 22  ARG A O   1 
ATOM   5    C  CB  . ARG A 1 4   ? -17.761 -4.940  -12.672 1.00 38.21 ? 22  ARG A CB  1 
ATOM   6    C  CG  . ARG A 1 4   ? -17.257 -4.828  -11.231 1.00 38.76 ? 22  ARG A CG  1 
ATOM   7    C  CD  . ARG A 1 4   ? -18.329 -4.301  -10.274 1.00 39.75 ? 22  ARG A CD  1 
ATOM   8    N  NE  . ARG A 1 4   ? -19.456 -5.227  -10.123 1.00 40.38 ? 22  ARG A NE  1 
ATOM   9    C  CZ  . ARG A 1 4   ? -19.466 -6.287  -9.315  1.00 40.64 ? 22  ARG A CZ  1 
ATOM   10   N  NH1 . ARG A 1 4   ? -20.541 -7.061  -9.255  1.00 40.78 ? 22  ARG A NH1 1 
ATOM   11   N  NH2 . ARG A 1 4   ? -18.406 -6.582  -8.571  1.00 40.80 ? 22  ARG A NH2 1 
ATOM   12   N  N   . SER A 1 5   ? -15.678 -2.205  -13.366 1.00 37.55 ? 23  SER A N   1 
ATOM   13   C  CA  . SER A 1 5   ? -14.293 -1.784  -13.570 1.00 37.22 ? 23  SER A CA  1 
ATOM   14   C  C   . SER A 1 5   ? -13.432 -2.007  -12.330 1.00 36.93 ? 23  SER A C   1 
ATOM   15   O  O   . SER A 1 5   ? -12.223 -2.217  -12.438 1.00 36.93 ? 23  SER A O   1 
ATOM   16   C  CB  . SER A 1 5   ? -14.237 -0.313  -13.991 1.00 37.25 ? 23  SER A CB  1 
ATOM   17   O  OG  . SER A 1 5   ? -14.817 -0.126  -15.270 1.00 37.38 ? 23  SER A OG  1 
ATOM   18   N  N   . SER A 1 6   ? -14.062 -1.960  -11.158 1.00 36.56 ? 24  SER A N   1 
ATOM   19   C  CA  . SER A 1 6   ? -13.357 -2.099  -9.885  1.00 36.24 ? 24  SER A CA  1 
ATOM   20   C  C   . SER A 1 6   ? -12.958 -3.544  -9.588  1.00 36.01 ? 24  SER A C   1 
ATOM   21   O  O   . SER A 1 6   ? -13.678 -4.485  -9.932  1.00 36.00 ? 24  SER A O   1 
ATOM   22   C  CB  . SER A 1 6   ? -14.196 -1.533  -8.736  1.00 36.22 ? 24  SER A CB  1 
ATOM   23   O  OG  . SER A 1 6   ? -15.424 -2.227  -8.603  1.00 36.30 ? 24  SER A OG  1 
ATOM   24   N  N   . SER A 1 7   ? -11.802 -3.704  -8.949  1.00 35.68 ? 25  SER A N   1 
ATOM   25   C  CA  . SER A 1 7   ? -11.308 -5.014  -8.533  1.00 35.38 ? 25  SER A CA  1 
ATOM   26   C  C   . SER A 1 7   ? -10.488 -4.913  -7.248  1.00 35.18 ? 25  SER A C   1 
ATOM   27   O  O   . SER A 1 7   ? -10.039 -3.829  -6.870  1.00 35.09 ? 25  SER A O   1 
ATOM   28   C  CB  . SER A 1 7   ? -10.488 -5.668  -9.649  1.00 35.36 ? 25  SER A CB  1 
ATOM   29   O  OG  . SER A 1 7   ? -9.406  -4.846  -10.045 1.00 35.25 ? 25  SER A OG  1 
ATOM   30   N  N   . TYR A 1 8   ? -10.302 -6.050  -6.581  1.00 34.99 ? 26  TYR A N   1 
ATOM   31   C  CA  . TYR A 1 8   ? -9.587  -6.096  -5.308  1.00 34.80 ? 26  TYR A CA  1 
ATOM   32   C  C   . TYR A 1 8   ? -8.551  -7.216  -5.271  1.00 34.71 ? 26  TYR A C   1 
ATOM   33   O  O   . TYR A 1 8   ? -8.841  -8.360  -5.628  1.00 34.68 ? 26  TYR A O   1 
ATOM   34   C  CB  . TYR A 1 8   ? -10.579 -6.239  -4.145  1.00 34.74 ? 26  TYR A CB  1 
ATOM   35   C  CG  . TYR A 1 8   ? -9.942  -6.486  -2.793  1.00 34.68 ? 26  TYR A CG  1 
ATOM   36   C  CD1 . TYR A 1 8   ? -9.984  -7.748  -2.203  1.00 34.67 ? 26  TYR A CD1 1 
ATOM   37   C  CD2 . TYR A 1 8   ? -9.297  -5.460  -2.105  1.00 34.61 ? 26  TYR A CD2 1 
ATOM   38   C  CE1 . TYR A 1 8   ? -9.402  -7.983  -0.961  1.00 34.57 ? 26  TYR A CE1 1 
ATOM   39   C  CE2 . TYR A 1 8   ? -8.713  -5.682  -0.862  1.00 34.61 ? 26  TYR A CE2 1 
ATOM   40   C  CZ  . TYR A 1 8   ? -8.770  -6.946  -0.297  1.00 34.62 ? 26  TYR A CZ  1 
ATOM   41   O  OH  . TYR A 1 8   ? -8.192  -7.173  0.931   1.00 34.57 ? 26  TYR A OH  1 
ATOM   42   N  N   . SER A 1 9   ? -7.344  -6.868  -4.834  1.00 34.63 ? 27  SER A N   1 
ATOM   43   C  CA  . SER A 1 9   ? -6.267  -7.833  -4.649  1.00 34.55 ? 27  SER A CA  1 
ATOM   44   C  C   . SER A 1 9   ? -5.949  -7.983  -3.167  1.00 34.51 ? 27  SER A C   1 
ATOM   45   O  O   . SER A 1 9   ? -5.634  -7.001  -2.488  1.00 34.51 ? 27  SER A O   1 
ATOM   46   C  CB  . SER A 1 9   ? -5.019  -7.399  -5.418  1.00 34.54 ? 27  SER A CB  1 
ATOM   47   O  OG  . SER A 1 9   ? -5.259  -7.375  -6.814  1.00 34.57 ? 27  SER A OG  1 
ATOM   48   N  N   . GLY A 1 10  ? -6.040  -9.214  -2.671  1.00 34.48 ? 28  GLY A N   1 
ATOM   49   C  CA  . GLY A 1 10  ? -5.786  -9.508  -1.262  1.00 34.43 ? 28  GLY A CA  1 
ATOM   50   C  C   . GLY A 1 10  ? -6.721  -10.559 -0.686  1.00 34.41 ? 28  GLY A C   1 
ATOM   51   O  O   . GLY A 1 10  ? -7.421  -11.246 -1.431  1.00 34.43 ? 28  GLY A O   1 
ATOM   52   N  N   . GLU A 1 11  ? -6.744  -10.693 0.639   1.00 34.40 ? 29  GLU A N   1 
ATOM   53   C  CA  . GLU A 1 11  ? -5.931  -9.880  1.540   1.00 34.41 ? 29  GLU A CA  1 
ATOM   54   C  C   . GLU A 1 11  ? -4.586  -10.553 1.809   1.00 34.43 ? 29  GLU A C   1 
ATOM   55   O  O   . GLU A 1 11  ? -4.530  -11.744 2.121   1.00 34.46 ? 29  GLU A O   1 
ATOM   56   C  CB  . GLU A 1 11  ? -6.680  -9.637  2.852   1.00 34.35 ? 29  GLU A CB  1 
ATOM   57   C  CG  . GLU A 1 11  ? -6.147  -8.470  3.669   1.00 34.46 ? 29  GLU A CG  1 
ATOM   58   C  CD  . GLU A 1 11  ? -6.907  -8.268  4.967   1.00 34.53 ? 29  GLU A CD  1 
ATOM   59   O  OE1 . GLU A 1 11  ? -7.441  -7.156  5.172   1.00 34.80 ? 29  GLU A OE1 1 
ATOM   60   O  OE2 . GLU A 1 11  ? -6.973  -9.214  5.782   1.00 34.56 ? 29  GLU A OE2 1 
ATOM   61   N  N   . TYR A 1 12  ? -3.509  -9.781  1.682   1.00 34.42 ? 30  TYR A N   1 
ATOM   62   C  CA  . TYR A 1 12  ? -2.156  -10.303 1.857   1.00 34.42 ? 30  TYR A CA  1 
ATOM   63   C  C   . TYR A 1 12  ? -1.630  -10.050 3.269   1.00 34.49 ? 30  TYR A C   1 
ATOM   64   O  O   . TYR A 1 12  ? -1.295  -8.918  3.624   1.00 34.50 ? 30  TYR A O   1 
ATOM   65   C  CB  . TYR A 1 12  ? -1.201  -9.708  0.815   1.00 34.37 ? 30  TYR A CB  1 
ATOM   66   C  CG  . TYR A 1 12  ? -1.684  -9.825  -0.616  1.00 34.31 ? 30  TYR A CG  1 
ATOM   67   C  CD1 . TYR A 1 12  ? -1.741  -11.063 -1.256  1.00 34.17 ? 30  TYR A CD1 1 
ATOM   68   C  CD2 . TYR A 1 12  ? -2.074  -8.694  -1.333  1.00 34.15 ? 30  TYR A CD2 1 
ATOM   69   C  CE1 . TYR A 1 12  ? -2.181  -11.174 -2.571  1.00 34.20 ? 30  TYR A CE1 1 
ATOM   70   C  CE2 . TYR A 1 12  ? -2.512  -8.794  -2.650  1.00 34.14 ? 30  TYR A CE2 1 
ATOM   71   C  CZ  . TYR A 1 12  ? -2.564  -10.036 -3.261  1.00 34.24 ? 30  TYR A CZ  1 
ATOM   72   O  OH  . TYR A 1 12  ? -2.998  -10.143 -4.562  1.00 34.36 ? 30  TYR A OH  1 
ATOM   73   N  N   . GLY A 1 13  ? -1.561  -11.115 4.063   1.00 34.56 ? 31  GLY A N   1 
ATOM   74   C  CA  . GLY A 1 13  ? -1.098  -11.038 5.447   1.00 34.61 ? 31  GLY A CA  1 
ATOM   75   C  C   . GLY A 1 13  ? -1.872  -11.964 6.365   1.00 34.67 ? 31  GLY A C   1 
ATOM   76   O  O   . GLY A 1 13  ? -2.482  -12.936 5.910   1.00 34.67 ? 31  GLY A O   1 
ATOM   77   N  N   . SER A 1 14  ? -1.844  -11.665 7.662   1.00 34.73 ? 32  SER A N   1 
ATOM   78   C  CA  . SER A 1 14  ? -2.578  -12.447 8.656   1.00 34.80 ? 32  SER A CA  1 
ATOM   79   C  C   . SER A 1 14  ? -3.723  -11.644 9.273   1.00 34.80 ? 32  SER A C   1 
ATOM   80   O  O   . SER A 1 14  ? -3.898  -10.461 8.970   1.00 34.83 ? 32  SER A O   1 
ATOM   81   C  CB  . SER A 1 14  ? -1.632  -12.966 9.742   1.00 34.84 ? 32  SER A CB  1 
ATOM   82   O  OG  . SER A 1 14  ? -2.275  -13.930 10.560  1.00 35.07 ? 32  SER A OG  1 
ATOM   83   N  N   . GLY A 1 15  ? -4.500  -12.298 10.135  1.00 34.83 ? 33  GLY A N   1 
ATOM   84   C  CA  . GLY A 1 15  ? -5.690  -11.694 10.731  1.00 34.80 ? 33  GLY A CA  1 
ATOM   85   C  C   . GLY A 1 15  ? -5.470  -11.040 12.082  1.00 34.77 ? 33  GLY A C   1 
ATOM   86   O  O   . GLY A 1 15  ? -6.334  -11.111 12.959  1.00 34.82 ? 33  GLY A O   1 
ATOM   87   N  N   . GLY A 1 16  ? -4.314  -10.404 12.248  1.00 34.74 ? 34  GLY A N   1 
ATOM   88   C  CA  . GLY A 1 16  ? -4.003  -9.667  13.469  1.00 34.68 ? 34  GLY A CA  1 
ATOM   89   C  C   . GLY A 1 16  ? -4.371  -8.201  13.348  1.00 34.65 ? 34  GLY A C   1 
ATOM   90   O  O   . GLY A 1 16  ? -4.734  -7.731  12.268  1.00 34.65 ? 34  GLY A O   1 
ATOM   91   N  N   . GLY A 1 17  ? -4.280  -7.480  14.463  1.00 34.63 ? 35  GLY A N   1 
ATOM   92   C  CA  . GLY A 1 17  ? -4.561  -6.048  14.489  1.00 34.66 ? 35  GLY A CA  1 
ATOM   93   C  C   . GLY A 1 17  ? -6.014  -5.703  14.225  1.00 34.69 ? 35  GLY A C   1 
ATOM   94   O  O   . GLY A 1 17  ? -6.913  -6.500  14.505  1.00 34.73 ? 35  GLY A O   1 
ATOM   95   N  N   . LYS A 1 18  ? -6.238  -4.510  13.680  1.00 34.67 ? 36  LYS A N   1 
ATOM   96   C  CA  . LYS A 1 18  ? -7.584  -4.017  13.400  1.00 34.65 ? 36  LYS A CA  1 
ATOM   97   C  C   . LYS A 1 18  ? -7.748  -3.544  11.957  1.00 34.54 ? 36  LYS A C   1 
ATOM   98   O  O   . LYS A 1 18  ? -6.796  -3.074  11.330  1.00 34.55 ? 36  LYS A O   1 
ATOM   99   C  CB  . LYS A 1 18  ? -7.965  -2.897  14.379  1.00 34.71 ? 36  LYS A CB  1 
ATOM   100  C  CG  . LYS A 1 18  ? -8.312  -3.374  15.791  1.00 35.04 ? 36  LYS A CG  1 
ATOM   101  C  CD  . LYS A 1 18  ? -9.699  -4.015  15.854  1.00 35.54 ? 36  LYS A CD  1 
ATOM   102  C  CE  . LYS A 1 18  ? -10.000 -4.588  17.235  1.00 35.81 ? 36  LYS A CE  1 
ATOM   103  N  NZ  . LYS A 1 18  ? -9.241  -5.842  17.518  1.00 35.96 ? 36  LYS A NZ  1 
ATOM   104  N  N   . ARG A 1 19  ? -8.973  -3.676  11.454  1.00 34.42 ? 37  ARG A N   1 
ATOM   105  C  CA  . ARG A 1 19  ? -9.345  -3.316  10.087  1.00 34.26 ? 37  ARG A CA  1 
ATOM   106  C  C   . ARG A 1 19  ? -9.145  -1.826  9.811   1.00 34.01 ? 37  ARG A C   1 
ATOM   107  O  O   . ARG A 1 19  ? -9.440  -0.984  10.663  1.00 34.02 ? 37  ARG A O   1 
ATOM   108  C  CB  . ARG A 1 19  ? -10.811 -3.712  9.856   1.00 34.36 ? 37  ARG A CB  1 
ATOM   109  C  CG  . ARG A 1 19  ? -11.335 -3.620  8.424   1.00 34.94 ? 37  ARG A CG  1 
ATOM   110  C  CD  . ARG A 1 19  ? -11.929 -2.242  8.111   1.00 36.00 ? 37  ARG A CD  1 
ATOM   111  N  NE  . ARG A 1 19  ? -12.964 -2.290  7.076   1.00 36.75 ? 37  ARG A NE  1 
ATOM   112  C  CZ  . ARG A 1 19  ? -12.736 -2.458  5.774   1.00 37.30 ? 37  ARG A CZ  1 
ATOM   113  N  NH1 . ARG A 1 19  ? -11.499 -2.612  5.312   1.00 37.34 ? 37  ARG A NH1 1 
ATOM   114  N  NH2 . ARG A 1 19  ? -13.758 -2.482  4.927   1.00 37.58 ? 37  ARG A NH2 1 
ATOM   115  N  N   . PHE A 1 20  ? -8.630  -1.512  8.622   1.00 33.71 ? 38  PHE A N   1 
ATOM   116  C  CA  . PHE A 1 20  ? -8.593  -0.137  8.123   1.00 33.42 ? 38  PHE A CA  1 
ATOM   117  C  C   . PHE A 1 20  ? -8.873  -0.086  6.620   1.00 33.24 ? 38  PHE A C   1 
ATOM   118  O  O   . PHE A 1 20  ? -8.517  -1.008  5.882   1.00 33.14 ? 38  PHE A O   1 
ATOM   119  C  CB  . PHE A 1 20  ? -7.265  0.560   8.474   1.00 33.42 ? 38  PHE A CB  1 
ATOM   120  C  CG  . PHE A 1 20  ? -6.132  0.248   7.530   1.00 33.43 ? 38  PHE A CG  1 
ATOM   121  C  CD1 . PHE A 1 20  ? -5.862  1.080   6.445   1.00 33.31 ? 38  PHE A CD1 1 
ATOM   122  C  CD2 . PHE A 1 20  ? -5.324  -0.866  7.736   1.00 33.40 ? 38  PHE A CD2 1 
ATOM   123  C  CE1 . PHE A 1 20  ? -4.816  0.798   5.571   1.00 33.43 ? 38  PHE A CE1 1 
ATOM   124  C  CE2 . PHE A 1 20  ? -4.271  -1.155  6.868   1.00 33.36 ? 38  PHE A CE2 1 
ATOM   125  C  CZ  . PHE A 1 20  ? -4.018  -0.322  5.785   1.00 33.42 ? 38  PHE A CZ  1 
ATOM   126  N  N   . SER A 1 21  ? -9.519  0.990   6.179   1.00 33.09 ? 39  SER A N   1 
ATOM   127  C  CA  . SER A 1 21  ? -9.838  1.185   4.766   1.00 32.96 ? 39  SER A CA  1 
ATOM   128  C  C   . SER A 1 21  ? -9.715  2.649   4.366   1.00 32.88 ? 39  SER A C   1 
ATOM   129  O  O   . SER A 1 21  ? -10.062 3.546   5.136   1.00 32.97 ? 39  SER A O   1 
ATOM   130  C  CB  . SER A 1 21  ? -11.247 0.680   4.453   1.00 33.00 ? 39  SER A CB  1 
ATOM   131  O  OG  . SER A 1 21  ? -11.517 0.748   3.062   1.00 33.05 ? 39  SER A OG  1 
ATOM   132  N  N   . HIS A 1 22  ? -9.220  2.873   3.152   1.00 32.70 ? 40  HIS A N   1 
ATOM   133  C  CA  . HIS A 1 22  ? -9.089  4.215   2.591   1.00 32.53 ? 40  HIS A CA  1 
ATOM   134  C  C   . HIS A 1 22  ? -10.165 4.449   1.529   1.00 32.40 ? 40  HIS A C   1 
ATOM   135  O  O   . HIS A 1 22  ? -9.961  5.206   0.577   1.00 32.37 ? 40  HIS A O   1 
ATOM   136  C  CB  . HIS A 1 22  ? -7.691  4.397   1.990   1.00 32.54 ? 40  HIS A CB  1 
ATOM   137  C  CG  . HIS A 1 22  ? -6.589  4.448   3.006   1.00 32.55 ? 40  HIS A CG  1 
ATOM   138  N  ND1 . HIS A 1 22  ? -5.388  5.079   2.764   1.00 32.48 ? 40  HIS A ND1 1 
ATOM   139  C  CD2 . HIS A 1 22  ? -6.509  3.958   4.267   1.00 32.55 ? 40  HIS A CD2 1 
ATOM   140  C  CE1 . HIS A 1 22  ? -4.612  4.969   3.828   1.00 32.49 ? 40  HIS A CE1 1 
ATOM   141  N  NE2 . HIS A 1 22  ? -5.269  4.295   4.754   1.00 32.72 ? 40  HIS A NE2 1 
ATOM   142  N  N   . SER A 1 23  ? -11.313 3.799   1.717   1.00 32.27 ? 41  SER A N   1 
ATOM   143  C  CA  . SER A 1 23  ? -12.407 3.799   0.742   1.00 32.16 ? 41  SER A CA  1 
ATOM   144  C  C   . SER A 1 23  ? -13.004 5.181   0.479   1.00 32.03 ? 41  SER A C   1 
ATOM   145  O  O   . SER A 1 23  ? -13.413 5.480   -0.642  1.00 32.07 ? 41  SER A O   1 
ATOM   146  C  CB  . SER A 1 23  ? -13.504 2.822   1.175   1.00 32.20 ? 41  SER A CB  1 
ATOM   147  O  OG  . SER A 1 23  ? -14.423 2.587   0.123   1.00 32.42 ? 41  SER A OG  1 
ATOM   148  N  N   . GLY A 1 24  ? -13.058 6.014   1.516   1.00 31.83 ? 42  GLY A N   1 
ATOM   149  C  CA  . GLY A 1 24  ? -13.565 7.377   1.385   1.00 31.60 ? 42  GLY A CA  1 
ATOM   150  C  C   . GLY A 1 24  ? -12.504 8.364   0.932   1.00 31.45 ? 42  GLY A C   1 
ATOM   151  O  O   . GLY A 1 24  ? -12.827 9.446   0.436   1.00 31.51 ? 42  GLY A O   1 
ATOM   152  N  N   . ASN A 1 25  ? -11.238 7.984   1.099   1.00 31.23 ? 43  ASN A N   1 
ATOM   153  C  CA  . ASN A 1 25  ? -10.102 8.851   0.781   1.00 31.05 ? 43  ASN A CA  1 
ATOM   154  C  C   . ASN A 1 25  ? -9.913  9.134   -0.712  1.00 30.90 ? 43  ASN A C   1 
ATOM   155  O  O   . ASN A 1 25  ? -9.306  10.140  -1.083  1.00 30.86 ? 43  ASN A O   1 
ATOM   156  C  CB  . ASN A 1 25  ? -8.810  8.275   1.368   1.00 31.06 ? 43  ASN A CB  1 
ATOM   157  C  CG  . ASN A 1 25  ? -8.830  8.220   2.882   1.00 31.10 ? 43  ASN A CG  1 
ATOM   158  O  OD1 . ASN A 1 25  ? -9.605  7.471   3.480   1.00 31.17 ? 43  ASN A OD1 1 
ATOM   159  N  ND2 . ASN A 1 25  ? -7.970  9.010   3.511   1.00 31.12 ? 43  ASN A ND2 1 
ATOM   160  N  N   . GLN A 1 26  ? -10.438 8.246   -1.556  1.00 30.74 ? 44  GLN A N   1 
ATOM   161  C  CA  . GLN A 1 26  ? -10.329 8.376   -3.014  1.00 30.58 ? 44  GLN A CA  1 
ATOM   162  C  C   . GLN A 1 26  ? -11.086 9.588   -3.573  1.00 30.45 ? 44  GLN A C   1 
ATOM   163  O  O   . GLN A 1 26  ? -10.847 10.006  -4.707  1.00 30.45 ? 44  GLN A O   1 
ATOM   164  C  CB  . GLN A 1 26  ? -10.781 7.083   -3.708  1.00 30.57 ? 44  GLN A CB  1 
ATOM   165  C  CG  . GLN A 1 26  ? -12.223 6.672   -3.419  1.00 30.60 ? 44  GLN A CG  1 
ATOM   166  C  CD  . GLN A 1 26  ? -12.576 5.298   -3.966  1.00 30.66 ? 44  GLN A CD  1 
ATOM   167  O  OE1 . GLN A 1 26  ? -12.056 4.869   -4.997  1.00 30.79 ? 44  GLN A OE1 1 
ATOM   168  N  NE2 . GLN A 1 26  ? -13.477 4.604   -3.279  1.00 30.74 ? 44  GLN A NE2 1 
ATOM   169  N  N   . LEU A 1 27  ? -11.990 10.145  -2.769  1.00 30.30 ? 45  LEU A N   1 
ATOM   170  C  CA  . LEU A 1 27  ? -12.739 11.347  -3.134  1.00 30.15 ? 45  LEU A CA  1 
ATOM   171  C  C   . LEU A 1 27  ? -11.861 12.602  -3.123  1.00 30.00 ? 45  LEU A C   1 
ATOM   172  O  O   . LEU A 1 27  ? -12.124 13.554  -3.860  1.00 30.05 ? 45  LEU A O   1 
ATOM   173  C  CB  . LEU A 1 27  ? -13.943 11.537  -2.201  1.00 30.20 ? 45  LEU A CB  1 
ATOM   174  C  CG  . LEU A 1 27  ? -14.990 10.419  -2.101  1.00 30.32 ? 45  LEU A CG  1 
ATOM   175  C  CD1 . LEU A 1 27  ? -15.904 10.646  -0.902  1.00 30.44 ? 45  LEU A CD1 1 
ATOM   176  C  CD2 . LEU A 1 27  ? -15.808 10.282  -3.383  1.00 30.37 ? 45  LEU A CD2 1 
ATOM   177  N  N   . ASP A 1 28  ? -10.823 12.592  -2.287  1.00 29.77 ? 46  ASP A N   1 
ATOM   178  C  CA  . ASP A 1 28  ? -9.880  13.710  -2.179  1.00 29.61 ? 46  ASP A CA  1 
ATOM   179  C  C   . ASP A 1 28  ? -9.011  13.881  -3.429  1.00 29.33 ? 46  ASP A C   1 
ATOM   180  O  O   . ASP A 1 28  ? -8.516  14.977  -3.706  1.00 29.30 ? 46  ASP A O   1 
ATOM   181  C  CB  . ASP A 1 28  ? -8.991  13.546  -0.941  1.00 29.69 ? 46  ASP A CB  1 
ATOM   182  C  CG  . ASP A 1 28  ? -9.752  13.745  0.362   1.00 30.16 ? 46  ASP A CG  1 
ATOM   183  O  OD1 . ASP A 1 28  ? -10.546 14.709  0.462   1.00 30.56 ? 46  ASP A OD1 1 
ATOM   184  O  OD2 . ASP A 1 28  ? -9.542  12.943  1.297   1.00 30.67 ? 46  ASP A OD2 1 
ATOM   185  N  N   . GLY A 1 29  ? -8.825  12.792  -4.172  1.00 28.98 ? 47  GLY A N   1 
ATOM   186  C  CA  . GLY A 1 29  ? -8.028  12.808  -5.394  1.00 28.55 ? 47  GLY A CA  1 
ATOM   187  C  C   . GLY A 1 29  ? -7.325  11.489  -5.662  1.00 28.24 ? 47  GLY A C   1 
ATOM   188  O  O   . GLY A 1 29  ? -7.566  10.501  -4.962  1.00 28.24 ? 47  GLY A O   1 
ATOM   189  N  N   . PRO A 1 30  ? -6.455  11.459  -6.688  1.00 27.96 ? 48  PRO A N   1 
ATOM   190  C  CA  . PRO A 1 30  ? -5.649  10.272  -6.965  1.00 27.70 ? 48  PRO A CA  1 
ATOM   191  C  C   . PRO A 1 30  ? -4.453  10.182  -6.021  1.00 27.41 ? 48  PRO A C   1 
ATOM   192  O  O   . PRO A 1 30  ? -4.113  11.169  -5.361  1.00 27.43 ? 48  PRO A O   1 
ATOM   193  C  CB  . PRO A 1 30  ? -5.178  10.506  -8.401  1.00 27.70 ? 48  PRO A CB  1 
ATOM   194  C  CG  . PRO A 1 30  ? -5.093  11.985  -8.522  1.00 27.87 ? 48  PRO A CG  1 
ATOM   195  C  CD  . PRO A 1 30  ? -6.187  12.545  -7.652  1.00 27.95 ? 48  PRO A CD  1 
ATOM   196  N  N   . ILE A 1 31  ? -3.826  9.009   -5.957  1.00 27.05 ? 49  ILE A N   1 
ATOM   197  C  CA  . ILE A 1 31  ? -2.624  8.814   -5.146  1.00 26.67 ? 49  ILE A CA  1 
ATOM   198  C  C   . ILE A 1 31  ? -1.476  9.657   -5.708  1.00 26.47 ? 49  ILE A C   1 
ATOM   199  O  O   . ILE A 1 31  ? -1.101  9.513   -6.874  1.00 26.49 ? 49  ILE A O   1 
ATOM   200  C  CB  . ILE A 1 31  ? -2.226  7.317   -5.050  1.00 26.69 ? 49  ILE A CB  1 
ATOM   201  C  CG1 . ILE A 1 31  ? -3.325  6.524   -4.329  1.00 26.58 ? 49  ILE A CG1 1 
ATOM   202  C  CG2 . ILE A 1 31  ? -0.878  7.155   -4.339  1.00 26.51 ? 49  ILE A CG2 1 
ATOM   203  C  CD1 . ILE A 1 31  ? -3.271  5.023   -4.544  1.00 26.44 ? 49  ILE A CD1 1 
ATOM   204  N  N   . THR A 1 32  ? -0.939  10.543  -4.870  1.00 26.14 ? 50  THR A N   1 
ATOM   205  C  CA  . THR A 1 32  ? 0.110   11.477  -5.284  1.00 25.84 ? 50  THR A CA  1 
ATOM   206  C  C   . THR A 1 32  ? 1.439   11.244  -4.563  1.00 25.63 ? 50  THR A C   1 
ATOM   207  O  O   . THR A 1 32  ? 2.491   11.667  -5.049  1.00 25.66 ? 50  THR A O   1 
ATOM   208  C  CB  . THR A 1 32  ? -0.317  12.949  -5.082  1.00 25.86 ? 50  THR A CB  1 
ATOM   209  O  OG1 . THR A 1 32  ? -0.688  13.159  -3.714  1.00 25.97 ? 50  THR A OG1 1 
ATOM   210  C  CG2 . THR A 1 32  ? -1.489  13.306  -5.990  1.00 25.75 ? 50  THR A CG2 1 
ATOM   211  N  N   . ALA A 1 33  ? 1.385   10.585  -3.406  1.00 25.27 ? 51  ALA A N   1 
ATOM   212  C  CA  . ALA A 1 33  ? 2.582   10.282  -2.616  1.00 24.94 ? 51  ALA A CA  1 
ATOM   213  C  C   . ALA A 1 33  ? 2.381   9.072   -1.705  1.00 24.73 ? 51  ALA A C   1 
ATOM   214  O  O   . ALA A 1 33  ? 1.248   8.663   -1.437  1.00 24.77 ? 51  ALA A O   1 
ATOM   215  C  CB  . ALA A 1 33  ? 3.010   11.501  -1.801  1.00 24.93 ? 51  ALA A CB  1 
ATOM   216  N  N   . LEU A 1 34  ? 3.491   8.508   -1.231  1.00 24.38 ? 52  LEU A N   1 
ATOM   217  C  CA  . LEU A 1 34  ? 3.460   7.337   -0.357  1.00 24.10 ? 52  LEU A CA  1 
ATOM   218  C  C   . LEU A 1 34  ? 4.406   7.478   0.834   1.00 23.88 ? 52  LEU A C   1 
ATOM   219  O  O   . LEU A 1 34  ? 5.549   7.913   0.685   1.00 23.87 ? 52  LEU A O   1 
ATOM   220  C  CB  . LEU A 1 34  ? 3.797   6.065   -1.146  1.00 24.11 ? 52  LEU A CB  1 
ATOM   221  C  CG  . LEU A 1 34  ? 2.843   5.610   -2.257  1.00 24.13 ? 52  LEU A CG  1 
ATOM   222  C  CD1 . LEU A 1 34  ? 3.541   4.627   -3.181  1.00 24.15 ? 52  LEU A CD1 1 
ATOM   223  C  CD2 . LEU A 1 34  ? 1.555   5.009   -1.693  1.00 24.03 ? 52  LEU A CD2 1 
ATOM   224  N  N   . ARG A 1 35  ? 3.911   7.109   2.013   1.00 23.65 ? 53  ARG A N   1 
ATOM   225  C  CA  . ARG A 1 35  ? 4.718   7.066   3.232   1.00 23.40 ? 53  ARG A CA  1 
ATOM   226  C  C   . ARG A 1 35  ? 4.708   5.662   3.820   1.00 23.35 ? 53  ARG A C   1 
ATOM   227  O  O   . ARG A 1 35  ? 3.644   5.096   4.086   1.00 23.34 ? 53  ARG A O   1 
ATOM   228  C  CB  . ARG A 1 35  ? 4.201   8.060   4.271   1.00 23.32 ? 53  ARG A CB  1 
ATOM   229  C  CG  . ARG A 1 35  ? 4.812   9.441   4.198   1.00 22.85 ? 53  ARG A CG  1 
ATOM   230  C  CD  . ARG A 1 35  ? 4.159   10.345  5.227   1.00 22.32 ? 53  ARG A CD  1 
ATOM   231  N  NE  . ARG A 1 35  ? 4.539   11.745  5.071   1.00 21.76 ? 53  ARG A NE  1 
ATOM   232  C  CZ  . ARG A 1 35  ? 3.901   12.764  5.638   1.00 21.40 ? 53  ARG A CZ  1 
ATOM   233  N  NH1 . ARG A 1 35  ? 2.837   12.553  6.403   1.00 21.27 ? 53  ARG A NH1 1 
ATOM   234  N  NH2 . ARG A 1 35  ? 4.326   14.003  5.435   1.00 21.33 ? 53  ARG A NH2 1 
ATOM   235  N  N   . VAL A 1 36  ? 5.898   5.106   4.017   1.00 23.31 ? 54  VAL A N   1 
ATOM   236  C  CA  . VAL A 1 36  ? 6.047   3.764   4.571   1.00 23.28 ? 54  VAL A CA  1 
ATOM   237  C  C   . VAL A 1 36  ? 7.075   3.788   5.697   1.00 23.22 ? 54  VAL A C   1 
ATOM   238  O  O   . VAL A 1 36  ? 8.222   4.186   5.486   1.00 23.28 ? 54  VAL A O   1 
ATOM   239  C  CB  . VAL A 1 36  ? 6.479   2.732   3.485   1.00 23.31 ? 54  VAL A CB  1 
ATOM   240  C  CG1 . VAL A 1 36  ? 6.542   1.326   4.064   1.00 23.26 ? 54  VAL A CG1 1 
ATOM   241  C  CG2 . VAL A 1 36  ? 5.535   2.763   2.283   1.00 23.23 ? 54  VAL A CG2 1 
ATOM   242  N  N   . ARG A 1 37  ? 6.656   3.381   6.893   1.00 23.16 ? 55  ARG A N   1 
ATOM   243  C  CA  . ARG A 1 37  ? 7.586   3.223   8.010   1.00 23.15 ? 55  ARG A CA  1 
ATOM   244  C  C   . ARG A 1 37  ? 8.060   1.775   8.087   1.00 23.25 ? 55  ARG A C   1 
ATOM   245  O  O   . ARG A 1 37  ? 7.249   0.848   8.103   1.00 23.22 ? 55  ARG A O   1 
ATOM   246  C  CB  . ARG A 1 37  ? 6.955   3.661   9.335   1.00 23.10 ? 55  ARG A CB  1 
ATOM   247  C  CG  . ARG A 1 37  ? 7.985   3.937   10.425  1.00 23.02 ? 55  ARG A CG  1 
ATOM   248  C  CD  . ARG A 1 37  ? 7.359   4.284   11.771  1.00 23.06 ? 55  ARG A CD  1 
ATOM   249  N  NE  . ARG A 1 37  ? 6.640   5.558   11.754  1.00 23.12 ? 55  ARG A NE  1 
ATOM   250  C  CZ  . ARG A 1 37  ? 7.205   6.756   11.895  1.00 23.06 ? 55  ARG A CZ  1 
ATOM   251  N  NH1 . ARG A 1 37  ? 8.518   6.873   12.060  1.00 23.15 ? 55  ARG A NH1 1 
ATOM   252  N  NH2 . ARG A 1 37  ? 6.453   7.845   11.864  1.00 23.08 ? 55  ARG A NH2 1 
ATOM   253  N  N   . VAL A 1 38  ? 9.377   1.590   8.126   1.00 23.40 ? 56  VAL A N   1 
ATOM   254  C  CA  . VAL A 1 38  ? 9.976   0.253   8.102   1.00 23.55 ? 56  VAL A CA  1 
ATOM   255  C  C   . VAL A 1 38  ? 11.148  0.123   9.082   1.00 23.63 ? 56  VAL A C   1 
ATOM   256  O  O   . VAL A 1 38  ? 12.045  0.971   9.107   1.00 23.65 ? 56  VAL A O   1 
ATOM   257  C  CB  . VAL A 1 38  ? 10.392  -0.160  6.654   1.00 23.49 ? 56  VAL A CB  1 
ATOM   258  C  CG1 . VAL A 1 38  ? 11.048  0.996   5.916   1.00 23.54 ? 56  VAL A CG1 1 
ATOM   259  C  CG2 . VAL A 1 38  ? 11.298  -1.390  6.660   1.00 23.61 ? 56  VAL A CG2 1 
ATOM   260  N  N   . ASN A 1 39  ? 11.117  -0.934  9.895   1.00 23.70 ? 57  ASN A N   1 
ATOM   261  C  CA  . ASN A 1 39  ? 12.215  -1.244  10.812  1.00 23.79 ? 57  ASN A CA  1 
ATOM   262  C  C   . ASN A 1 39  ? 13.161  -2.311  10.247  1.00 23.85 ? 57  ASN A C   1 
ATOM   263  O  O   . ASN A 1 39  ? 13.438  -2.324  9.046   1.00 23.94 ? 57  ASN A O   1 
ATOM   264  C  CB  . ASN A 1 39  ? 11.693  -1.611  12.216  1.00 23.81 ? 57  ASN A CB  1 
ATOM   265  C  CG  . ASN A 1 39  ? 10.748  -2.811  12.215  1.00 23.92 ? 57  ASN A CG  1 
ATOM   266  O  OD1 . ASN A 1 39  ? 10.943  -3.782  11.482  1.00 24.16 ? 57  ASN A OD1 1 
ATOM   267  N  ND2 . ASN A 1 39  ? 9.729   -2.752  13.063  1.00 23.97 ? 57  ASN A ND2 1 
ATOM   268  N  N   . THR A 1 40  ? 13.648  -3.197  11.113  1.00 23.86 ? 58  THR A N   1 
ATOM   269  C  CA  . THR A 1 40  ? 14.606  -4.232  10.730  1.00 23.86 ? 58  THR A CA  1 
ATOM   270  C  C   . THR A 1 40  ? 13.983  -5.318  9.848   1.00 23.81 ? 58  THR A C   1 
ATOM   271  O  O   . THR A 1 40  ? 14.597  -5.750  8.873   1.00 23.84 ? 58  THR A O   1 
ATOM   272  C  CB  . THR A 1 40  ? 15.255  -4.887  11.975  1.00 23.91 ? 58  THR A CB  1 
ATOM   273  O  OG1 . THR A 1 40  ? 15.583  -3.876  12.936  1.00 24.15 ? 58  THR A OG1 1 
ATOM   274  C  CG2 . THR A 1 40  ? 16.519  -5.654  11.596  1.00 23.91 ? 58  THR A CG2 1 
ATOM   275  N  N   . TYR A 1 41  ? 12.769  -5.750  10.186  1.00 23.75 ? 59  TYR A N   1 
ATOM   276  C  CA  . TYR A 1 41  ? 12.144  -6.889  9.513   1.00 23.63 ? 59  TYR A CA  1 
ATOM   277  C  C   . TYR A 1 41  ? 10.793  -6.596  8.863   1.00 23.56 ? 59  TYR A C   1 
ATOM   278  O  O   . TYR A 1 41  ? 10.506  -7.101  7.776   1.00 23.69 ? 59  TYR A O   1 
ATOM   279  C  CB  . TYR A 1 41  ? 12.011  -8.074  10.478  1.00 23.72 ? 59  TYR A CB  1 
ATOM   280  C  CG  . TYR A 1 41  ? 13.326  -8.560  11.054  1.00 23.85 ? 59  TYR A CG  1 
ATOM   281  C  CD1 . TYR A 1 41  ? 14.287  -9.164  10.241  1.00 23.93 ? 59  TYR A CD1 1 
ATOM   282  C  CD2 . TYR A 1 41  ? 13.604  -8.427  12.414  1.00 23.99 ? 59  TYR A CD2 1 
ATOM   283  C  CE1 . TYR A 1 41  ? 15.493  -9.612  10.764  1.00 23.94 ? 59  TYR A CE1 1 
ATOM   284  C  CE2 . TYR A 1 41  ? 14.808  -8.877  12.949  1.00 24.03 ? 59  TYR A CE2 1 
ATOM   285  C  CZ  . TYR A 1 41  ? 15.747  -9.468  12.118  1.00 24.02 ? 59  TYR A CZ  1 
ATOM   286  O  OH  . TYR A 1 41  ? 16.941  -9.913  12.640  1.00 23.87 ? 59  TYR A OH  1 
ATOM   287  N  N   . TYR A 1 42  ? 9.966   -5.783  9.520   1.00 23.38 ? 60  TYR A N   1 
ATOM   288  C  CA  . TYR A 1 42  ? 8.588   -5.568  9.069   1.00 23.22 ? 60  TYR A CA  1 
ATOM   289  C  C   . TYR A 1 42  ? 8.323   -4.172  8.509   1.00 23.02 ? 60  TYR A C   1 
ATOM   290  O  O   . TYR A 1 42  ? 9.161   -3.273  8.614   1.00 23.04 ? 60  TYR A O   1 
ATOM   291  C  CB  . TYR A 1 42  ? 7.601   -5.845  10.209  1.00 23.32 ? 60  TYR A CB  1 
ATOM   292  C  CG  . TYR A 1 42  ? 7.892   -7.095  11.006  1.00 23.40 ? 60  TYR A CG  1 
ATOM   293  C  CD1 . TYR A 1 42  ? 7.659   -8.360  10.469  1.00 23.34 ? 60  TYR A CD1 1 
ATOM   294  C  CD2 . TYR A 1 42  ? 8.392   -7.011  12.304  1.00 23.37 ? 60  TYR A CD2 1 
ATOM   295  C  CE1 . TYR A 1 42  ? 7.925   -9.510  11.201  1.00 23.55 ? 60  TYR A CE1 1 
ATOM   296  C  CE2 . TYR A 1 42  ? 8.658   -8.154  13.047  1.00 23.54 ? 60  TYR A CE2 1 
ATOM   297  C  CZ  . TYR A 1 42  ? 8.423   -9.400  12.489  1.00 23.57 ? 60  TYR A CZ  1 
ATOM   298  O  OH  . TYR A 1 42  ? 8.686   -10.534 13.221  1.00 23.68 ? 60  TYR A OH  1 
ATOM   299  N  N   . ILE A 1 43  ? 7.149   -4.014  7.902   1.00 22.76 ? 61  ILE A N   1 
ATOM   300  C  CA  . ILE A 1 43  ? 6.615   -2.700  7.568   1.00 22.53 ? 61  ILE A CA  1 
ATOM   301  C  C   . ILE A 1 43  ? 5.746   -2.245  8.739   1.00 22.34 ? 61  ILE A C   1 
ATOM   302  O  O   . ILE A 1 43  ? 4.731   -2.869  9.060   1.00 22.30 ? 61  ILE A O   1 
ATOM   303  C  CB  . ILE A 1 43  ? 5.836   -2.706  6.227   1.00 22.50 ? 61  ILE A CB  1 
ATOM   304  C  CG1 . ILE A 1 43  ? 6.819   -2.841  5.057   1.00 22.54 ? 61  ILE A CG1 1 
ATOM   305  C  CG2 . ILE A 1 43  ? 4.999   -1.433  6.075   1.00 22.43 ? 61  ILE A CG2 1 
ATOM   306  C  CD1 . ILE A 1 43  ? 6.172   -3.024  3.702   1.00 22.59 ? 61  ILE A CD1 1 
ATOM   307  N  N   . VAL A 1 44  ? 6.177   -1.163  9.381   1.00 22.14 ? 62  VAL A N   1 
ATOM   308  C  CA  . VAL A 1 44  ? 5.573   -0.676  10.619  1.00 21.95 ? 62  VAL A CA  1 
ATOM   309  C  C   . VAL A 1 44  ? 4.282   0.094   10.345  1.00 21.86 ? 62  VAL A C   1 
ATOM   310  O  O   . VAL A 1 44  ? 3.235   -0.221  10.909  1.00 21.86 ? 62  VAL A O   1 
ATOM   311  C  CB  . VAL A 1 44  ? 6.560   0.223   11.412  1.00 21.92 ? 62  VAL A CB  1 
ATOM   312  C  CG1 . VAL A 1 44  ? 6.100   0.394   12.852  1.00 21.86 ? 62  VAL A CG1 1 
ATOM   313  C  CG2 . VAL A 1 44  ? 7.964   -0.358  11.373  1.00 21.93 ? 62  VAL A CG2 1 
ATOM   314  N  N   . GLY A 1 45  ? 4.361   1.098   9.476   1.00 21.77 ? 63  GLY A N   1 
ATOM   315  C  CA  . GLY A 1 45  ? 3.218   1.961   9.210   1.00 21.75 ? 63  GLY A CA  1 
ATOM   316  C  C   . GLY A 1 45  ? 3.045   2.371   7.764   1.00 21.70 ? 63  GLY A C   1 
ATOM   317  O  O   . GLY A 1 45  ? 3.994   2.334   6.974   1.00 21.71 ? 63  GLY A O   1 
ATOM   318  N  N   . LEU A 1 46  ? 1.821   2.768   7.427   1.00 21.61 ? 64  LEU A N   1 
ATOM   319  C  CA  . LEU A 1 46  ? 1.480   3.225   6.085   1.00 21.54 ? 64  LEU A CA  1 
ATOM   320  C  C   . LEU A 1 46  ? 0.696   4.530   6.122   1.00 21.48 ? 64  LEU A C   1 
ATOM   321  O  O   . LEU A 1 46  ? -0.100  4.769   7.033   1.00 21.42 ? 64  LEU A O   1 
ATOM   322  C  CB  . LEU A 1 46  ? 0.667   2.161   5.342   1.00 21.55 ? 64  LEU A CB  1 
ATOM   323  C  CG  . LEU A 1 46  ? 1.395   0.933   4.793   1.00 21.66 ? 64  LEU A CG  1 
ATOM   324  C  CD1 . LEU A 1 46  ? 0.396   -0.156  4.448   1.00 21.58 ? 64  LEU A CD1 1 
ATOM   325  C  CD2 . LEU A 1 46  ? 2.248   1.288   3.578   1.00 21.84 ? 64  LEU A CD2 1 
ATOM   326  N  N   . GLN A 1 47  ? 0.934   5.369   5.117   1.00 21.46 ? 65  GLN A N   1 
ATOM   327  C  CA  . GLN A 1 47  ? 0.200   6.616   4.936   1.00 21.45 ? 65  GLN A CA  1 
ATOM   328  C  C   . GLN A 1 47  ? 0.223   6.978   3.455   1.00 21.45 ? 65  GLN A C   1 
ATOM   329  O  O   . GLN A 1 47  ? 1.292   7.061   2.846   1.00 21.47 ? 65  GLN A O   1 
ATOM   330  C  CB  . GLN A 1 47  ? 0.821   7.729   5.782   1.00 21.44 ? 65  GLN A CB  1 
ATOM   331  C  CG  . GLN A 1 47  ? -0.103  8.906   6.053   1.00 21.45 ? 65  GLN A CG  1 
ATOM   332  C  CD  . GLN A 1 47  ? 0.451   9.874   7.088   1.00 21.46 ? 65  GLN A CD  1 
ATOM   333  O  OE1 . GLN A 1 47  ? 1.639   9.846   7.419   1.00 21.60 ? 65  GLN A OE1 1 
ATOM   334  N  NE2 . GLN A 1 47  ? -0.412  10.740  7.605   1.00 21.38 ? 65  GLN A NE2 1 
ATOM   335  N  N   . VAL A 1 48  ? -0.959  7.170   2.876   1.00 21.48 ? 66  VAL A N   1 
ATOM   336  C  CA  . VAL A 1 48  ? -1.081  7.453   1.444   1.00 21.57 ? 66  VAL A CA  1 
ATOM   337  C  C   . VAL A 1 48  ? -1.704  8.832   1.204   1.00 21.69 ? 66  VAL A C   1 
ATOM   338  O  O   . VAL A 1 48  ? -2.717  9.181   1.816   1.00 21.73 ? 66  VAL A O   1 
ATOM   339  C  CB  . VAL A 1 48  ? -1.888  6.347   0.704   1.00 21.52 ? 66  VAL A CB  1 
ATOM   340  C  CG1 . VAL A 1 48  ? -1.947  6.619   -0.790  1.00 21.51 ? 66  VAL A CG1 1 
ATOM   341  C  CG2 . VAL A 1 48  ? -1.282  4.969   0.958   1.00 21.45 ? 66  VAL A CG2 1 
ATOM   342  N  N   . ARG A 1 49  ? -1.085  9.608   0.319   1.00 21.83 ? 67  ARG A N   1 
ATOM   343  C  CA  . ARG A 1 49  ? -1.560  10.950  -0.014  1.00 21.98 ? 67  ARG A CA  1 
ATOM   344  C  C   . ARG A 1 49  ? -2.522  10.899  -1.199  1.00 22.13 ? 67  ARG A C   1 
ATOM   345  O  O   . ARG A 1 49  ? -2.135  10.538  -2.311  1.00 22.14 ? 67  ARG A O   1 
ATOM   346  C  CB  . ARG A 1 49  ? -0.375  11.870  -0.324  1.00 21.91 ? 67  ARG A CB  1 
ATOM   347  C  CG  . ARG A 1 49  ? -0.683  13.362  -0.328  1.00 21.70 ? 67  ARG A CG  1 
ATOM   348  C  CD  . ARG A 1 49  ? 0.602   14.154  -0.525  1.00 21.44 ? 67  ARG A CD  1 
ATOM   349  N  NE  . ARG A 1 49  ? 0.390   15.599  -0.590  1.00 21.25 ? 67  ARG A NE  1 
ATOM   350  C  CZ  . ARG A 1 49  ? 0.390   16.317  -1.712  1.00 20.97 ? 67  ARG A CZ  1 
ATOM   351  N  NH1 . ARG A 1 49  ? 0.588   15.737  -2.891  1.00 20.54 ? 67  ARG A NH1 1 
ATOM   352  N  NH2 . ARG A 1 49  ? 0.194   17.625  -1.654  1.00 20.90 ? 67  ARG A NH2 1 
ATOM   353  N  N   . TYR A 1 50  ? -3.778  11.258  -0.944  1.00 22.35 ? 68  TYR A N   1 
ATOM   354  C  CA  . TYR A 1 50  ? -4.804  11.304  -1.981  1.00 22.56 ? 68  TYR A CA  1 
ATOM   355  C  C   . TYR A 1 50  ? -5.070  12.755  -2.360  1.00 22.83 ? 68  TYR A C   1 
ATOM   356  O  O   . TYR A 1 50  ? -5.607  13.531  -1.562  1.00 22.86 ? 68  TYR A O   1 
ATOM   357  C  CB  . TYR A 1 50  ? -6.087  10.614  -1.509  1.00 22.42 ? 68  TYR A CB  1 
ATOM   358  C  CG  . TYR A 1 50  ? -5.890  9.162   -1.131  1.00 22.33 ? 68  TYR A CG  1 
ATOM   359  C  CD1 . TYR A 1 50  ? -6.100  8.145   -2.061  1.00 22.12 ? 68  TYR A CD1 1 
ATOM   360  C  CD2 . TYR A 1 50  ? -5.490  8.805   0.157   1.00 22.20 ? 68  TYR A CD2 1 
ATOM   361  C  CE1 . TYR A 1 50  ? -5.916  6.810   -1.719  1.00 22.14 ? 68  TYR A CE1 1 
ATOM   362  C  CE2 . TYR A 1 50  ? -5.305  7.476   0.507   1.00 22.26 ? 68  TYR A CE2 1 
ATOM   363  C  CZ  . TYR A 1 50  ? -5.520  6.482   -0.436  1.00 22.28 ? 68  TYR A CZ  1 
ATOM   364  O  OH  . TYR A 1 50  ? -5.335  5.161   -0.093  1.00 22.21 ? 68  TYR A OH  1 
ATOM   365  N  N   . GLY A 1 51  ? -4.682  13.113  -3.582  1.00 23.12 ? 69  GLY A N   1 
ATOM   366  C  CA  . GLY A 1 51  ? -4.696  14.502  -4.020  1.00 23.52 ? 69  GLY A CA  1 
ATOM   367  C  C   . GLY A 1 51  ? -3.693  15.293  -3.201  1.00 23.84 ? 69  GLY A C   1 
ATOM   368  O  O   . GLY A 1 51  ? -2.504  14.968  -3.180  1.00 23.86 ? 69  GLY A O   1 
ATOM   369  N  N   . LYS A 1 52  ? -4.182  16.315  -2.506  1.00 24.14 ? 70  LYS A N   1 
ATOM   370  C  CA  . LYS A 1 52  ? -3.337  17.147  -1.651  1.00 24.44 ? 70  LYS A CA  1 
ATOM   371  C  C   . LYS A 1 52  ? -3.437  16.751  -0.173  1.00 24.55 ? 70  LYS A C   1 
ATOM   372  O  O   . LYS A 1 52  ? -2.748  17.323  0.677   1.00 24.65 ? 70  LYS A O   1 
ATOM   373  C  CB  . LYS A 1 52  ? -3.691  18.628  -1.841  1.00 24.50 ? 70  LYS A CB  1 
ATOM   374  C  CG  . LYS A 1 52  ? -3.167  19.241  -3.140  1.00 24.87 ? 70  LYS A CG  1 
ATOM   375  C  CD  . LYS A 1 52  ? -1.800  19.894  -2.940  1.00 25.42 ? 70  LYS A CD  1 
ATOM   376  C  CE  . LYS A 1 52  ? -1.001  19.963  -4.238  1.00 25.78 ? 70  LYS A CE  1 
ATOM   377  N  NZ  . LYS A 1 52  ? -0.500  18.623  -4.679  1.00 25.70 ? 70  LYS A NZ  1 
ATOM   378  N  N   . VAL A 1 53  ? -4.281  15.763  0.121   1.00 24.67 ? 71  VAL A N   1 
ATOM   379  C  CA  . VAL A 1 53  ? -4.583  15.370  1.499   1.00 24.78 ? 71  VAL A CA  1 
ATOM   380  C  C   . VAL A 1 53  ? -3.945  14.030  1.875   1.00 24.86 ? 71  VAL A C   1 
ATOM   381  O  O   . VAL A 1 53  ? -4.145  13.023  1.189   1.00 24.86 ? 71  VAL A O   1 
ATOM   382  C  CB  . VAL A 1 53  ? -6.117  15.289  1.748   1.00 24.82 ? 71  VAL A CB  1 
ATOM   383  C  CG1 . VAL A 1 53  ? -6.420  15.148  3.237   1.00 24.78 ? 71  VAL A CG1 1 
ATOM   384  C  CG2 . VAL A 1 53  ? -6.833  16.514  1.175   1.00 24.78 ? 71  VAL A CG2 1 
ATOM   385  N  N   . TRP A 1 54  ? -3.180  14.029  2.965   1.00 24.93 ? 72  TRP A N   1 
ATOM   386  C  CA  . TRP A 1 54  ? -2.628  12.797  3.529   1.00 25.01 ? 72  TRP A CA  1 
ATOM   387  C  C   . TRP A 1 54  ? -3.684  12.059  4.343   1.00 25.21 ? 72  TRP A C   1 
ATOM   388  O  O   . TRP A 1 54  ? -4.469  12.680  5.068   1.00 25.26 ? 72  TRP A O   1 
ATOM   389  C  CB  . TRP A 1 54  ? -1.426  13.094  4.429   1.00 24.84 ? 72  TRP A CB  1 
ATOM   390  C  CG  . TRP A 1 54  ? -0.136  13.330  3.707   1.00 24.64 ? 72  TRP A CG  1 
ATOM   391  C  CD1 . TRP A 1 54  ? 0.479   14.531  3.499   1.00 24.53 ? 72  TRP A CD1 1 
ATOM   392  C  CD2 . TRP A 1 54  ? 0.712   12.338  3.114   1.00 24.54 ? 72  TRP A CD2 1 
ATOM   393  N  NE1 . TRP A 1 54  ? 1.654   14.351  2.808   1.00 24.41 ? 72  TRP A NE1 1 
ATOM   394  C  CE2 . TRP A 1 54  ? 1.821   13.014  2.559   1.00 24.38 ? 72  TRP A CE2 1 
ATOM   395  C  CE3 . TRP A 1 54  ? 0.641   10.942  2.996   1.00 24.52 ? 72  TRP A CE3 1 
ATOM   396  C  CZ2 . TRP A 1 54  ? 2.850   12.344  1.891   1.00 24.50 ? 72  TRP A CZ2 1 
ATOM   397  C  CZ3 . TRP A 1 54  ? 1.665   10.277  2.332   1.00 24.59 ? 72  TRP A CZ3 1 
ATOM   398  C  CH2 . TRP A 1 54  ? 2.755   10.981  1.787   1.00 24.60 ? 72  TRP A CH2 1 
ATOM   399  N  N   . SER A 1 55  ? -3.693  10.734  4.230   1.00 25.46 ? 73  SER A N   1 
ATOM   400  C  CA  . SER A 1 55  ? -4.600  9.892   5.008   1.00 25.74 ? 73  SER A CA  1 
ATOM   401  C  C   . SER A 1 55  ? -4.152  9.819   6.467   1.00 25.92 ? 73  SER A C   1 
ATOM   402  O  O   . SER A 1 55  ? -3.033  10.210  6.798   1.00 25.95 ? 73  SER A O   1 
ATOM   403  C  CB  . SER A 1 55  ? -4.673  8.487   4.410   1.00 25.67 ? 73  SER A CB  1 
ATOM   404  O  OG  . SER A 1 55  ? -3.404  7.859   4.423   1.00 25.78 ? 73  SER A OG  1 
ATOM   405  N  N   . ASP A 1 56  ? -5.034  9.328   7.336   1.00 26.19 ? 74  ASP A N   1 
ATOM   406  C  CA  . ASP A 1 56  ? -4.681  9.120   8.736   1.00 26.44 ? 74  ASP A CA  1 
ATOM   407  C  C   . ASP A 1 56  ? -3.683  7.971   8.836   1.00 26.46 ? 74  ASP A C   1 
ATOM   408  O  O   . ASP A 1 56  ? -3.846  6.937   8.182   1.00 26.50 ? 74  ASP A O   1 
ATOM   409  C  CB  . ASP A 1 56  ? -5.923  8.839   9.587   1.00 26.54 ? 74  ASP A CB  1 
ATOM   410  C  CG  . ASP A 1 56  ? -5.663  9.009   11.082  1.00 27.07 ? 74  ASP A CG  1 
ATOM   411  O  OD1 . ASP A 1 56  ? -4.654  9.650   11.458  1.00 27.48 ? 74  ASP A OD1 1 
ATOM   412  O  OD2 . ASP A 1 56  ? -6.477  8.506   11.888  1.00 27.65 ? 74  ASP A OD2 1 
ATOM   413  N  N   . TYR A 1 57  ? -2.644  8.172   9.642   1.00 26.52 ? 75  TYR A N   1 
ATOM   414  C  CA  . TYR A 1 57  ? -1.565  7.199   9.781   1.00 26.54 ? 75  TYR A CA  1 
ATOM   415  C  C   . TYR A 1 57  ? -2.047  5.918   10.455  1.00 26.56 ? 75  TYR A C   1 
ATOM   416  O  O   . TYR A 1 57  ? -2.693  5.961   11.504  1.00 26.63 ? 75  TYR A O   1 
ATOM   417  C  CB  . TYR A 1 57  ? -0.394  7.810   10.557  1.00 26.51 ? 75  TYR A CB  1 
ATOM   418  C  CG  . TYR A 1 57  ? 0.802   6.896   10.718  1.00 26.51 ? 75  TYR A CG  1 
ATOM   419  C  CD1 . TYR A 1 57  ? 1.831   6.891   9.777   1.00 26.50 ? 75  TYR A CD1 1 
ATOM   420  C  CD2 . TYR A 1 57  ? 0.909   6.043   11.818  1.00 26.41 ? 75  TYR A CD2 1 
ATOM   421  C  CE1 . TYR A 1 57  ? 2.933   6.054   9.923   1.00 26.55 ? 75  TYR A CE1 1 
ATOM   422  C  CE2 . TYR A 1 57  ? 2.004   5.204   11.972  1.00 26.38 ? 75  TYR A CE2 1 
ATOM   423  C  CZ  . TYR A 1 57  ? 3.012   5.214   11.024  1.00 26.52 ? 75  TYR A CZ  1 
ATOM   424  O  OH  . TYR A 1 57  ? 4.098   4.386   11.177  1.00 26.50 ? 75  TYR A OH  1 
ATOM   425  N  N   . VAL A 1 58  ? -1.730  4.786   9.836   1.00 26.65 ? 76  VAL A N   1 
ATOM   426  C  CA  . VAL A 1 58  ? -2.051  3.473   10.392  1.00 26.75 ? 76  VAL A CA  1 
ATOM   427  C  C   . VAL A 1 58  ? -0.780  2.660   10.636  1.00 26.81 ? 76  VAL A C   1 
ATOM   428  O  O   . VAL A 1 58  ? 0.094   2.584   9.771   1.00 26.86 ? 76  VAL A O   1 
ATOM   429  C  CB  . VAL A 1 58  ? -3.054  2.677   9.504   1.00 26.75 ? 76  VAL A CB  1 
ATOM   430  C  CG1 . VAL A 1 58  ? -4.478  3.174   9.731   1.00 26.64 ? 76  VAL A CG1 1 
ATOM   431  C  CG2 . VAL A 1 58  ? -2.676  2.754   8.021   1.00 26.63 ? 76  VAL A CG2 1 
ATOM   432  N  N   . GLY A 1 59  ? -0.684  2.065   11.824  1.00 26.85 ? 77  GLY A N   1 
ATOM   433  C  CA  . GLY A 1 59  ? 0.491   1.289   12.211  1.00 26.99 ? 77  GLY A CA  1 
ATOM   434  C  C   . GLY A 1 59  ? 1.170   1.837   13.451  1.00 27.13 ? 77  GLY A C   1 
ATOM   435  O  O   . GLY A 1 59  ? 0.619   2.697   14.141  1.00 27.13 ? 77  GLY A O   1 
ATOM   436  N  N   . GLY A 1 60  ? 2.373   1.340   13.728  1.00 27.30 ? 78  GLY A N   1 
ATOM   437  C  CA  . GLY A 1 60  ? 3.121   1.730   14.922  1.00 27.55 ? 78  GLY A CA  1 
ATOM   438  C  C   . GLY A 1 60  ? 4.164   2.807   14.689  1.00 27.77 ? 78  GLY A C   1 
ATOM   439  O  O   . GLY A 1 60  ? 4.243   3.388   13.605  1.00 27.75 ? 78  GLY A O   1 
ATOM   440  N  N   . ARG A 1 61  ? 4.971   3.063   15.716  1.00 28.00 ? 79  ARG A N   1 
ATOM   441  C  CA  . ARG A 1 61  ? 5.967   4.134   15.678  1.00 28.27 ? 79  ARG A CA  1 
ATOM   442  C  C   . ARG A 1 61  ? 7.407   3.623   15.624  1.00 28.30 ? 79  ARG A C   1 
ATOM   443  O  O   . ARG A 1 61  ? 8.334   4.393   15.366  1.00 28.31 ? 79  ARG A O   1 
ATOM   444  C  CB  . ARG A 1 61  ? 5.785   5.076   16.875  1.00 28.37 ? 79  ARG A CB  1 
ATOM   445  C  CG  . ARG A 1 61  ? 4.524   5.925   16.810  1.00 28.88 ? 79  ARG A CG  1 
ATOM   446  C  CD  . ARG A 1 61  ? 4.521   7.017   17.870  1.00 29.85 ? 79  ARG A CD  1 
ATOM   447  N  NE  . ARG A 1 61  ? 4.122   6.527   19.191  1.00 30.47 ? 79  ARG A NE  1 
ATOM   448  C  CZ  . ARG A 1 61  ? 4.909   6.507   20.267  1.00 30.86 ? 79  ARG A CZ  1 
ATOM   449  N  NH1 . ARG A 1 61  ? 6.158   6.957   20.203  1.00 31.01 ? 79  ARG A NH1 1 
ATOM   450  N  NH2 . ARG A 1 61  ? 4.441   6.041   21.417  1.00 30.93 ? 79  ARG A NH2 1 
ATOM   451  N  N   . ASN A 1 62  ? 7.585   2.325   15.859  1.00 28.37 ? 80  ASN A N   1 
ATOM   452  C  CA  . ASN A 1 62  ? 8.914   1.721   15.934  1.00 28.45 ? 80  ASN A CA  1 
ATOM   453  C  C   . ASN A 1 62  ? 9.535   1.462   14.559  1.00 28.51 ? 80  ASN A C   1 
ATOM   454  O  O   . ASN A 1 62  ? 9.565   0.325   14.083  1.00 28.57 ? 80  ASN A O   1 
ATOM   455  C  CB  . ASN A 1 62  ? 8.867   0.433   16.771  1.00 28.40 ? 80  ASN A CB  1 
ATOM   456  C  CG  . ASN A 1 62  ? 10.251  -0.121  17.076  1.00 28.54 ? 80  ASN A CG  1 
ATOM   457  O  OD1 . ASN A 1 62  ? 11.226  0.624   17.189  1.00 28.86 ? 80  ASN A OD1 1 
ATOM   458  N  ND2 . ASN A 1 62  ? 10.338  -1.439  17.215  1.00 28.60 ? 80  ASN A ND2 1 
ATOM   459  N  N   . GLY A 1 63  ? 10.037  2.521   13.930  1.00 28.57 ? 81  GLY A N   1 
ATOM   460  C  CA  . GLY A 1 63  ? 10.686  2.406   12.625  1.00 28.72 ? 81  GLY A CA  1 
ATOM   461  C  C   . GLY A 1 63  ? 11.013  3.736   11.972  1.00 28.81 ? 81  GLY A C   1 
ATOM   462  O  O   . GLY A 1 63  ? 10.594  4.792   12.447  1.00 28.86 ? 81  GLY A O   1 
ATOM   463  N  N   . ASP A 1 64  ? 11.765  3.676   10.875  1.00 28.89 ? 82  ASP A N   1 
ATOM   464  C  CA  . ASP A 1 64  ? 12.123  4.865   10.109  1.00 28.99 ? 82  ASP A CA  1 
ATOM   465  C  C   . ASP A 1 64  ? 11.139  5.119   8.971   1.00 28.95 ? 82  ASP A C   1 
ATOM   466  O  O   . ASP A 1 64  ? 10.773  4.198   8.235   1.00 28.98 ? 82  ASP A O   1 
ATOM   467  C  CB  . ASP A 1 64  ? 13.549  4.753   9.559   1.00 29.08 ? 82  ASP A CB  1 
ATOM   468  C  CG  . ASP A 1 64  ? 14.599  5.263   10.534  1.00 29.51 ? 82  ASP A CG  1 
ATOM   469  O  OD1 . ASP A 1 64  ? 14.379  6.325   11.161  1.00 29.82 ? 82  ASP A OD1 1 
ATOM   470  O  OD2 . ASP A 1 64  ? 15.656  4.611   10.660  1.00 30.11 ? 82  ASP A OD2 1 
ATOM   471  N  N   . LEU A 1 65  ? 10.723  6.375   8.836   1.00 28.90 ? 83  LEU A N   1 
ATOM   472  C  CA  . LEU A 1 65  ? 9.787   6.782   7.794   1.00 28.84 ? 83  LEU A CA  1 
ATOM   473  C  C   . LEU A 1 65  ? 10.492  6.944   6.452   1.00 28.90 ? 83  LEU A C   1 
ATOM   474  O  O   . LEU A 1 65  ? 11.546  7.578   6.365   1.00 28.90 ? 83  LEU A O   1 
ATOM   475  C  CB  . LEU A 1 65  ? 9.097   8.094   8.181   1.00 28.80 ? 83  LEU A CB  1 
ATOM   476  C  CG  . LEU A 1 65  ? 7.947   8.586   7.296   1.00 28.71 ? 83  LEU A CG  1 
ATOM   477  C  CD1 . LEU A 1 65  ? 6.611   8.019   7.762   1.00 28.60 ? 83  LEU A CD1 1 
ATOM   478  C  CD2 . LEU A 1 65  ? 7.906   10.102  7.286   1.00 28.70 ? 83  LEU A CD2 1 
ATOM   479  N  N   . GLU A 1 66  ? 9.901   6.359   5.414   1.00 28.94 ? 84  GLU A N   1 
ATOM   480  C  CA  . GLU A 1 66  ? 10.357  6.557   4.042   1.00 29.02 ? 84  GLU A CA  1 
ATOM   481  C  C   . GLU A 1 66  ? 9.244   7.211   3.233   1.00 28.94 ? 84  GLU A C   1 
ATOM   482  O  O   . GLU A 1 66  ? 8.105   6.736   3.230   1.00 28.95 ? 84  GLU A O   1 
ATOM   483  C  CB  . GLU A 1 66  ? 10.787  5.232   3.408   1.00 29.01 ? 84  GLU A CB  1 
ATOM   484  C  CG  . GLU A 1 66  ? 12.122  4.700   3.920   1.00 29.20 ? 84  GLU A CG  1 
ATOM   485  C  CD  . GLU A 1 66  ? 12.492  3.343   3.336   1.00 29.35 ? 84  GLU A CD  1 
ATOM   486  O  OE1 . GLU A 1 66  ? 12.100  3.046   2.186   1.00 29.94 ? 84  GLU A OE1 1 
ATOM   487  O  OE2 . GLU A 1 66  ? 13.190  2.574   4.031   1.00 29.74 ? 84  GLU A OE2 1 
ATOM   488  N  N   . GLU A 1 67  ? 9.579   8.307   2.558   1.00 28.92 ? 85  GLU A N   1 
ATOM   489  C  CA  . GLU A 1 67  ? 8.600   9.103   1.824   1.00 28.91 ? 85  GLU A CA  1 
ATOM   490  C  C   . GLU A 1 67  ? 9.005   9.271   0.362   1.00 28.86 ? 85  GLU A C   1 
ATOM   491  O  O   . GLU A 1 67  ? 10.133  9.670   0.063   1.00 28.85 ? 85  GLU A O   1 
ATOM   492  C  CB  . GLU A 1 67  ? 8.431   10.472  2.490   1.00 28.91 ? 85  GLU A CB  1 
ATOM   493  C  CG  . GLU A 1 67  ? 7.271   11.306  1.959   1.00 28.91 ? 85  GLU A CG  1 
ATOM   494  C  CD  . GLU A 1 67  ? 7.181   12.671  2.619   1.00 29.03 ? 85  GLU A CD  1 
ATOM   495  O  OE1 . GLU A 1 67  ? 8.183   13.418  2.597   1.00 29.21 ? 85  GLU A OE1 1 
ATOM   496  O  OE2 . GLU A 1 67  ? 6.103   13.000  3.154   1.00 29.37 ? 85  GLU A OE2 1 
ATOM   497  N  N   . ILE A 1 68  ? 8.077   8.955   -0.540  1.00 28.84 ? 86  ILE A N   1 
ATOM   498  C  CA  . ILE A 1 68  ? 8.286   9.126   -1.977  1.00 28.87 ? 86  ILE A CA  1 
ATOM   499  C  C   . ILE A 1 68  ? 7.086   9.831   -2.615  1.00 28.86 ? 86  ILE A C   1 
ATOM   500  O  O   . ILE A 1 68  ? 5.948   9.374   -2.490  1.00 28.82 ? 86  ILE A O   1 
ATOM   501  C  CB  . ILE A 1 68  ? 8.569   7.770   -2.693  1.00 28.89 ? 86  ILE A CB  1 
ATOM   502  C  CG1 . ILE A 1 68  ? 9.907   7.182   -2.225  1.00 28.91 ? 86  ILE A CG1 1 
ATOM   503  C  CG2 . ILE A 1 68  ? 8.559   7.942   -4.218  1.00 28.80 ? 86  ILE A CG2 1 
ATOM   504  C  CD1 . ILE A 1 68  ? 10.206  5.779   -2.737  1.00 28.95 ? 86  ILE A CD1 1 
ATOM   505  N  N   . PHE A 1 69  ? 7.355   10.951  -3.283  1.00 28.87 ? 87  PHE A N   1 
ATOM   506  C  CA  . PHE A 1 69  ? 6.331   11.679  -4.031  1.00 28.88 ? 87  PHE A CA  1 
ATOM   507  C  C   . PHE A 1 69  ? 6.255   11.188  -5.475  1.00 28.85 ? 87  PHE A C   1 
ATOM   508  O  O   . PHE A 1 69  ? 7.281   10.921  -6.106  1.00 28.82 ? 87  PHE A O   1 
ATOM   509  C  CB  . PHE A 1 69  ? 6.599   13.187  -3.997  1.00 28.90 ? 87  PHE A CB  1 
ATOM   510  C  CG  . PHE A 1 69  ? 6.131   13.862  -2.736  1.00 29.03 ? 87  PHE A CG  1 
ATOM   511  C  CD1 . PHE A 1 69  ? 4.878   14.462  -2.679  1.00 29.17 ? 87  PHE A CD1 1 
ATOM   512  C  CD2 . PHE A 1 69  ? 6.945   13.901  -1.606  1.00 29.21 ? 87  PHE A CD2 1 
ATOM   513  C  CE1 . PHE A 1 69  ? 4.436   15.087  -1.511  1.00 29.22 ? 87  PHE A CE1 1 
ATOM   514  C  CE2 . PHE A 1 69  ? 6.512   14.526  -0.434  1.00 29.19 ? 87  PHE A CE2 1 
ATOM   515  C  CZ  . PHE A 1 69  ? 5.256   15.119  -0.388  1.00 29.06 ? 87  PHE A CZ  1 
ATOM   516  N  N   . LEU A 1 70  ? 5.032   11.063  -5.983  1.00 28.82 ? 88  LEU A N   1 
ATOM   517  C  CA  . LEU A 1 70  ? 4.802   10.650  -7.366  1.00 28.84 ? 88  LEU A CA  1 
ATOM   518  C  C   . LEU A 1 70  ? 4.689   11.863  -8.283  1.00 28.81 ? 88  LEU A C   1 
ATOM   519  O  O   . LEU A 1 70  ? 4.245   12.932  -7.859  1.00 28.85 ? 88  LEU A O   1 
ATOM   520  C  CB  . LEU A 1 70  ? 3.536   9.790   -7.478  1.00 28.82 ? 88  LEU A CB  1 
ATOM   521  C  CG  . LEU A 1 70  ? 3.620   8.277   -7.245  1.00 28.87 ? 88  LEU A CG  1 
ATOM   522  C  CD1 . LEU A 1 70  ? 3.832   7.927   -5.776  1.00 29.16 ? 88  LEU A CD1 1 
ATOM   523  C  CD2 . LEU A 1 70  ? 2.358   7.606   -7.764  1.00 28.88 ? 88  LEU A CD2 1 
ATOM   524  N  N   . HIS A 1 71  ? 5.098   11.685  -9.537  1.00 28.83 ? 89  HIS A N   1 
ATOM   525  C  CA  . HIS A 1 71  ? 4.995   12.734  -10.551 1.00 28.86 ? 89  HIS A CA  1 
ATOM   526  C  C   . HIS A 1 71  ? 3.529   12.986  -10.910 1.00 28.77 ? 89  HIS A C   1 
ATOM   527  O  O   . HIS A 1 71  ? 2.688   12.105  -10.717 1.00 28.81 ? 89  HIS A O   1 
ATOM   528  C  CB  . HIS A 1 71  ? 5.785   12.345  -11.804 1.00 28.94 ? 89  HIS A CB  1 
ATOM   529  C  CG  . HIS A 1 71  ? 7.218   12.006  -11.537 1.00 29.31 ? 89  HIS A CG  1 
ATOM   530  N  ND1 . HIS A 1 71  ? 8.169   12.962  -11.255 1.00 29.73 ? 89  HIS A ND1 1 
ATOM   531  C  CD2 . HIS A 1 71  ? 7.862   10.815  -11.511 1.00 29.55 ? 89  HIS A CD2 1 
ATOM   532  C  CE1 . HIS A 1 71  ? 9.337   12.375  -11.064 1.00 29.79 ? 89  HIS A CE1 1 
ATOM   533  N  NE2 . HIS A 1 71  ? 9.179   11.073  -11.216 1.00 29.78 ? 89  HIS A NE2 1 
ATOM   534  N  N   . PRO A 1 72  ? 3.209   14.195  -11.417 1.00 28.69 ? 90  PRO A N   1 
ATOM   535  C  CA  . PRO A 1 72  ? 1.834   14.456  -11.854 1.00 28.60 ? 90  PRO A CA  1 
ATOM   536  C  C   . PRO A 1 72  ? 1.392   13.480  -12.943 1.00 28.49 ? 90  PRO A C   1 
ATOM   537  O  O   . PRO A 1 72  ? 2.148   13.211  -13.880 1.00 28.48 ? 90  PRO A O   1 
ATOM   538  C  CB  . PRO A 1 72  ? 1.902   15.888  -12.406 1.00 28.60 ? 90  PRO A CB  1 
ATOM   539  C  CG  . PRO A 1 72  ? 3.349   16.146  -12.659 1.00 28.64 ? 90  PRO A CG  1 
ATOM   540  C  CD  . PRO A 1 72  ? 4.071   15.375  -11.607 1.00 28.70 ? 90  PRO A CD  1 
ATOM   541  N  N   . GLY A 1 73  ? 0.186   12.939  -12.795 1.00 28.40 ? 91  GLY A N   1 
ATOM   542  C  CA  . GLY A 1 73  ? -0.373  12.003  -13.769 1.00 28.29 ? 91  GLY A CA  1 
ATOM   543  C  C   . GLY A 1 73  ? 0.194   10.597  -13.689 1.00 28.22 ? 91  GLY A C   1 
ATOM   544  O  O   . GLY A 1 73  ? -0.182  9.729   -14.480 1.00 28.26 ? 91  GLY A O   1 
ATOM   545  N  N   . GLU A 1 74  ? 1.099   10.374  -12.737 1.00 28.10 ? 92  GLU A N   1 
ATOM   546  C  CA  . GLU A 1 74  ? 1.694   9.058   -12.516 1.00 27.93 ? 92  GLU A CA  1 
ATOM   547  C  C   . GLU A 1 74  ? 0.834   8.253   -11.547 1.00 27.88 ? 92  GLU A C   1 
ATOM   548  O  O   . GLU A 1 74  ? 0.507   8.723   -10.453 1.00 27.89 ? 92  GLU A O   1 
ATOM   549  C  CB  . GLU A 1 74  ? 3.121   9.195   -11.980 1.00 27.94 ? 92  GLU A CB  1 
ATOM   550  C  CG  . GLU A 1 74  ? 3.871   7.877   -11.822 1.00 27.90 ? 92  GLU A CG  1 
ATOM   551  C  CD  . GLU A 1 74  ? 5.220   8.032   -11.133 1.00 27.95 ? 92  GLU A CD  1 
ATOM   552  O  OE1 . GLU A 1 74  ? 5.330   8.840   -10.187 1.00 28.12 ? 92  GLU A OE1 1 
ATOM   553  O  OE2 . GLU A 1 74  ? 6.175   7.335   -11.533 1.00 27.91 ? 92  GLU A OE2 1 
ATOM   554  N  N   . SER A 1 75  ? 0.470   7.042   -11.962 1.00 27.73 ? 93  SER A N   1 
ATOM   555  C  CA  . SER A 1 75  ? -0.363  6.160   -11.150 1.00 27.59 ? 93  SER A CA  1 
ATOM   556  C  C   . SER A 1 75  ? 0.237   4.759   -11.023 1.00 27.47 ? 93  SER A C   1 
ATOM   557  O  O   . SER A 1 75  ? 0.938   4.293   -11.923 1.00 27.40 ? 93  SER A O   1 
ATOM   558  C  CB  . SER A 1 75  ? -1.785  6.093   -11.718 1.00 27.62 ? 93  SER A CB  1 
ATOM   559  O  OG  . SER A 1 75  ? -1.774  5.789   -13.100 1.00 27.55 ? 93  SER A OG  1 
ATOM   560  N  N   . VAL A 1 76  ? -0.042  4.105   -9.896  1.00 27.33 ? 94  VAL A N   1 
ATOM   561  C  CA  . VAL A 1 76  ? 0.467   2.761   -9.614  1.00 27.22 ? 94  VAL A CA  1 
ATOM   562  C  C   . VAL A 1 76  ? -0.334  1.714   -10.391 1.00 27.20 ? 94  VAL A C   1 
ATOM   563  O  O   . VAL A 1 76  ? -1.567  1.707   -10.355 1.00 27.16 ? 94  VAL A O   1 
ATOM   564  C  CB  . VAL A 1 76  ? 0.460   2.447   -8.091  1.00 27.24 ? 94  VAL A CB  1 
ATOM   565  C  CG1 . VAL A 1 76  ? 0.939   1.029   -7.818  1.00 27.13 ? 94  VAL A CG1 1 
ATOM   566  C  CG2 . VAL A 1 76  ? 1.325   3.449   -7.331  1.00 27.21 ? 94  VAL A CG2 1 
ATOM   567  N  N   . ILE A 1 77  ? 0.382   0.837   -11.093 1.00 27.17 ? 95  ILE A N   1 
ATOM   568  C  CA  . ILE A 1 77  ? -0.233  -0.157  -11.978 1.00 27.12 ? 95  ILE A CA  1 
ATOM   569  C  C   . ILE A 1 77  ? 0.037   -1.613  -11.566 1.00 27.14 ? 95  ILE A C   1 
ATOM   570  O  O   . ILE A 1 77  ? -0.641  -2.530  -12.038 1.00 27.05 ? 95  ILE A O   1 
ATOM   571  C  CB  . ILE A 1 77  ? 0.160   0.074   -13.465 1.00 27.13 ? 95  ILE A CB  1 
ATOM   572  C  CG1 . ILE A 1 77  ? 1.686   0.077   -13.637 1.00 27.01 ? 95  ILE A CG1 1 
ATOM   573  C  CG2 . ILE A 1 77  ? -0.460  1.376   -13.982 1.00 27.13 ? 95  ILE A CG2 1 
ATOM   574  C  CD1 . ILE A 1 77  ? 2.155   -0.032  -15.079 1.00 27.09 ? 95  ILE A CD1 1 
ATOM   575  N  N   . GLN A 1 78  ? 1.029   -1.813  -10.699 1.00 27.10 ? 96  GLN A N   1 
ATOM   576  C  CA  . GLN A 1 78  ? 1.339   -3.128  -10.131 1.00 27.20 ? 96  GLN A CA  1 
ATOM   577  C  C   . GLN A 1 78  ? 1.816   -2.973  -8.696  1.00 27.21 ? 96  GLN A C   1 
ATOM   578  O  O   . GLN A 1 78  ? 2.537   -2.024  -8.374  1.00 27.26 ? 96  GLN A O   1 
ATOM   579  C  CB  . GLN A 1 78  ? 2.439   -3.835  -10.925 1.00 27.18 ? 96  GLN A CB  1 
ATOM   580  C  CG  . GLN A 1 78  ? 2.044   -4.362  -12.291 1.00 27.41 ? 96  GLN A CG  1 
ATOM   581  C  CD  . GLN A 1 78  ? 3.238   -4.866  -13.081 1.00 27.44 ? 96  GLN A CD  1 
ATOM   582  O  OE1 . GLN A 1 78  ? 4.035   -5.670  -12.589 1.00 27.41 ? 96  GLN A OE1 1 
ATOM   583  N  NE2 . GLN A 1 78  ? 3.368   -4.393  -14.317 1.00 27.82 ? 96  GLN A NE2 1 
ATOM   584  N  N   . VAL A 1 79  ? 1.417   -3.907  -7.836  1.00 27.21 ? 97  VAL A N   1 
ATOM   585  C  CA  . VAL A 1 79  ? 1.902   -3.944  -6.457  1.00 27.22 ? 97  VAL A CA  1 
ATOM   586  C  C   . VAL A 1 79  ? 2.365   -5.354  -6.101  1.00 27.27 ? 97  VAL A C   1 
ATOM   587  O  O   . VAL A 1 79  ? 1.590   -6.309  -6.170  1.00 27.23 ? 97  VAL A O   1 
ATOM   588  C  CB  . VAL A 1 79  ? 0.831   -3.467  -5.433  1.00 27.23 ? 97  VAL A CB  1 
ATOM   589  C  CG1 . VAL A 1 79  ? 1.407   -3.447  -4.019  1.00 27.29 ? 97  VAL A CG1 1 
ATOM   590  C  CG2 . VAL A 1 79  ? 0.296   -2.088  -5.796  1.00 27.18 ? 97  VAL A CG2 1 
ATOM   591  N  N   . SER A 1 80  ? 3.635   -5.478  -5.733  1.00 27.34 ? 98  SER A N   1 
ATOM   592  C  CA  . SER A 1 80  ? 4.176   -6.741  -5.244  1.00 27.42 ? 98  SER A CA  1 
ATOM   593  C  C   . SER A 1 80  ? 4.721   -6.565  -3.830  1.00 27.52 ? 98  SER A C   1 
ATOM   594  O  O   . SER A 1 80  ? 4.840   -5.440  -3.342  1.00 27.55 ? 98  SER A O   1 
ATOM   595  C  CB  . SER A 1 80  ? 5.259   -7.275  -6.187  1.00 27.39 ? 98  SER A CB  1 
ATOM   596  O  OG  . SER A 1 80  ? 6.356   -6.385  -6.273  1.00 27.35 ? 98  SER A OG  1 
ATOM   597  N  N   . GLY A 1 81  ? 5.035   -7.676  -3.171  1.00 27.67 ? 99  GLY A N   1 
ATOM   598  C  CA  . GLY A 1 81  ? 5.600   -7.626  -1.828  1.00 27.88 ? 99  GLY A CA  1 
ATOM   599  C  C   . GLY A 1 81  ? 5.779   -8.981  -1.176  1.00 28.05 ? 99  GLY A C   1 
ATOM   600  O  O   . GLY A 1 81  ? 5.610   -10.018 -1.818  1.00 28.01 ? 99  GLY A O   1 
ATOM   601  N  N   . LYS A 1 82  ? 6.129   -8.957  0.109   1.00 28.28 ? 100 LYS A N   1 
ATOM   602  C  CA  . LYS A 1 82  ? 6.340   -10.170 0.898   1.00 28.57 ? 100 LYS A CA  1 
ATOM   603  C  C   . LYS A 1 82  ? 5.806   -10.005 2.319   1.00 28.72 ? 100 LYS A C   1 
ATOM   604  O  O   . LYS A 1 82  ? 5.749   -8.891  2.841   1.00 28.80 ? 100 LYS A O   1 
ATOM   605  C  CB  . LYS A 1 82  ? 7.825   -10.548 0.926   1.00 28.59 ? 100 LYS A CB  1 
ATOM   606  C  CG  . LYS A 1 82  ? 8.326   -11.207 -0.353  1.00 28.80 ? 100 LYS A CG  1 
ATOM   607  C  CD  . LYS A 1 82  ? 9.834   -11.362 -0.354  1.00 29.14 ? 100 LYS A CD  1 
ATOM   608  C  CE  . LYS A 1 82  ? 10.324  -11.915 -1.684  1.00 29.34 ? 100 LYS A CE  1 
ATOM   609  N  NZ  . LYS A 1 82  ? 11.788  -12.195 -1.669  1.00 29.46 ? 100 LYS A NZ  1 
ATOM   610  N  N   . TYR A 1 83  ? 5.417   -11.120 2.937   1.00 28.95 ? 101 TYR A N   1 
ATOM   611  C  CA  . TYR A 1 83  ? 4.869   -11.118 4.295   1.00 29.16 ? 101 TYR A CA  1 
ATOM   612  C  C   . TYR A 1 83  ? 5.034   -12.473 4.990   1.00 29.33 ? 101 TYR A C   1 
ATOM   613  O  O   . TYR A 1 83  ? 5.243   -13.495 4.333   1.00 29.39 ? 101 TYR A O   1 
ATOM   614  C  CB  . TYR A 1 83  ? 3.384   -10.722 4.271   1.00 29.16 ? 101 TYR A CB  1 
ATOM   615  C  CG  . TYR A 1 83  ? 2.472   -11.736 3.602   1.00 29.28 ? 101 TYR A CG  1 
ATOM   616  C  CD1 . TYR A 1 83  ? 1.837   -12.733 4.348   1.00 29.33 ? 101 TYR A CD1 1 
ATOM   617  C  CD2 . TYR A 1 83  ? 2.239   -11.697 2.226   1.00 29.26 ? 101 TYR A CD2 1 
ATOM   618  C  CE1 . TYR A 1 83  ? 0.999   -13.663 3.742   1.00 29.16 ? 101 TYR A CE1 1 
ATOM   619  C  CE2 . TYR A 1 83  ? 1.402   -12.624 1.611   1.00 29.15 ? 101 TYR A CE2 1 
ATOM   620  C  CZ  . TYR A 1 83  ? 0.786   -13.603 2.376   1.00 29.25 ? 101 TYR A CZ  1 
ATOM   621  O  OH  . TYR A 1 83  ? -0.043  -14.523 1.775   1.00 29.42 ? 101 TYR A OH  1 
ATOM   622  N  N   . LYS A 1 84  ? 4.944   -12.468 6.319   1.00 29.49 ? 102 LYS A N   1 
ATOM   623  C  CA  . LYS A 1 84  ? 4.822   -13.703 7.095   1.00 29.65 ? 102 LYS A CA  1 
ATOM   624  C  C   . LYS A 1 84  ? 3.503   -13.686 7.884   1.00 29.62 ? 102 LYS A C   1 
ATOM   625  O  O   . LYS A 1 84  ? 2.453   -14.043 7.344   1.00 29.69 ? 102 LYS A O   1 
ATOM   626  C  CB  . LYS A 1 84  ? 6.047   -13.933 7.997   1.00 29.77 ? 102 LYS A CB  1 
ATOM   627  C  CG  . LYS A 1 84  ? 6.284   -12.884 9.088   1.00 30.32 ? 102 LYS A CG  1 
ATOM   628  C  CD  . LYS A 1 84  ? 7.131   -13.461 10.211  1.00 31.40 ? 102 LYS A CD  1 
ATOM   629  C  CE  . LYS A 1 84  ? 6.782   -12.836 11.553  1.00 31.85 ? 102 LYS A CE  1 
ATOM   630  N  NZ  . LYS A 1 84  ? 7.520   -13.487 12.679  1.00 32.20 ? 102 LYS A NZ  1 
ATOM   631  N  N   . TRP A 1 85  ? 3.566   -13.272 9.147   1.00 29.54 ? 103 TRP A N   1 
ATOM   632  C  CA  . TRP A 1 85  ? 2.378   -12.956 9.933   1.00 29.42 ? 103 TRP A CA  1 
ATOM   633  C  C   . TRP A 1 85  ? 2.066   -11.472 9.752   1.00 29.22 ? 103 TRP A C   1 
ATOM   634  O  O   . TRP A 1 85  ? 0.917   -11.044 9.880   1.00 29.19 ? 103 TRP A O   1 
ATOM   635  C  CB  . TRP A 1 85  ? 2.606   -13.270 11.415  1.00 29.58 ? 103 TRP A CB  1 
ATOM   636  C  CG  . TRP A 1 85  ? 2.895   -14.718 11.691  1.00 29.73 ? 103 TRP A CG  1 
ATOM   637  C  CD1 . TRP A 1 85  ? 4.124   -15.296 11.829  1.00 29.91 ? 103 TRP A CD1 1 
ATOM   638  C  CD2 . TRP A 1 85  ? 1.935   -15.771 11.860  1.00 29.92 ? 103 TRP A CD2 1 
ATOM   639  N  NE1 . TRP A 1 85  ? 3.991   -16.642 12.074  1.00 30.02 ? 103 TRP A NE1 1 
ATOM   640  C  CE2 . TRP A 1 85  ? 2.658   -16.961 12.099  1.00 29.97 ? 103 TRP A CE2 1 
ATOM   641  C  CE3 . TRP A 1 85  ? 0.533   -15.823 11.833  1.00 30.03 ? 103 TRP A CE3 1 
ATOM   642  C  CZ2 . TRP A 1 85  ? 2.029   -18.194 12.311  1.00 29.87 ? 103 TRP A CZ2 1 
ATOM   643  C  CZ3 . TRP A 1 85  ? -0.093  -17.051 12.044  1.00 29.91 ? 103 TRP A CZ3 1 
ATOM   644  C  CH2 . TRP A 1 85  ? 0.657   -18.219 12.279  1.00 29.87 ? 103 TRP A CH2 1 
ATOM   645  N  N   . TYR A 1 86  ? 3.112   -10.700 9.458   1.00 28.94 ? 104 TYR A N   1 
ATOM   646  C  CA  . TYR A 1 86  ? 3.006   -9.263  9.227   1.00 28.64 ? 104 TYR A CA  1 
ATOM   647  C  C   . TYR A 1 86  ? 3.650   -8.903  7.892   1.00 28.46 ? 104 TYR A C   1 
ATOM   648  O  O   . TYR A 1 86  ? 4.526   -9.624  7.404   1.00 28.44 ? 104 TYR A O   1 
ATOM   649  C  CB  . TYR A 1 86  ? 3.680   -8.482  10.361  1.00 28.60 ? 104 TYR A CB  1 
ATOM   650  C  CG  . TYR A 1 86  ? 3.392   -9.020  11.745  1.00 28.53 ? 104 TYR A CG  1 
ATOM   651  C  CD1 . TYR A 1 86  ? 2.151   -8.819  12.348  1.00 28.53 ? 104 TYR A CD1 1 
ATOM   652  C  CD2 . TYR A 1 86  ? 4.362   -9.733  12.453  1.00 28.41 ? 104 TYR A CD2 1 
ATOM   653  C  CE1 . TYR A 1 86  ? 1.880   -9.316  13.618  1.00 28.71 ? 104 TYR A CE1 1 
ATOM   654  C  CE2 . TYR A 1 86  ? 4.102   -10.234 13.725  1.00 28.38 ? 104 TYR A CE2 1 
ATOM   655  C  CZ  . TYR A 1 86  ? 2.860   -10.021 14.302  1.00 28.61 ? 104 TYR A CZ  1 
ATOM   656  O  OH  . TYR A 1 86  ? 2.589   -10.508 15.561  1.00 28.55 ? 104 TYR A OH  1 
ATOM   657  N  N   . LEU A 1 87  ? 3.211   -7.788  7.311   1.00 28.20 ? 105 LEU A N   1 
ATOM   658  C  CA  . LEU A 1 87  ? 3.745   -7.308  6.039   1.00 27.96 ? 105 LEU A CA  1 
ATOM   659  C  C   . LEU A 1 87  ? 5.216   -6.926  6.180   1.00 27.78 ? 105 LEU A C   1 
ATOM   660  O  O   . LEU A 1 87  ? 5.603   -6.260  7.142   1.00 27.80 ? 105 LEU A O   1 
ATOM   661  C  CB  . LEU A 1 87  ? 2.923   -6.121  5.525   1.00 27.98 ? 105 LEU A CB  1 
ATOM   662  C  CG  . LEU A 1 87  ? 3.149   -5.652  4.085   1.00 27.98 ? 105 LEU A CG  1 
ATOM   663  C  CD1 . LEU A 1 87  ? 2.607   -6.664  3.076   1.00 28.01 ? 105 LEU A CD1 1 
ATOM   664  C  CD2 . LEU A 1 87  ? 2.509   -4.292  3.873   1.00 27.95 ? 105 LEU A CD2 1 
ATOM   665  N  N   . LYS A 1 88  ? 6.026   -7.354  5.215   1.00 27.55 ? 106 LYS A N   1 
ATOM   666  C  CA  . LYS A 1 88  ? 7.476   -7.166  5.273   1.00 27.36 ? 106 LYS A CA  1 
ATOM   667  C  C   . LYS A 1 88  ? 8.030   -6.337  4.114   1.00 27.17 ? 106 LYS A C   1 
ATOM   668  O  O   . LYS A 1 88  ? 8.987   -5.583  4.296   1.00 27.20 ? 106 LYS A O   1 
ATOM   669  C  CB  . LYS A 1 88  ? 8.191   -8.520  5.338   1.00 27.36 ? 106 LYS A CB  1 
ATOM   670  C  CG  . LYS A 1 88  ? 7.917   -9.320  6.610   1.00 27.46 ? 106 LYS A CG  1 
ATOM   671  C  CD  . LYS A 1 88  ? 8.537   -10.711 6.548   1.00 27.54 ? 106 LYS A CD  1 
ATOM   672  C  CE  . LYS A 1 88  ? 10.000  -10.706 6.973   1.00 28.05 ? 106 LYS A CE  1 
ATOM   673  N  NZ  . LYS A 1 88  ? 10.154  -10.674 8.456   1.00 28.38 ? 106 LYS A NZ  1 
ATOM   674  N  N   . LYS A 1 89  ? 7.437   -6.483  2.929   1.00 26.93 ? 107 LYS A N   1 
ATOM   675  C  CA  . LYS A 1 89  ? 7.906   -5.773  1.738   1.00 26.70 ? 107 LYS A CA  1 
ATOM   676  C  C   . LYS A 1 89  ? 6.760   -5.232  0.885   1.00 26.47 ? 107 LYS A C   1 
ATOM   677  O  O   . LYS A 1 89  ? 5.681   -5.823  0.836   1.00 26.46 ? 107 LYS A O   1 
ATOM   678  C  CB  . LYS A 1 89  ? 8.809   -6.677  0.891   1.00 26.70 ? 107 LYS A CB  1 
ATOM   679  C  CG  . LYS A 1 89  ? 9.732   -5.919  -0.053  1.00 26.70 ? 107 LYS A CG  1 
ATOM   680  C  CD  . LYS A 1 89  ? 10.509  -6.849  -0.960  1.00 26.89 ? 107 LYS A CD  1 
ATOM   681  C  CE  . LYS A 1 89  ? 11.364  -6.056  -1.935  1.00 27.40 ? 107 LYS A CE  1 
ATOM   682  N  NZ  . LYS A 1 89  ? 12.112  -6.939  -2.870  1.00 27.87 ? 107 LYS A NZ  1 
ATOM   683  N  N   . LEU A 1 90  ? 7.012   -4.100  0.228   1.00 26.18 ? 108 LEU A N   1 
ATOM   684  C  CA  . LEU A 1 90  ? 6.087   -3.509  -0.739  1.00 25.92 ? 108 LEU A CA  1 
ATOM   685  C  C   . LEU A 1 90  ? 6.846   -2.872  -1.900  1.00 25.82 ? 108 LEU A C   1 
ATOM   686  O  O   . LEU A 1 90  ? 7.808   -2.132  -1.691  1.00 25.86 ? 108 LEU A O   1 
ATOM   687  C  CB  . LEU A 1 90  ? 5.193   -2.456  -0.079  1.00 25.89 ? 108 LEU A CB  1 
ATOM   688  C  CG  . LEU A 1 90  ? 3.907   -2.877  0.639   1.00 25.75 ? 108 LEU A CG  1 
ATOM   689  C  CD1 . LEU A 1 90  ? 3.274   -1.666  1.301   1.00 25.73 ? 108 LEU A CD1 1 
ATOM   690  C  CD2 . LEU A 1 90  ? 2.917   -3.541  -0.308  1.00 25.75 ? 108 LEU A CD2 1 
ATOM   691  N  N   . VAL A 1 91  ? 6.411   -3.174  -3.121  1.00 25.65 ? 109 VAL A N   1 
ATOM   692  C  CA  . VAL A 1 91  ? 6.974   -2.563  -4.324  1.00 25.54 ? 109 VAL A CA  1 
ATOM   693  C  C   . VAL A 1 91  ? 5.850   -2.022  -5.207  1.00 25.53 ? 109 VAL A C   1 
ATOM   694  O  O   . VAL A 1 91  ? 5.040   -2.787  -5.737  1.00 25.51 ? 109 VAL A O   1 
ATOM   695  C  CB  . VAL A 1 91  ? 7.861   -3.551  -5.133  1.00 25.50 ? 109 VAL A CB  1 
ATOM   696  C  CG1 . VAL A 1 91  ? 8.383   -2.891  -6.406  1.00 25.39 ? 109 VAL A CG1 1 
ATOM   697  C  CG2 . VAL A 1 91  ? 9.023   -4.058  -4.290  1.00 25.46 ? 109 VAL A CG2 1 
ATOM   698  N  N   . PHE A 1 92  ? 5.811   -0.701  -5.349  1.00 25.50 ? 110 PHE A N   1 
ATOM   699  C  CA  . PHE A 1 92  ? 4.802   -0.032  -6.163  1.00 25.49 ? 110 PHE A CA  1 
ATOM   700  C  C   . PHE A 1 92  ? 5.350   0.272   -7.553  1.00 25.56 ? 110 PHE A C   1 
ATOM   701  O  O   . PHE A 1 92  ? 6.287   1.060   -7.704  1.00 25.58 ? 110 PHE A O   1 
ATOM   702  C  CB  . PHE A 1 92  ? 4.331   1.258   -5.483  1.00 25.46 ? 110 PHE A CB  1 
ATOM   703  C  CG  . PHE A 1 92  ? 3.613   1.037   -4.180  1.00 25.42 ? 110 PHE A CG  1 
ATOM   704  C  CD1 . PHE A 1 92  ? 2.230   0.882   -4.151  1.00 25.37 ? 110 PHE A CD1 1 
ATOM   705  C  CD2 . PHE A 1 92  ? 4.315   0.994   -2.978  1.00 25.38 ? 110 PHE A CD2 1 
ATOM   706  C  CE1 . PHE A 1 92  ? 1.559   0.680   -2.947  1.00 25.29 ? 110 PHE A CE1 1 
ATOM   707  C  CE2 . PHE A 1 92  ? 3.652   0.791   -1.769  1.00 25.24 ? 110 PHE A CE2 1 
ATOM   708  C  CZ  . PHE A 1 92  ? 2.271   0.634   -1.755  1.00 25.26 ? 110 PHE A CZ  1 
ATOM   709  N  N   . VAL A 1 93  ? 4.767   -0.367  -8.564  1.00 25.65 ? 111 VAL A N   1 
ATOM   710  C  CA  . VAL A 1 93  ? 5.172   -0.159  -9.954  1.00 25.77 ? 111 VAL A CA  1 
ATOM   711  C  C   . VAL A 1 93  ? 4.242   0.860   -10.609 1.00 25.95 ? 111 VAL A C   1 
ATOM   712  O  O   . VAL A 1 93  ? 3.021   0.694   -10.601 1.00 26.02 ? 111 VAL A O   1 
ATOM   713  C  CB  . VAL A 1 93  ? 5.165   -1.479  -10.763 1.00 25.69 ? 111 VAL A CB  1 
ATOM   714  C  CG1 . VAL A 1 93  ? 5.790   -1.274  -12.138 1.00 25.70 ? 111 VAL A CG1 1 
ATOM   715  C  CG2 . VAL A 1 93  ? 5.896   -2.581  -10.007 1.00 25.68 ? 111 VAL A CG2 1 
ATOM   716  N  N   . THR A 1 94  ? 4.828   1.914   -11.169 1.00 26.12 ? 112 THR A N   1 
ATOM   717  C  CA  . THR A 1 94  ? 4.055   3.002   -11.767 1.00 26.26 ? 112 THR A CA  1 
ATOM   718  C  C   . THR A 1 94  ? 4.066   2.929   -13.294 1.00 26.42 ? 112 THR A C   1 
ATOM   719  O  O   . THR A 1 94  ? 4.869   2.199   -13.879 1.00 26.41 ? 112 THR A O   1 
ATOM   720  C  CB  . THR A 1 94  ? 4.579   4.382   -11.315 1.00 26.24 ? 112 THR A CB  1 
ATOM   721  O  OG1 . THR A 1 94  ? 5.884   4.607   -11.863 1.00 26.29 ? 112 THR A OG1 1 
ATOM   722  C  CG2 . THR A 1 94  ? 4.639   4.475   -9.792  1.00 26.04 ? 112 THR A CG2 1 
ATOM   723  N  N   . ASP A 1 95  ? 3.176   3.691   -13.930 1.00 26.63 ? 113 ASP A N   1 
ATOM   724  C  CA  . ASP A 1 95  ? 3.085   3.729   -15.393 1.00 26.86 ? 113 ASP A CA  1 
ATOM   725  C  C   . ASP A 1 95  ? 4.236   4.502   -16.047 1.00 27.01 ? 113 ASP A C   1 
ATOM   726  O  O   . ASP A 1 95  ? 4.425   4.429   -17.264 1.00 27.09 ? 113 ASP A O   1 
ATOM   727  C  CB  . ASP A 1 95  ? 1.721   4.266   -15.859 1.00 26.86 ? 113 ASP A CB  1 
ATOM   728  C  CG  . ASP A 1 95  ? 1.406   5.652   -15.313 1.00 27.05 ? 113 ASP A CG  1 
ATOM   729  O  OD1 . ASP A 1 95  ? 2.283   6.541   -15.346 1.00 27.38 ? 113 ASP A OD1 1 
ATOM   730  O  OD2 . ASP A 1 95  ? 0.258   5.858   -14.866 1.00 27.34 ? 113 ASP A OD2 1 
ATOM   731  N  N   . LYS A 1 96  ? 4.994   5.239   -15.235 1.00 27.16 ? 114 LYS A N   1 
ATOM   732  C  CA  . LYS A 1 96  ? 6.196   5.935   -15.699 1.00 27.30 ? 114 LYS A CA  1 
ATOM   733  C  C   . LYS A 1 96  ? 7.435   5.036   -15.654 1.00 27.38 ? 114 LYS A C   1 
ATOM   734  O  O   . LYS A 1 96  ? 8.540   5.470   -15.989 1.00 27.38 ? 114 LYS A O   1 
ATOM   735  C  CB  . LYS A 1 96  ? 6.430   7.215   -14.891 1.00 27.32 ? 114 LYS A CB  1 
ATOM   736  C  CG  . LYS A 1 96  ? 5.622   8.409   -15.374 1.00 27.53 ? 114 LYS A CG  1 
ATOM   737  C  CD  . LYS A 1 96  ? 6.000   9.676   -14.620 1.00 28.05 ? 114 LYS A CD  1 
ATOM   738  C  CE  . LYS A 1 96  ? 5.574   10.931  -15.376 1.00 28.48 ? 114 LYS A CE  1 
ATOM   739  N  NZ  . LYS A 1 96  ? 4.092   11.084  -15.469 1.00 28.92 ? 114 LYS A NZ  1 
ATOM   740  N  N   . GLY A 1 97  ? 7.241   3.785   -15.238 1.00 27.48 ? 115 GLY A N   1 
ATOM   741  C  CA  . GLY A 1 97  ? 8.315   2.798   -15.185 1.00 27.60 ? 115 GLY A CA  1 
ATOM   742  C  C   . GLY A 1 97  ? 9.222   2.947   -13.978 1.00 27.70 ? 115 GLY A C   1 
ATOM   743  O  O   . GLY A 1 97  ? 10.439  2.799   -14.089 1.00 27.77 ? 115 GLY A O   1 
ATOM   744  N  N   . ARG A 1 98  ? 8.626   3.241   -12.825 1.00 27.78 ? 116 ARG A N   1 
ATOM   745  C  CA  . ARG A 1 98  ? 9.373   3.369   -11.576 1.00 27.87 ? 116 ARG A CA  1 
ATOM   746  C  C   . ARG A 1 98  ? 8.990   2.270   -10.596 1.00 27.93 ? 116 ARG A C   1 
ATOM   747  O  O   . ARG A 1 98  ? 7.814   1.927   -10.461 1.00 27.98 ? 116 ARG A O   1 
ATOM   748  C  CB  . ARG A 1 98  ? 9.152   4.743   -10.936 1.00 27.85 ? 116 ARG A CB  1 
ATOM   749  C  CG  . ARG A 1 98  ? 9.713   5.914   -11.735 1.00 27.97 ? 116 ARG A CG  1 
ATOM   750  C  CD  . ARG A 1 98  ? 10.018  7.106   -10.837 1.00 28.04 ? 116 ARG A CD  1 
ATOM   751  N  NE  . ARG A 1 98  ? 8.819   7.638   -10.193 1.00 28.26 ? 116 ARG A NE  1 
ATOM   752  C  CZ  . ARG A 1 98  ? 8.825   8.462   -9.149  1.00 28.53 ? 116 ARG A CZ  1 
ATOM   753  N  NH1 . ARG A 1 98  ? 9.971   8.859   -8.608  1.00 28.55 ? 116 ARG A NH1 1 
ATOM   754  N  NH2 . ARG A 1 98  ? 7.677   8.888   -8.638  1.00 28.75 ? 116 ARG A NH2 1 
ATOM   755  N  N   . TYR A 1 99  ? 9.995   1.727   -9.916  1.00 28.03 ? 117 TYR A N   1 
ATOM   756  C  CA  . TYR A 1 99  ? 9.793   0.666   -8.934  1.00 28.12 ? 117 TYR A CA  1 
ATOM   757  C  C   . TYR A 1 99  ? 10.105  1.184   -7.532  1.00 28.12 ? 117 TYR A C   1 
ATOM   758  O  O   . TYR A 1 99  ? 11.263  1.231   -7.113  1.00 28.09 ? 117 TYR A O   1 
ATOM   759  C  CB  . TYR A 1 99  ? 10.653  -0.555  -9.280  1.00 28.21 ? 117 TYR A CB  1 
ATOM   760  C  CG  . TYR A 1 99  ? 10.182  -1.320  -10.501 1.00 28.32 ? 117 TYR A CG  1 
ATOM   761  C  CD1 . TYR A 1 99  ? 9.566   -2.565  -10.370 1.00 28.51 ? 117 TYR A CD1 1 
ATOM   762  C  CD2 . TYR A 1 99  ? 10.352  -0.803  -11.787 1.00 28.33 ? 117 TYR A CD2 1 
ATOM   763  C  CE1 . TYR A 1 99  ? 9.129   -3.274  -11.487 1.00 28.57 ? 117 TYR A CE1 1 
ATOM   764  C  CE2 . TYR A 1 99  ? 9.917   -1.502  -12.910 1.00 28.38 ? 117 TYR A CE2 1 
ATOM   765  C  CZ  . TYR A 1 99  ? 9.307   -2.736  -12.752 1.00 28.49 ? 117 TYR A CZ  1 
ATOM   766  O  OH  . TYR A 1 99  ? 8.876   -3.434  -13.859 1.00 28.53 ? 117 TYR A OH  1 
ATOM   767  N  N   . LEU A 1 100 ? 9.055   1.580   -6.817  1.00 28.22 ? 118 LEU A N   1 
ATOM   768  C  CA  . LEU A 1 100 ? 9.190   2.176   -5.490  1.00 28.32 ? 118 LEU A CA  1 
ATOM   769  C  C   . LEU A 1 100 ? 9.148   1.095   -4.409  1.00 28.42 ? 118 LEU A C   1 
ATOM   770  O  O   . LEU A 1 100 ? 8.074   0.663   -3.985  1.00 28.41 ? 118 LEU A O   1 
ATOM   771  C  CB  . LEU A 1 100 ? 8.102   3.234   -5.260  1.00 28.27 ? 118 LEU A CB  1 
ATOM   772  C  CG  . LEU A 1 100 ? 7.785   4.206   -6.408  1.00 28.18 ? 118 LEU A CG  1 
ATOM   773  C  CD1 . LEU A 1 100 ? 6.545   5.026   -6.090  1.00 28.14 ? 118 LEU A CD1 1 
ATOM   774  C  CD2 . LEU A 1 100 ? 8.966   5.116   -6.732  1.00 28.13 ? 118 LEU A CD2 1 
ATOM   775  N  N   . SER A 1 101 ? 10.331  0.671   -3.971  1.00 28.62 ? 119 SER A N   1 
ATOM   776  C  CA  . SER A 1 101 ? 10.468  -0.465  -3.060  1.00 28.84 ? 119 SER A CA  1 
ATOM   777  C  C   . SER A 1 101 ? 10.648  -0.046  -1.604  1.00 28.94 ? 119 SER A C   1 
ATOM   778  O  O   . SER A 1 101 ? 11.407  0.877   -1.300  1.00 29.01 ? 119 SER A O   1 
ATOM   779  C  CB  . SER A 1 101 ? 11.633  -1.355  -3.496  1.00 28.85 ? 119 SER A CB  1 
ATOM   780  O  OG  . SER A 1 101 ? 11.701  -2.529  -2.706  1.00 29.23 ? 119 SER A OG  1 
ATOM   781  N  N   . PHE A 1 102 ? 9.941   -0.740  -0.716  1.00 29.06 ? 120 PHE A N   1 
ATOM   782  C  CA  . PHE A 1 102 ? 10.037  -0.523  0.725   1.00 29.16 ? 120 PHE A CA  1 
ATOM   783  C  C   . PHE A 1 102 ? 10.120  -1.864  1.442   1.00 29.27 ? 120 PHE A C   1 
ATOM   784  O  O   . PHE A 1 102 ? 9.438   -2.818  1.061   1.00 29.28 ? 120 PHE A O   1 
ATOM   785  C  CB  . PHE A 1 102 ? 8.812   0.231   1.252   1.00 29.13 ? 120 PHE A CB  1 
ATOM   786  C  CG  . PHE A 1 102 ? 8.518   1.520   0.536   1.00 29.22 ? 120 PHE A CG  1 
ATOM   787  C  CD1 . PHE A 1 102 ? 9.093   2.715   0.961   1.00 29.17 ? 120 PHE A CD1 1 
ATOM   788  C  CD2 . PHE A 1 102 ? 7.640   1.547   -0.545  1.00 29.23 ? 120 PHE A CD2 1 
ATOM   789  C  CE1 . PHE A 1 102 ? 8.812   3.914   0.309   1.00 29.20 ? 120 PHE A CE1 1 
ATOM   790  C  CE2 . PHE A 1 102 ? 7.352   2.740   -1.205  1.00 29.18 ? 120 PHE A CE2 1 
ATOM   791  C  CZ  . PHE A 1 102 ? 7.938   3.926   -0.774  1.00 29.13 ? 120 PHE A CZ  1 
ATOM   792  N  N   . GLY A 1 103 ? 10.950  -1.935  2.480   1.00 29.41 ? 121 GLY A N   1 
ATOM   793  C  CA  . GLY A 1 103 ? 10.982  -3.100  3.365   1.00 29.63 ? 121 GLY A CA  1 
ATOM   794  C  C   . GLY A 1 103 ? 12.055  -4.137  3.086   1.00 29.75 ? 121 GLY A C   1 
ATOM   795  O  O   . GLY A 1 103 ? 13.042  -3.860  2.401   1.00 29.78 ? 121 GLY A O   1 
ATOM   796  N  N   . LYS A 1 104 ? 11.849  -5.338  3.623   1.00 29.89 ? 122 LYS A N   1 
ATOM   797  C  CA  . LYS A 1 104 ? 12.851  -6.404  3.566   1.00 30.08 ? 122 LYS A CA  1 
ATOM   798  C  C   . LYS A 1 104 ? 12.477  -7.548  2.633   1.00 30.05 ? 122 LYS A C   1 
ATOM   799  O  O   . LYS A 1 104 ? 11.341  -8.026  2.638   1.00 30.07 ? 122 LYS A O   1 
ATOM   800  C  CB  . LYS A 1 104 ? 13.147  -6.943  4.971   1.00 30.19 ? 122 LYS A CB  1 
ATOM   801  C  CG  . LYS A 1 104 ? 14.046  -6.040  5.813   1.00 30.58 ? 122 LYS A CG  1 
ATOM   802  C  CD  . LYS A 1 104 ? 15.505  -6.103  5.365   1.00 31.02 ? 122 LYS A CD  1 
ATOM   803  C  CE  . LYS A 1 104 ? 16.365  -5.078  6.091   1.00 31.28 ? 122 LYS A CE  1 
ATOM   804  N  NZ  . LYS A 1 104 ? 16.006  -3.676  5.733   1.00 31.55 ? 122 LYS A NZ  1 
ATOM   805  N  N   . ASP A 1 105 ? 13.460  -7.989  1.853   1.00 30.05 ? 123 ASP A N   1 
ATOM   806  C  CA  . ASP A 1 105 ? 13.283  -9.044  0.862   1.00 30.06 ? 123 ASP A CA  1 
ATOM   807  C  C   . ASP A 1 105 ? 13.314  -10.432 1.510   1.00 29.95 ? 123 ASP A C   1 
ATOM   808  O  O   . ASP A 1 105 ? 14.322  -11.142 1.442   1.00 30.01 ? 123 ASP A O   1 
ATOM   809  C  CB  . ASP A 1 105 ? 14.362  -8.920  -0.222  1.00 30.17 ? 123 ASP A CB  1 
ATOM   810  C  CG  . ASP A 1 105 ? 14.073  -9.773  -1.443  1.00 30.49 ? 123 ASP A CG  1 
ATOM   811  O  OD1 . ASP A 1 105 ? 12.931  -9.732  -1.954  1.00 30.77 ? 123 ASP A OD1 1 
ATOM   812  O  OD2 . ASP A 1 105 ? 15.000  -10.476 -1.901  1.00 30.92 ? 123 ASP A OD2 1 
ATOM   813  N  N   . SER A 1 106 ? 12.202  -10.801 2.144   1.00 29.76 ? 124 SER A N   1 
ATOM   814  C  CA  . SER A 1 106 ? 12.056  -12.100 2.804   1.00 29.59 ? 124 SER A CA  1 
ATOM   815  C  C   . SER A 1 106 ? 10.585  -12.404 3.079   1.00 29.40 ? 124 SER A C   1 
ATOM   816  O  O   . SER A 1 106 ? 9.828   -11.518 3.482   1.00 29.44 ? 124 SER A O   1 
ATOM   817  C  CB  . SER A 1 106 ? 12.850  -12.132 4.117   1.00 29.69 ? 124 SER A CB  1 
ATOM   818  O  OG  . SER A 1 106 ? 12.862  -13.430 4.691   1.00 29.76 ? 124 SER A OG  1 
ATOM   819  N  N   . GLY A 1 107 ? 10.187  -13.655 2.858   1.00 29.14 ? 125 GLY A N   1 
ATOM   820  C  CA  . GLY A 1 107 ? 8.834   -14.108 3.184   1.00 28.83 ? 125 GLY A CA  1 
ATOM   821  C  C   . GLY A 1 107 ? 7.990   -14.541 1.998   1.00 28.62 ? 125 GLY A C   1 
ATOM   822  O  O   . GLY A 1 107 ? 8.490   -14.663 0.874   1.00 28.62 ? 125 GLY A O   1 
ATOM   823  N  N   . THR A 1 108 ? 6.705   -14.773 2.265   1.00 28.32 ? 126 THR A N   1 
ATOM   824  C  CA  . THR A 1 108 ? 5.735   -15.195 1.252   1.00 28.03 ? 126 THR A CA  1 
ATOM   825  C  C   . THR A 1 108 ? 5.496   -14.091 0.222   1.00 27.86 ? 126 THR A C   1 
ATOM   826  O  O   . THR A 1 108 ? 5.067   -12.986 0.567   1.00 27.80 ? 126 THR A O   1 
ATOM   827  C  CB  . THR A 1 108 ? 4.386   -15.603 1.900   1.00 28.04 ? 126 THR A CB  1 
ATOM   828  O  OG1 . THR A 1 108 ? 4.610   -16.618 2.886   1.00 28.07 ? 126 THR A OG1 1 
ATOM   829  C  CG2 . THR A 1 108 ? 3.404   -16.120 0.852   1.00 27.98 ? 126 THR A CG2 1 
ATOM   830  N  N   . SER A 1 109 ? 5.777   -14.404 -1.040  1.00 27.60 ? 127 SER A N   1 
ATOM   831  C  CA  . SER A 1 109 ? 5.626   -13.453 -2.138  1.00 27.32 ? 127 SER A CA  1 
ATOM   832  C  C   . SER A 1 109 ? 4.180   -13.316 -2.605  1.00 27.06 ? 127 SER A C   1 
ATOM   833  O  O   . SER A 1 109 ? 3.385   -14.253 -2.497  1.00 26.99 ? 127 SER A O   1 
ATOM   834  C  CB  . SER A 1 109 ? 6.508   -13.865 -3.319  1.00 27.34 ? 127 SER A CB  1 
ATOM   835  O  OG  . SER A 1 109 ? 7.882   -13.783 -2.987  1.00 27.70 ? 127 SER A OG  1 
ATOM   836  N  N   . PHE A 1 110 ? 3.851   -12.130 -3.112  1.00 26.75 ? 128 PHE A N   1 
ATOM   837  C  CA  . PHE A 1 110 ? 2.589   -11.896 -3.810  1.00 26.50 ? 128 PHE A CA  1 
ATOM   838  C  C   . PHE A 1 110 ? 2.778   -10.863 -4.916  1.00 26.35 ? 128 PHE A C   1 
ATOM   839  O  O   . PHE A 1 110 ? 3.636   -9.986  -4.814  1.00 26.34 ? 128 PHE A O   1 
ATOM   840  C  CB  . PHE A 1 110 ? 1.472   -11.482 -2.838  1.00 26.49 ? 128 PHE A CB  1 
ATOM   841  C  CG  . PHE A 1 110 ? 1.611   -10.086 -2.285  1.00 26.47 ? 128 PHE A CG  1 
ATOM   842  C  CD1 . PHE A 1 110 ? 1.103   -8.989  -2.981  1.00 26.37 ? 128 PHE A CD1 1 
ATOM   843  C  CD2 . PHE A 1 110 ? 2.222   -9.871  -1.054  1.00 26.50 ? 128 PHE A CD2 1 
ATOM   844  C  CE1 . PHE A 1 110 ? 1.222   -7.698  -2.470  1.00 26.24 ? 128 PHE A CE1 1 
ATOM   845  C  CE2 . PHE A 1 110 ? 2.342   -8.582  -0.531  1.00 26.45 ? 128 PHE A CE2 1 
ATOM   846  C  CZ  . PHE A 1 110 ? 1.841   -7.494  -1.243  1.00 26.35 ? 128 PHE A CZ  1 
ATOM   847  N  N   . ASN A 1 111 ? 1.977   -10.980 -5.972  1.00 26.17 ? 129 ASN A N   1 
ATOM   848  C  CA  . ASN A 1 111 ? 2.030   -10.044 -7.091  1.00 25.99 ? 129 ASN A CA  1 
ATOM   849  C  C   . ASN A 1 111 ? 0.627   -9.644  -7.535  1.00 25.89 ? 129 ASN A C   1 
ATOM   850  O  O   . ASN A 1 111 ? -0.121  -10.461 -8.078  1.00 25.92 ? 129 ASN A O   1 
ATOM   851  C  CB  . ASN A 1 111 ? 2.831   -10.638 -8.252  1.00 25.94 ? 129 ASN A CB  1 
ATOM   852  C  CG  . ASN A 1 111 ? 3.188   -9.608  -9.309  1.00 25.93 ? 129 ASN A CG  1 
ATOM   853  O  OD1 . ASN A 1 111 ? 2.332   -9.148  -10.066 1.00 25.88 ? 129 ASN A OD1 1 
ATOM   854  N  ND2 . ASN A 1 111 ? 4.466   -9.255  -9.379  1.00 25.67 ? 129 ASN A ND2 1 
ATOM   855  N  N   . ALA A 1 112 ? 0.282   -8.383  -7.295  1.00 25.73 ? 130 ALA A N   1 
ATOM   856  C  CA  . ALA A 1 112 ? -1.059  -7.877  -7.566  1.00 25.60 ? 130 ALA A CA  1 
ATOM   857  C  C   . ALA A 1 112 ? -1.122  -7.059  -8.852  1.00 25.46 ? 130 ALA A C   1 
ATOM   858  O  O   . ALA A 1 112 ? -0.338  -6.128  -9.052  1.00 25.41 ? 130 ALA A O   1 
ATOM   859  C  CB  . ALA A 1 112 ? -1.564  -7.055  -6.387  1.00 25.61 ? 130 ALA A CB  1 
ATOM   860  N  N   . VAL A 1 113 ? -2.059  -7.433  -9.718  1.00 25.32 ? 131 VAL A N   1 
ATOM   861  C  CA  . VAL A 1 113 ? -2.337  -6.703  -10.955 1.00 25.20 ? 131 VAL A CA  1 
ATOM   862  C  C   . VAL A 1 113 ? -3.844  -6.463  -11.100 1.00 25.14 ? 131 VAL A C   1 
ATOM   863  O  O   . VAL A 1 113 ? -4.646  -7.315  -10.699 1.00 25.09 ? 131 VAL A O   1 
ATOM   864  C  CB  . VAL A 1 113 ? -1.782  -7.432  -12.216 1.00 25.19 ? 131 VAL A CB  1 
ATOM   865  C  CG1 . VAL A 1 113 ? -0.267  -7.289  -12.299 1.00 25.19 ? 131 VAL A CG1 1 
ATOM   866  C  CG2 . VAL A 1 113 ? -2.193  -8.905  -12.242 1.00 25.14 ? 131 VAL A CG2 1 
ATOM   867  N  N   . PRO A 1 114 ? -4.234  -5.294  -11.649 1.00 25.08 ? 132 PRO A N   1 
ATOM   868  C  CA  . PRO A 1 114 ? -5.650  -4.998  -11.880 1.00 25.03 ? 132 PRO A CA  1 
ATOM   869  C  C   . PRO A 1 114 ? -6.313  -6.005  -12.820 1.00 25.02 ? 132 PRO A C   1 
ATOM   870  O  O   . PRO A 1 114 ? -5.727  -6.393  -13.833 1.00 25.04 ? 132 PRO A O   1 
ATOM   871  C  CB  . PRO A 1 114 ? -5.622  -3.602  -12.516 1.00 24.99 ? 132 PRO A CB  1 
ATOM   872  C  CG  . PRO A 1 114 ? -4.237  -3.428  -13.022 1.00 24.98 ? 132 PRO A CG  1 
ATOM   873  C  CD  . PRO A 1 114 ? -3.373  -4.174  -12.067 1.00 25.02 ? 132 PRO A CD  1 
ATOM   874  N  N   . LEU A 1 115 ? -7.523  -6.424  -12.464 1.00 25.00 ? 133 LEU A N   1 
ATOM   875  C  CA  . LEU A 1 115 ? -8.267  -7.427  -13.219 1.00 25.04 ? 133 LEU A CA  1 
ATOM   876  C  C   . LEU A 1 115 ? -8.850  -6.870  -14.519 1.00 25.00 ? 133 LEU A C   1 
ATOM   877  O  O   . LEU A 1 115 ? -8.893  -7.567  -15.535 1.00 25.00 ? 133 LEU A O   1 
ATOM   878  C  CB  . LEU A 1 115 ? -9.378  -8.017  -12.341 1.00 25.09 ? 133 LEU A CB  1 
ATOM   879  C  CG  . LEU A 1 115 ? -10.421 -8.983  -12.913 1.00 25.25 ? 133 LEU A CG  1 
ATOM   880  C  CD1 . LEU A 1 115 ? -9.811  -10.341 -13.245 1.00 25.42 ? 133 LEU A CD1 1 
ATOM   881  C  CD2 . LEU A 1 115 ? -11.577 -9.141  -11.932 1.00 25.12 ? 133 LEU A CD2 1 
ATOM   882  N  N   . HIS A 1 116 ? -9.290  -5.615  -14.479 1.00 24.94 ? 134 HIS A N   1 
ATOM   883  C  CA  . HIS A 1 116 ? -10.020 -5.010  -15.593 1.00 24.87 ? 134 HIS A CA  1 
ATOM   884  C  C   . HIS A 1 116 ? -9.174  -4.031  -16.420 1.00 24.74 ? 134 HIS A C   1 
ATOM   885  O  O   . HIS A 1 116 ? -8.132  -3.567  -15.948 1.00 24.72 ? 134 HIS A O   1 
ATOM   886  C  CB  . HIS A 1 116 ? -11.305 -4.354  -15.078 1.00 24.93 ? 134 HIS A CB  1 
ATOM   887  C  CG  . HIS A 1 116 ? -12.268 -5.327  -14.471 1.00 25.18 ? 134 HIS A CG  1 
ATOM   888  N  ND1 . HIS A 1 116 ? -12.894 -6.311  -15.206 1.00 25.44 ? 134 HIS A ND1 1 
ATOM   889  C  CD2 . HIS A 1 116 ? -12.705 -5.473  -13.197 1.00 25.55 ? 134 HIS A CD2 1 
ATOM   890  C  CE1 . HIS A 1 116 ? -13.677 -7.020  -14.412 1.00 25.64 ? 134 HIS A CE1 1 
ATOM   891  N  NE2 . HIS A 1 116 ? -13.582 -6.531  -13.188 1.00 25.64 ? 134 HIS A NE2 1 
ATOM   892  N  N   . PRO A 1 117 ? -9.611  -3.731  -17.664 1.00 24.61 ? 135 PRO A N   1 
ATOM   893  C  CA  . PRO A 1 117 ? -8.871  -2.862  -18.584 1.00 24.54 ? 135 PRO A CA  1 
ATOM   894  C  C   . PRO A 1 117 ? -8.624  -1.448  -18.061 1.00 24.53 ? 135 PRO A C   1 
ATOM   895  O  O   . PRO A 1 117 ? -9.518  -0.837  -17.469 1.00 24.49 ? 135 PRO A O   1 
ATOM   896  C  CB  . PRO A 1 117 ? -9.780  -2.799  -19.820 1.00 24.49 ? 135 PRO A CB  1 
ATOM   897  C  CG  . PRO A 1 117 ? -10.621 -4.005  -19.740 1.00 24.53 ? 135 PRO A CG  1 
ATOM   898  C  CD  . PRO A 1 117 ? -10.852 -4.232  -18.284 1.00 24.63 ? 135 PRO A CD  1 
ATOM   899  N  N   . ASN A 1 118 ? -7.405  -0.958  -18.283 1.00 24.54 ? 136 ASN A N   1 
ATOM   900  C  CA  . ASN A 1 118 ? -7.017  0.442   -18.050 1.00 24.58 ? 136 ASN A CA  1 
ATOM   901  C  C   . ASN A 1 118 ? -7.302  0.996   -16.647 1.00 24.55 ? 136 ASN A C   1 
ATOM   902  O  O   . ASN A 1 118 ? -7.553  2.194   -16.481 1.00 24.57 ? 136 ASN A O   1 
ATOM   903  C  CB  . ASN A 1 118 ? -7.616  1.351   -19.137 1.00 24.62 ? 136 ASN A CB  1 
ATOM   904  C  CG  . ASN A 1 118 ? -7.331  0.845   -20.547 1.00 24.82 ? 136 ASN A CG  1 
ATOM   905  O  OD1 . ASN A 1 118 ? -8.253  0.603   -21.328 1.00 24.94 ? 136 ASN A OD1 1 
ATOM   906  N  ND2 . ASN A 1 118 ? -6.051  0.677   -20.873 1.00 24.81 ? 136 ASN A ND2 1 
ATOM   907  N  N   . THR A 1 119 ? -7.250  0.122   -15.645 1.00 24.47 ? 137 THR A N   1 
ATOM   908  C  CA  . THR A 1 119 ? -7.502  0.516   -14.260 1.00 24.44 ? 137 THR A CA  1 
ATOM   909  C  C   . THR A 1 119 ? -6.204  0.604   -13.461 1.00 24.38 ? 137 THR A C   1 
ATOM   910  O  O   . THR A 1 119 ? -5.257  -0.143  -13.713 1.00 24.47 ? 137 THR A O   1 
ATOM   911  C  CB  . THR A 1 119 ? -8.487  -0.443  -13.551 1.00 24.42 ? 137 THR A CB  1 
ATOM   912  O  OG1 . THR A 1 119 ? -8.055  -1.796  -13.724 1.00 24.59 ? 137 THR A OG1 1 
ATOM   913  C  CG2 . THR A 1 119 ? -9.894  -0.289  -14.117 1.00 24.39 ? 137 THR A CG2 1 
ATOM   914  N  N   . VAL A 1 120 ? -6.171  1.529   -12.504 1.00 24.29 ? 138 VAL A N   1 
ATOM   915  C  CA  . VAL A 1 120 ? -4.993  1.754   -11.659 1.00 24.17 ? 138 VAL A CA  1 
ATOM   916  C  C   . VAL A 1 120 ? -5.356  1.666   -10.173 1.00 24.06 ? 138 VAL A C   1 
ATOM   917  O  O   . VAL A 1 120 ? -6.530  1.512   -9.828  1.00 24.06 ? 138 VAL A O   1 
ATOM   918  C  CB  . VAL A 1 120 ? -4.310  3.116   -11.971 1.00 24.18 ? 138 VAL A CB  1 
ATOM   919  C  CG1 . VAL A 1 120 ? -3.779  3.140   -13.400 1.00 24.25 ? 138 VAL A CG1 1 
ATOM   920  C  CG2 . VAL A 1 120 ? -5.268  4.279   -11.734 1.00 24.13 ? 138 VAL A CG2 1 
ATOM   921  N  N   . LEU A 1 121 ? -4.351  1.760   -9.305  1.00 23.90 ? 139 LEU A N   1 
ATOM   922  C  CA  . LEU A 1 121 ? -4.570  1.722   -7.857  1.00 23.79 ? 139 LEU A CA  1 
ATOM   923  C  C   . LEU A 1 121 ? -5.223  3.016   -7.374  1.00 23.79 ? 139 LEU A C   1 
ATOM   924  O  O   . LEU A 1 121 ? -4.676  4.105   -7.561  1.00 23.72 ? 139 LEU A O   1 
ATOM   925  C  CB  . LEU A 1 121 ? -3.252  1.465   -7.114  1.00 23.79 ? 139 LEU A CB  1 
ATOM   926  C  CG  . LEU A 1 121 ? -3.278  1.252   -5.594  1.00 23.69 ? 139 LEU A CG  1 
ATOM   927  C  CD1 . LEU A 1 121 ? -4.018  -0.024  -5.209  1.00 23.65 ? 139 LEU A CD1 1 
ATOM   928  C  CD2 . LEU A 1 121 ? -1.865  1.229   -5.044  1.00 23.72 ? 139 LEU A CD2 1 
ATOM   929  N  N   . ARG A 1 122 ? -6.396  2.886   -6.758  1.00 23.78 ? 140 ARG A N   1 
ATOM   930  C  CA  . ARG A 1 122 ? -7.160  4.048   -6.299  1.00 23.80 ? 140 ARG A CA  1 
ATOM   931  C  C   . ARG A 1 122 ? -7.143  4.240   -4.783  1.00 23.81 ? 140 ARG A C   1 
ATOM   932  O  O   . ARG A 1 122 ? -7.114  5.376   -4.303  1.00 23.84 ? 140 ARG A O   1 
ATOM   933  C  CB  . ARG A 1 122 ? -8.596  4.012   -6.838  1.00 23.83 ? 140 ARG A CB  1 
ATOM   934  C  CG  . ARG A 1 122 ? -8.714  4.357   -8.328  1.00 23.96 ? 140 ARG A CG  1 
ATOM   935  C  CD  . ARG A 1 122 ? -8.000  5.665   -8.664  1.00 24.18 ? 140 ARG A CD  1 
ATOM   936  N  NE  . ARG A 1 122 ? -8.124  6.035   -10.073 1.00 24.19 ? 140 ARG A NE  1 
ATOM   937  C  CZ  . ARG A 1 122 ? -7.362  6.941   -10.683 1.00 24.17 ? 140 ARG A CZ  1 
ATOM   938  N  NH1 . ARG A 1 122 ? -6.403  7.573   -10.018 1.00 24.12 ? 140 ARG A NH1 1 
ATOM   939  N  NH2 . ARG A 1 122 ? -7.553  7.210   -11.967 1.00 24.32 ? 140 ARG A NH2 1 
ATOM   940  N  N   . PHE A 1 123 ? -7.167  3.136   -4.040  1.00 23.74 ? 141 PHE A N   1 
ATOM   941  C  CA  . PHE A 1 123 ? -6.968  3.171   -2.587  1.00 23.70 ? 141 PHE A CA  1 
ATOM   942  C  C   . PHE A 1 123 ? -6.504  1.823   -2.036  1.00 23.73 ? 141 PHE A C   1 
ATOM   943  O  O   . PHE A 1 123 ? -6.578  0.803   -2.722  1.00 23.70 ? 141 PHE A O   1 
ATOM   944  C  CB  . PHE A 1 123 ? -8.219  3.685   -1.849  1.00 23.64 ? 141 PHE A CB  1 
ATOM   945  C  CG  . PHE A 1 123 ? -9.408  2.761   -1.920  1.00 23.46 ? 141 PHE A CG  1 
ATOM   946  C  CD1 . PHE A 1 123 ? -9.679  1.876   -0.880  1.00 23.37 ? 141 PHE A CD1 1 
ATOM   947  C  CD2 . PHE A 1 123 ? -10.274 2.798   -3.009  1.00 23.39 ? 141 PHE A CD2 1 
ATOM   948  C  CE1 . PHE A 1 123 ? -10.784 1.031   -0.932  1.00 23.38 ? 141 PHE A CE1 1 
ATOM   949  C  CE2 . PHE A 1 123 ? -11.379 1.953   -3.073  1.00 23.20 ? 141 PHE A CE2 1 
ATOM   950  C  CZ  . PHE A 1 123 ? -11.635 1.070   -2.031  1.00 23.38 ? 141 PHE A CZ  1 
ATOM   951  N  N   . ILE A 1 124 ? -6.010  1.834   -0.800  1.00 23.79 ? 142 ILE A N   1 
ATOM   952  C  CA  . ILE A 1 124 ? -5.561  0.613   -0.132  1.00 23.93 ? 142 ILE A CA  1 
ATOM   953  C  C   . ILE A 1 124 ? -6.343  0.346   1.158   1.00 24.12 ? 142 ILE A C   1 
ATOM   954  O  O   . ILE A 1 124 ? -6.877  1.268   1.777   1.00 24.15 ? 142 ILE A O   1 
ATOM   955  C  CB  . ILE A 1 124 ? -4.026  0.620   0.160   1.00 23.89 ? 142 ILE A CB  1 
ATOM   956  C  CG1 . ILE A 1 124 ? -3.643  1.748   1.126   1.00 23.81 ? 142 ILE A CG1 1 
ATOM   957  C  CG2 . ILE A 1 124 ? -3.221  0.706   -1.140  1.00 23.81 ? 142 ILE A CG2 1 
ATOM   958  C  CD1 . ILE A 1 124 ? -2.359  1.490   1.896   1.00 23.68 ? 142 ILE A CD1 1 
ATOM   959  N  N   . SER A 1 125 ? -6.415  -0.925  1.543   1.00 24.32 ? 143 SER A N   1 
ATOM   960  C  CA  . SER A 1 125 ? -7.020  -1.320  2.810   1.00 24.60 ? 143 SER A CA  1 
ATOM   961  C  C   . SER A 1 125 ? -6.144  -2.372  3.493   1.00 24.78 ? 143 SER A C   1 
ATOM   962  O  O   . SER A 1 125 ? -5.030  -2.644  3.039   1.00 24.85 ? 143 SER A O   1 
ATOM   963  C  CB  . SER A 1 125 ? -8.446  -1.839  2.592   1.00 24.60 ? 143 SER A CB  1 
ATOM   964  O  OG  . SER A 1 125 ? -8.455  -3.011  1.795   1.00 24.72 ? 143 SER A OG  1 
ATOM   965  N  N   . GLY A 1 126 ? -6.638  -2.949  4.587   1.00 24.95 ? 144 GLY A N   1 
ATOM   966  C  CA  . GLY A 1 126 ? -5.932  -4.033  5.263   1.00 25.13 ? 144 GLY A CA  1 
ATOM   967  C  C   . GLY A 1 126 ? -6.143  -4.080  6.760   1.00 25.26 ? 144 GLY A C   1 
ATOM   968  O  O   . GLY A 1 126 ? -7.180  -3.647  7.269   1.00 25.25 ? 144 GLY A O   1 
ATOM   969  N  N   . ARG A 1 127 ? -5.151  -4.620  7.463   1.00 25.38 ? 145 ARG A N   1 
ATOM   970  C  CA  . ARG A 1 127 ? -5.185  -4.733  8.920   1.00 25.46 ? 145 ARG A CA  1 
ATOM   971  C  C   . ARG A 1 127 ? -3.900  -4.175  9.521   1.00 25.36 ? 145 ARG A C   1 
ATOM   972  O  O   . ARG A 1 127 ? -2.811  -4.395  8.986   1.00 25.36 ? 145 ARG A O   1 
ATOM   973  C  CB  . ARG A 1 127 ? -5.375  -6.192  9.348   1.00 25.46 ? 145 ARG A CB  1 
ATOM   974  C  CG  . ARG A 1 127 ? -6.652  -6.845  8.833   1.00 25.64 ? 145 ARG A CG  1 
ATOM   975  C  CD  . ARG A 1 127 ? -6.902  -8.193  9.495   1.00 25.83 ? 145 ARG A CD  1 
ATOM   976  N  NE  . ARG A 1 127 ? -7.233  -8.059  10.914  1.00 26.91 ? 145 ARG A NE  1 
ATOM   977  C  CZ  . ARG A 1 127 ? -8.457  -7.832  11.391  1.00 27.21 ? 145 ARG A CZ  1 
ATOM   978  N  NH1 . ARG A 1 127 ? -9.492  -7.709  10.569  1.00 27.36 ? 145 ARG A NH1 1 
ATOM   979  N  NH2 . ARG A 1 127 ? -8.645  -7.727  12.701  1.00 27.34 ? 145 ARG A NH2 1 
ATOM   980  N  N   . SER A 1 128 ? -4.033  -3.453  10.632  1.00 25.28 ? 146 SER A N   1 
ATOM   981  C  CA  . SER A 1 128 ? -2.882  -2.843  11.297  1.00 25.23 ? 146 SER A CA  1 
ATOM   982  C  C   . SER A 1 128 ? -3.016  -2.801  12.821  1.00 25.12 ? 146 SER A C   1 
ATOM   983  O  O   . SER A 1 128 ? -4.117  -2.907  13.367  1.00 25.10 ? 146 SER A O   1 
ATOM   984  C  CB  . SER A 1 128 ? -2.633  -1.431  10.754  1.00 25.27 ? 146 SER A CB  1 
ATOM   985  O  OG  . SER A 1 128 ? -3.678  -0.547  11.124  1.00 25.62 ? 146 SER A OG  1 
ATOM   986  N  N   . GLY A 1 129 ? -1.876  -2.648  13.491  1.00 24.99 ? 147 GLY A N   1 
ATOM   987  C  CA  . GLY A 1 129 ? -1.813  -2.482  14.940  1.00 24.80 ? 147 GLY A CA  1 
ATOM   988  C  C   . GLY A 1 129 ? -0.590  -1.653  15.273  1.00 24.69 ? 147 GLY A C   1 
ATOM   989  O  O   . GLY A 1 129 ? -0.573  -0.443  15.038  1.00 24.74 ? 147 GLY A O   1 
ATOM   990  N  N   . SER A 1 130 ? 0.436   -2.305  15.812  1.00 24.54 ? 148 SER A N   1 
ATOM   991  C  CA  . SER A 1 130 ? 1.742   -1.673  16.001  1.00 24.47 ? 148 SER A CA  1 
ATOM   992  C  C   . SER A 1 130 ? 2.628   -1.932  14.779  1.00 24.33 ? 148 SER A C   1 
ATOM   993  O  O   . SER A 1 130 ? 3.738   -1.405  14.673  1.00 24.32 ? 148 SER A O   1 
ATOM   994  C  CB  . SER A 1 130 ? 2.415   -2.178  17.281  1.00 24.49 ? 148 SER A CB  1 
ATOM   995  O  OG  . SER A 1 130 ? 2.781   -3.541  17.162  1.00 24.85 ? 148 SER A OG  1 
ATOM   996  N  N   . LEU A 1 131 ? 2.120   -2.763  13.869  1.00 24.17 ? 149 LEU A N   1 
ATOM   997  C  CA  . LEU A 1 131 ? 2.742   -3.022  12.574  1.00 23.98 ? 149 LEU A CA  1 
ATOM   998  C  C   . LEU A 1 131 ? 1.651   -3.033  11.506  1.00 23.87 ? 149 LEU A C   1 
ATOM   999  O  O   . LEU A 1 131 ? 0.493   -2.719  11.796  1.00 23.84 ? 149 LEU A O   1 
ATOM   1000 C  CB  . LEU A 1 131 ? 3.484   -4.366  12.585  1.00 23.95 ? 149 LEU A CB  1 
ATOM   1001 C  CG  . LEU A 1 131 ? 4.685   -4.574  13.518  1.00 23.96 ? 149 LEU A CG  1 
ATOM   1002 C  CD1 . LEU A 1 131 ? 5.068   -6.044  13.553  1.00 23.92 ? 149 LEU A CD1 1 
ATOM   1003 C  CD2 . LEU A 1 131 ? 5.881   -3.716  13.116  1.00 24.00 ? 149 LEU A CD2 1 
ATOM   1004 N  N   . ILE A 1 132 ? 2.016   -3.378  10.274  1.00 23.76 ? 150 ILE A N   1 
ATOM   1005 C  CA  . ILE A 1 132 ? 1.023   -3.639  9.234   1.00 23.65 ? 150 ILE A CA  1 
ATOM   1006 C  C   . ILE A 1 132 ? 0.836   -5.150  9.122   1.00 23.56 ? 150 ILE A C   1 
ATOM   1007 O  O   . ILE A 1 132 ? 1.719   -5.860  8.638   1.00 23.58 ? 150 ILE A O   1 
ATOM   1008 C  CB  . ILE A 1 132 ? 1.406   -3.012  7.857   1.00 23.67 ? 150 ILE A CB  1 
ATOM   1009 C  CG1 . ILE A 1 132 ? 1.659   -1.497  7.978   1.00 23.69 ? 150 ILE A CG1 1 
ATOM   1010 C  CG2 . ILE A 1 132 ? 0.333   -3.314  6.800   1.00 23.62 ? 150 ILE A CG2 1 
ATOM   1011 C  CD1 . ILE A 1 132 ? 0.455   -0.657  8.438   1.00 23.56 ? 150 ILE A CD1 1 
ATOM   1012 N  N   . ASP A 1 133 ? -0.312  -5.627  9.594   1.00 23.50 ? 151 ASP A N   1 
ATOM   1013 C  CA  . ASP A 1 133 ? -0.617  -7.057  9.619   1.00 23.46 ? 151 ASP A CA  1 
ATOM   1014 C  C   . ASP A 1 133 ? -0.970  -7.590  8.234   1.00 23.38 ? 151 ASP A C   1 
ATOM   1015 O  O   . ASP A 1 133 ? -0.570  -8.697  7.870   1.00 23.46 ? 151 ASP A O   1 
ATOM   1016 C  CB  . ASP A 1 133 ? -1.758  -7.349  10.600  1.00 23.47 ? 151 ASP A CB  1 
ATOM   1017 C  CG  . ASP A 1 133 ? -1.417  -6.958  12.027  1.00 23.71 ? 151 ASP A CG  1 
ATOM   1018 O  OD1 . ASP A 1 133 ? -1.192  -7.868  12.854  1.00 24.14 ? 151 ASP A OD1 1 
ATOM   1019 O  OD2 . ASP A 1 133 ? -1.367  -5.743  12.321  1.00 23.68 ? 151 ASP A OD2 1 
ATOM   1020 N  N   . ALA A 1 134 ? -1.719  -6.794  7.474   1.00 23.22 ? 152 ALA A N   1 
ATOM   1021 C  CA  . ALA A 1 134 ? -2.151  -7.170  6.132   1.00 23.02 ? 152 ALA A CA  1 
ATOM   1022 C  C   . ALA A 1 134 ? -2.434  -5.938  5.277   1.00 22.90 ? 152 ALA A C   1 
ATOM   1023 O  O   . ALA A 1 134 ? -2.763  -4.870  5.801   1.00 22.97 ? 152 ALA A O   1 
ATOM   1024 C  CB  . ALA A 1 134 ? -3.388  -8.063  6.202   1.00 23.09 ? 152 ALA A CB  1 
ATOM   1025 N  N   . ILE A 1 135 ? -2.301  -6.097  3.962   1.00 22.62 ? 153 ILE A N   1 
ATOM   1026 C  CA  . ILE A 1 135 ? -2.630  -5.037  3.010   1.00 22.32 ? 153 ILE A CA  1 
ATOM   1027 C  C   . ILE A 1 135 ? -3.534  -5.554  1.887   1.00 22.17 ? 153 ILE A C   1 
ATOM   1028 O  O   . ILE A 1 135 ? -3.413  -6.702  1.453   1.00 22.15 ? 153 ILE A O   1 
ATOM   1029 C  CB  . ILE A 1 135 ? -1.353  -4.339  2.437   1.00 22.37 ? 153 ILE A CB  1 
ATOM   1030 C  CG1 . ILE A 1 135 ? -1.725  -3.033  1.716   1.00 22.33 ? 153 ILE A CG1 1 
ATOM   1031 C  CG2 . ILE A 1 135 ? -0.543  -5.294  1.542   1.00 22.22 ? 153 ILE A CG2 1 
ATOM   1032 C  CD1 . ILE A 1 135 ? -0.547  -2.150  1.341   1.00 22.27 ? 153 ILE A CD1 1 
ATOM   1033 N  N   . GLY A 1 136 ? -4.450  -4.698  1.445   1.00 22.03 ? 154 GLY A N   1 
ATOM   1034 C  CA  . GLY A 1 136 ? -5.328  -4.989  0.318   1.00 21.82 ? 154 GLY A CA  1 
ATOM   1035 C  C   . GLY A 1 136 ? -5.271  -3.873  -0.707  1.00 21.70 ? 154 GLY A C   1 
ATOM   1036 O  O   . GLY A 1 136 ? -5.279  -2.692  -0.350  1.00 21.66 ? 154 GLY A O   1 
ATOM   1037 N  N   . LEU A 1 137 ? -5.209  -4.249  -1.980  1.00 21.58 ? 155 LEU A N   1 
ATOM   1038 C  CA  . LEU A 1 137 ? -5.108  -3.282  -3.069  1.00 21.48 ? 155 LEU A CA  1 
ATOM   1039 C  C   . LEU A 1 137 ? -6.429  -3.174  -3.819  1.00 21.38 ? 155 LEU A C   1 
ATOM   1040 O  O   . LEU A 1 137 ? -6.999  -4.187  -4.230  1.00 21.41 ? 155 LEU A O   1 
ATOM   1041 C  CB  . LEU A 1 137 ? -3.978  -3.659  -4.042  1.00 21.51 ? 155 LEU A CB  1 
ATOM   1042 C  CG  . LEU A 1 137 ? -2.504  -3.739  -3.600  1.00 21.46 ? 155 LEU A CG  1 
ATOM   1043 C  CD1 . LEU A 1 137 ? -2.073  -2.512  -2.793  1.00 21.55 ? 155 LEU A CD1 1 
ATOM   1044 C  CD2 . LEU A 1 137 ? -2.202  -5.023  -2.835  1.00 21.24 ? 155 LEU A CD2 1 
ATOM   1045 N  N   . HIS A 1 138 ? -6.910  -1.946  -3.990  1.00 21.29 ? 156 HIS A N   1 
ATOM   1046 C  CA  . HIS A 1 138 ? -8.163  -1.694  -4.698  1.00 21.21 ? 156 HIS A CA  1 
ATOM   1047 C  C   . HIS A 1 138 ? -7.914  -0.968  -6.015  1.00 21.04 ? 156 HIS A C   1 
ATOM   1048 O  O   . HIS A 1 138 ? -7.333  0.119   -6.035  1.00 21.07 ? 156 HIS A O   1 
ATOM   1049 C  CB  . HIS A 1 138 ? -9.125  -0.885  -3.828  1.00 21.26 ? 156 HIS A CB  1 
ATOM   1050 C  CG  . HIS A 1 138 ? -9.545  -1.582  -2.572  1.00 21.56 ? 156 HIS A CG  1 
ATOM   1051 N  ND1 . HIS A 1 138 ? -10.773 -2.193  -2.435  1.00 21.89 ? 156 HIS A ND1 1 
ATOM   1052 C  CD2 . HIS A 1 138 ? -8.908  -1.749  -1.388  1.00 21.77 ? 156 HIS A CD2 1 
ATOM   1053 C  CE1 . HIS A 1 138 ? -10.874 -2.710  -1.223  1.00 21.91 ? 156 HIS A CE1 1 
ATOM   1054 N  NE2 . HIS A 1 138 ? -9.755  -2.456  -0.569  1.00 21.91 ? 156 HIS A NE2 1 
ATOM   1055 N  N   . TRP A 1 139 ? -8.362  -1.578  -7.108  1.00 20.91 ? 157 TRP A N   1 
ATOM   1056 C  CA  . TRP A 1 139 ? -8.152  -1.033  -8.447  1.00 20.86 ? 157 TRP A CA  1 
ATOM   1057 C  C   . TRP A 1 139 ? -9.446  -0.468  -9.021  1.00 20.90 ? 157 TRP A C   1 
ATOM   1058 O  O   . TRP A 1 139 ? -10.522 -1.024  -8.800  1.00 20.94 ? 157 TRP A O   1 
ATOM   1059 C  CB  . TRP A 1 139 ? -7.603  -2.111  -9.390  1.00 20.78 ? 157 TRP A CB  1 
ATOM   1060 C  CG  . TRP A 1 139 ? -6.503  -2.951  -8.803  1.00 20.61 ? 157 TRP A CG  1 
ATOM   1061 C  CD1 . TRP A 1 139 ? -6.646  -4.131  -8.130  1.00 20.55 ? 157 TRP A CD1 1 
ATOM   1062 C  CD2 . TRP A 1 139 ? -5.096  -2.680  -8.844  1.00 20.50 ? 157 TRP A CD2 1 
ATOM   1063 N  NE1 . TRP A 1 139 ? -5.416  -4.609  -7.744  1.00 20.63 ? 157 TRP A NE1 1 
ATOM   1064 C  CE2 . TRP A 1 139 ? -4.447  -3.738  -8.170  1.00 20.62 ? 157 TRP A CE2 1 
ATOM   1065 C  CE3 . TRP A 1 139 ? -4.321  -1.644  -9.383  1.00 20.50 ? 157 TRP A CE3 1 
ATOM   1066 C  CZ2 . TRP A 1 139 ? -3.056  -3.792  -8.021  1.00 20.62 ? 157 TRP A CZ2 1 
ATOM   1067 C  CZ3 . TRP A 1 139 ? -2.937  -1.697  -9.233  1.00 20.57 ? 157 TRP A CZ3 1 
ATOM   1068 C  CH2 . TRP A 1 139 ? -2.321  -2.765  -8.557  1.00 20.58 ? 157 TRP A CH2 1 
ATOM   1069 N  N   . ASP A 1 140 ? -9.332  0.638   -9.754  1.00 20.99 ? 158 ASP A N   1 
ATOM   1070 C  CA  . ASP A 1 140 ? -10.465 1.242   -10.459 1.00 21.13 ? 158 ASP A CA  1 
ATOM   1071 C  C   . ASP A 1 140 ? -9.980  2.219   -11.537 1.00 21.22 ? 158 ASP A C   1 
ATOM   1072 O  O   . ASP A 1 140 ? -8.778  2.477   -11.658 1.00 21.23 ? 158 ASP A O   1 
ATOM   1073 C  CB  . ASP A 1 140 ? -11.407 1.951   -9.474  1.00 21.15 ? 158 ASP A CB  1 
ATOM   1074 C  CG  . ASP A 1 140 ? -12.874 1.858   -9.888  1.00 21.32 ? 158 ASP A CG  1 
ATOM   1075 O  OD1 . ASP A 1 140 ? -13.168 1.819   -11.102 1.00 21.51 ? 158 ASP A OD1 1 
ATOM   1076 O  OD2 . ASP A 1 140 ? -13.739 1.828   -8.988  1.00 21.63 ? 158 ASP A OD2 1 
ATOM   1077 N  N   . VAL A 1 141 ? -10.917 2.748   -12.322 1.00 21.35 ? 159 VAL A N   1 
ATOM   1078 C  CA  . VAL A 1 141 ? -10.607 3.743   -13.353 1.00 21.53 ? 159 VAL A CA  1 
ATOM   1079 C  C   . VAL A 1 141 ? -10.166 5.078   -12.746 1.00 21.59 ? 159 VAL A C   1 
ATOM   1080 O  O   . VAL A 1 141 ? -10.536 5.425   -11.620 1.00 21.60 ? 159 VAL A O   1 
ATOM   1081 C  CB  . VAL A 1 141 ? -11.795 3.974   -14.329 1.00 21.53 ? 159 VAL A CB  1 
ATOM   1082 C  CG1 . VAL A 1 141 ? -11.961 2.782   -15.267 1.00 21.70 ? 159 VAL A CG1 1 
ATOM   1083 C  CG2 . VAL A 1 141 ? -13.092 4.259   -13.566 1.00 21.56 ? 159 VAL A CG2 1 
ATOM   1084 O  OXT . VAL A 1 141 ? -9.422  5.837   -13.370 1.00 21.58 ? 159 VAL A OXT 1 
HETATM 1085 N  N   . THR B 2 .   ? 3.828   -4.879  20.803  1.00 48.70 ? 201 THR A N   1 
HETATM 1086 C  CA  . THR B 2 .   ? 2.404   -4.925  20.505  1.00 48.66 ? 201 THR A CA  1 
HETATM 1087 C  C   . THR B 2 .   ? 1.614   -5.222  21.752  1.00 48.71 ? 201 THR A C   1 
HETATM 1088 O  O   . THR B 2 .   ? 2.060   -6.050  22.577  1.00 48.70 ? 201 THR A O   1 
HETATM 1089 C  CB  . THR B 2 .   ? 2.097   -5.929  19.378  1.00 48.63 ? 201 THR A CB  1 
HETATM 1090 O  OG1 . THR B 2 .   ? 0.693   -6.211  19.272  1.00 48.45 ? 201 THR A OG1 1 
HETATM 1091 C  CG2 . THR B 2 .   ? 2.845   -7.254  19.531  1.00 48.59 ? 201 THR A CG2 1 
HETATM 1092 O  OXT . THR B 2 .   ? 0.532   -4.615  21.913  1.00 48.73 ? 201 THR A OXT 1 
HETATM 1093 C  C1  . MAN C 3 .   ? -0.050  -5.310  18.434  1.00 48.09 ? 202 MAN A C1  1 
HETATM 1094 C  C2  . MAN C 3 .   ? -1.536  -5.686  18.450  1.00 47.86 ? 202 MAN A C2  1 
HETATM 1095 C  C3  . MAN C 3 .   ? -1.834  -6.919  17.589  1.00 47.85 ? 202 MAN A C3  1 
HETATM 1096 C  C4  . MAN C 3 .   ? -1.204  -6.829  16.198  1.00 47.95 ? 202 MAN A C4  1 
HETATM 1097 C  C5  . MAN C 3 .   ? 0.273   -6.430  16.278  1.00 47.95 ? 202 MAN A C5  1 
HETATM 1098 C  C6  . MAN C 3 .   ? 0.871   -6.172  14.898  1.00 47.86 ? 202 MAN A C6  1 
HETATM 1099 O  O2  . MAN C 3 .   ? -2.312  -4.571  17.993  1.00 47.75 ? 202 MAN A O2  1 
HETATM 1100 O  O3  . MAN C 3 .   ? -3.250  -7.099  17.464  1.00 47.68 ? 202 MAN A O3  1 
HETATM 1101 O  O4  . MAN C 3 .   ? -1.331  -8.099  15.547  1.00 47.96 ? 202 MAN A O4  1 
HETATM 1102 O  O5  . MAN C 3 .   ? 0.453   -5.256  17.084  1.00 48.04 ? 202 MAN A O5  1 
HETATM 1103 O  O6  . MAN C 3 .   ? 0.388   -4.934  14.367  1.00 47.84 ? 202 MAN A O6  1 
HETATM 1104 CL CL  . CL  D 4 .   ? -13.559 -6.947  0.132   1.00 46.22 ? 203 CL  A CL  1 
HETATM 1105 CL CL  . CL  E 4 .   ? -2.117  16.631  4.189   1.00 31.18 ? 204 CL  A CL  1 
HETATM 1106 O  O   . HOH F 5 .   ? -13.274 -3.309  -4.893  1.00 31.83 ? 301 HOH A O   1 
HETATM 1107 O  O   . HOH F 5 .   ? -12.483 -8.170  -7.766  1.00 15.48 ? 302 HOH A O   1 
HETATM 1108 O  O   . HOH F 5 .   ? -6.363  -11.245 -4.695  1.00 18.57 ? 303 HOH A O   1 
HETATM 1109 O  O   . HOH F 5 .   ? -7.894  -5.400  2.920   1.00 26.16 ? 304 HOH A O   1 
HETATM 1110 O  O   . HOH F 5 .   ? -9.671  -3.347  -12.230 1.00 31.73 ? 305 HOH A O   1 
HETATM 1111 O  O   . HOH F 5 .   ? -11.327 -5.424  12.784  1.00 31.87 ? 306 HOH A O   1 
HETATM 1112 O  O   . HOH F 5 .   ? -10.103 2.961   8.359   1.00 23.86 ? 307 HOH A O   1 
HETATM 1113 O  O   . HOH F 5 .   ? -12.595 4.637   4.456   1.00 21.18 ? 308 HOH A O   1 
HETATM 1114 O  O   . HOH F 5 .   ? -7.708  8.842   6.461   1.00 17.76 ? 309 HOH A O   1 
HETATM 1115 O  O   . HOH F 5 .   ? -13.751 -1.645  0.945   1.00 19.16 ? 310 HOH A O   1 
HETATM 1116 O  O   . HOH F 5 .   ? -16.826 1.348   2.908   1.00 22.36 ? 311 HOH A O   1 
HETATM 1117 O  O   . HOH F 5 .   ? -9.752  15.338  -7.050  1.00 23.73 ? 312 HOH A O   1 
HETATM 1118 O  O   . HOH F 5 .   ? -7.130  7.537   -5.705  1.00 20.76 ? 313 HOH A O   1 
HETATM 1119 O  O   . HOH F 5 .   ? -4.921  6.867   -7.572  1.00 13.58 ? 314 HOH A O   1 
HETATM 1120 O  O   . HOH F 5 .   ? -2.176  8.067   -8.909  1.00 13.10 ? 315 HOH A O   1 
HETATM 1121 O  O   . HOH F 5 .   ? -4.469  -9.748  -8.558  1.00 19.57 ? 316 HOH A O   1 
HETATM 1122 O  O   . HOH F 5 .   ? 7.986   7.598   15.680  1.00 24.03 ? 317 HOH A O   1 
HETATM 1123 O  O   . HOH F 5 .   ? 5.501   -0.306  16.280  1.00 24.90 ? 318 HOH A O   1 
HETATM 1124 O  O   . HOH F 5 .   ? 7.799   -3.144  16.710  1.00 12.61 ? 319 HOH A O   1 
HETATM 1125 O  O   . HOH F 5 .   ? 13.183  0.060   2.713   1.00 10.82 ? 320 HOH A O   1 
HETATM 1126 O  O   . HOH F 5 .   ? -1.835  7.611   -14.927 1.00 19.19 ? 321 HOH A O   1 
HETATM 1127 O  O   . HOH F 5 .   ? 8.243   -7.848  -4.187  1.00 26.00 ? 322 HOH A O   1 
HETATM 1128 O  O   . HOH F 5 .   ? 5.579   -19.636 14.901  1.00 17.07 ? 323 HOH A O   1 
HETATM 1129 O  O   . HOH F 5 .   ? -9.276  -5.014  6.193   1.00 23.37 ? 324 HOH A O   1 
HETATM 1130 O  O   . HOH F 5 .   ? 10.333  11.955  -3.568  1.00 28.76 ? 325 HOH A O   1 
HETATM 1131 O  O   . HOH F 5 .   ? -2.420  1.271   13.966  1.00 41.31 ? 326 HOH A O   1 
HETATM 1132 O  O   . HOH F 5 .   ? 0.367   -13.706 -5.858  1.00 8.18  ? 327 HOH A O   1 
HETATM 1133 O  O   . HOH F 5 .   ? -3.428  10.835  -12.155 1.00 14.35 ? 328 HOH A O   1 
HETATM 1134 O  O   . HOH F 5 .   ? -3.504  21.248  0.297   1.00 42.98 ? 329 HOH A O   1 
HETATM 1135 O  O   . HOH F 5 .   ? 11.838  -16.000 2.894   1.00 20.55 ? 330 HOH A O   1 
HETATM 1136 O  O   . HOH F 5 .   ? 6.662   -18.532 1.186   1.00 20.97 ? 331 HOH A O   1 
HETATM 1137 O  O   . HOH F 5 .   ? -15.249 -1.635  -4.021  1.00 21.03 ? 332 HOH A O   1 
HETATM 1138 O  O   . HOH F 5 .   ? -7.028  11.687  2.124   1.00 24.62 ? 333 HOH A O   1 
HETATM 1139 O  O   . HOH F 5 .   ? 11.804  10.256  -10.864 1.00 29.27 ? 334 HOH A O   1 
HETATM 1140 O  O   . HOH F 5 .   ? -1.201  -3.253  -14.562 1.00 15.85 ? 335 HOH A O   1 
HETATM 1141 O  O   . HOH F 5 .   ? 14.101  -15.255 1.535   1.00 19.13 ? 336 HOH A O   1 
HETATM 1142 O  O   . HOH F 5 .   ? -12.686 11.976  2.052   1.00 23.92 ? 337 HOH A O   1 
HETATM 1143 O  O   . HOH F 5 .   ? -7.223  17.178  -2.813  1.00 31.48 ? 338 HOH A O   1 
HETATM 1144 O  O   . HOH F 5 .   ? 10.065  -15.309 7.386   1.00 26.67 ? 339 HOH A O   1 
HETATM 1145 O  O   . HOH F 5 .   ? -12.438 0.070   -21.294 0.50 2.00  ? 340 HOH A O   1 
HETATM 1146 O  O   . HOH F 5 .   ? 13.115  3.416   -1.126  1.00 26.08 ? 341 HOH A O   1 
HETATM 1147 O  O   . HOH F 5 .   ? -13.533 16.860  2.283   1.00 20.54 ? 342 HOH A O   1 
HETATM 1148 O  O   . HOH F 5 .   ? -8.871  -12.010 10.022  1.00 26.86 ? 343 HOH A O   1 
HETATM 1149 O  O   . HOH F 5 .   ? -15.710 15.230  -2.267  1.00 20.14 ? 344 HOH A O   1 
HETATM 1150 O  O   . HOH F 5 .   ? -2.186  5.341   -8.415  1.00 26.79 ? 345 HOH A O   1 
HETATM 1151 O  O   . HOH F 5 .   ? 16.191  -6.954  1.854   1.00 20.40 ? 346 HOH A O   1 
HETATM 1152 O  O   . HOH F 5 .   ? -4.961  -4.433  17.501  1.00 32.11 ? 347 HOH A O   1 
HETATM 1153 O  O   . HOH F 5 .   ? 18.264  -7.786  13.688  1.00 30.55 ? 348 HOH A O   1 
HETATM 1154 O  O   . HOH F 5 .   ? -0.261  -14.830 -0.918  1.00 19.70 ? 349 HOH A O   1 
HETATM 1155 O  O   . HOH F 5 .   ? -14.667 -7.006  -10.706 1.00 39.48 ? 350 HOH A O   1 
HETATM 1156 O  O   . HOH F 5 .   ? 0.759   -9.482  24.075  1.00 23.23 ? 351 HOH A O   1 
# 
loop_
_pdbx_poly_seq_scheme.asym_id 
_pdbx_poly_seq_scheme.entity_id 
_pdbx_poly_seq_scheme.seq_id 
_pdbx_poly_seq_scheme.mon_id 
_pdbx_poly_seq_scheme.ndb_seq_num 
_pdbx_poly_seq_scheme.pdb_seq_num 
_pdbx_poly_seq_scheme.auth_seq_num 
_pdbx_poly_seq_scheme.pdb_mon_id 
_pdbx_poly_seq_scheme.auth_mon_id 
_pdbx_poly_seq_scheme.pdb_strand_id 
_pdbx_poly_seq_scheme.pdb_ins_code 
_pdbx_poly_seq_scheme.hetero 
A 1 1   GLY 1   19  ?   ?   ?   A . n 
A 1 2   SER 2   20  ?   ?   ?   A . n 
A 1 3   ALA 3   21  ?   ?   ?   A . n 
A 1 4   ARG 4   22  22  ARG ARG A . n 
A 1 5   SER 5   23  23  SER SER A . n 
A 1 6   SER 6   24  24  SER SER A . n 
A 1 7   SER 7   25  25  SER SER A . n 
A 1 8   TYR 8   26  26  TYR TYR A . n 
A 1 9   SER 9   27  27  SER SER A . n 
A 1 10  GLY 10  28  28  GLY GLY A . n 
A 1 11  GLU 11  29  29  GLU GLU A . n 
A 1 12  TYR 12  30  30  TYR TYR A . n 
A 1 13  GLY 13  31  31  GLY GLY A . n 
A 1 14  SER 14  32  32  SER SER A . n 
A 1 15  GLY 15  33  33  GLY GLY A . n 
A 1 16  GLY 16  34  34  GLY GLY A . n 
A 1 17  GLY 17  35  35  GLY GLY A . n 
A 1 18  LYS 18  36  36  LYS LYS A . n 
A 1 19  ARG 19  37  37  ARG ARG A . n 
A 1 20  PHE 20  38  38  PHE PHE A . n 
A 1 21  SER 21  39  39  SER SER A . n 
A 1 22  HIS 22  40  40  HIS HIS A . n 
A 1 23  SER 23  41  41  SER SER A . n 
A 1 24  GLY 24  42  42  GLY GLY A . n 
A 1 25  ASN 25  43  43  ASN ASN A . n 
A 1 26  GLN 26  44  44  GLN GLN A . n 
A 1 27  LEU 27  45  45  LEU LEU A . n 
A 1 28  ASP 28  46  46  ASP ASP A . n 
A 1 29  GLY 29  47  47  GLY GLY A . n 
A 1 30  PRO 30  48  48  PRO PRO A . n 
A 1 31  ILE 31  49  49  ILE ILE A . n 
A 1 32  THR 32  50  50  THR THR A . n 
A 1 33  ALA 33  51  51  ALA ALA A . n 
A 1 34  LEU 34  52  52  LEU LEU A . n 
A 1 35  ARG 35  53  53  ARG ARG A . n 
A 1 36  VAL 36  54  54  VAL VAL A . n 
A 1 37  ARG 37  55  55  ARG ARG A . n 
A 1 38  VAL 38  56  56  VAL VAL A . n 
A 1 39  ASN 39  57  57  ASN ASN A . n 
A 1 40  THR 40  58  58  THR THR A . n 
A 1 41  TYR 41  59  59  TYR TYR A . n 
A 1 42  TYR 42  60  60  TYR TYR A . n 
A 1 43  ILE 43  61  61  ILE ILE A . n 
A 1 44  VAL 44  62  62  VAL VAL A . n 
A 1 45  GLY 45  63  63  GLY GLY A . n 
A 1 46  LEU 46  64  64  LEU LEU A . n 
A 1 47  GLN 47  65  65  GLN GLN A . n 
A 1 48  VAL 48  66  66  VAL VAL A . n 
A 1 49  ARG 49  67  67  ARG ARG A . n 
A 1 50  TYR 50  68  68  TYR TYR A . n 
A 1 51  GLY 51  69  69  GLY GLY A . n 
A 1 52  LYS 52  70  70  LYS LYS A . n 
A 1 53  VAL 53  71  71  VAL VAL A . n 
A 1 54  TRP 54  72  72  TRP TRP A . n 
A 1 55  SER 55  73  73  SER SER A . n 
A 1 56  ASP 56  74  74  ASP ASP A . n 
A 1 57  TYR 57  75  75  TYR TYR A . n 
A 1 58  VAL 58  76  76  VAL VAL A . n 
A 1 59  GLY 59  77  77  GLY GLY A . n 
A 1 60  GLY 60  78  78  GLY GLY A . n 
A 1 61  ARG 61  79  79  ARG ARG A . n 
A 1 62  ASN 62  80  80  ASN ASN A . n 
A 1 63  GLY 63  81  81  GLY GLY A . n 
A 1 64  ASP 64  82  82  ASP ASP A . n 
A 1 65  LEU 65  83  83  LEU LEU A . n 
A 1 66  GLU 66  84  84  GLU GLU A . n 
A 1 67  GLU 67  85  85  GLU GLU A . n 
A 1 68  ILE 68  86  86  ILE ILE A . n 
A 1 69  PHE 69  87  87  PHE PHE A . n 
A 1 70  LEU 70  88  88  LEU LEU A . n 
A 1 71  HIS 71  89  89  HIS HIS A . n 
A 1 72  PRO 72  90  90  PRO PRO A . n 
A 1 73  GLY 73  91  91  GLY GLY A . n 
A 1 74  GLU 74  92  92  GLU GLU A . n 
A 1 75  SER 75  93  93  SER SER A . n 
A 1 76  VAL 76  94  94  VAL VAL A . n 
A 1 77  ILE 77  95  95  ILE ILE A . n 
A 1 78  GLN 78  96  96  GLN GLN A . n 
A 1 79  VAL 79  97  97  VAL VAL A . n 
A 1 80  SER 80  98  98  SER SER A . n 
A 1 81  GLY 81  99  99  GLY GLY A . n 
A 1 82  LYS 82  100 100 LYS LYS A . n 
A 1 83  TYR 83  101 101 TYR TYR A . n 
A 1 84  LYS 84  102 102 LYS LYS A . n 
A 1 85  TRP 85  103 103 TRP TRP A . n 
A 1 86  TYR 86  104 104 TYR TYR A . n 
A 1 87  LEU 87  105 105 LEU LEU A . n 
A 1 88  LYS 88  106 106 LYS LYS A . n 
A 1 89  LYS 89  107 107 LYS LYS A . n 
A 1 90  LEU 90  108 108 LEU LEU A . n 
A 1 91  VAL 91  109 109 VAL VAL A . n 
A 1 92  PHE 92  110 110 PHE PHE A . n 
A 1 93  VAL 93  111 111 VAL VAL A . n 
A 1 94  THR 94  112 112 THR THR A . n 
A 1 95  ASP 95  113 113 ASP ASP A . n 
A 1 96  LYS 96  114 114 LYS LYS A . n 
A 1 97  GLY 97  115 115 GLY GLY A . n 
A 1 98  ARG 98  116 116 ARG ARG A . n 
A 1 99  TYR 99  117 117 TYR TYR A . n 
A 1 100 LEU 100 118 118 LEU LEU A . n 
A 1 101 SER 101 119 119 SER SER A . n 
A 1 102 PHE 102 120 120 PHE PHE A . n 
A 1 103 GLY 103 121 121 GLY GLY A . n 
A 1 104 LYS 104 122 122 LYS LYS A . n 
A 1 105 ASP 105 123 123 ASP ASP A . n 
A 1 106 SER 106 124 124 SER SER A . n 
A 1 107 GLY 107 125 125 GLY GLY A . n 
A 1 108 THR 108 126 126 THR THR A . n 
A 1 109 SER 109 127 127 SER SER A . n 
A 1 110 PHE 110 128 128 PHE PHE A . n 
A 1 111 ASN 111 129 129 ASN ASN A . n 
A 1 112 ALA 112 130 130 ALA ALA A . n 
A 1 113 VAL 113 131 131 VAL VAL A . n 
A 1 114 PRO 114 132 132 PRO PRO A . n 
A 1 115 LEU 115 133 133 LEU LEU A . n 
A 1 116 HIS 116 134 134 HIS HIS A . n 
A 1 117 PRO 117 135 135 PRO PRO A . n 
A 1 118 ASN 118 136 136 ASN ASN A . n 
A 1 119 THR 119 137 137 THR THR A . n 
A 1 120 VAL 120 138 138 VAL VAL A . n 
A 1 121 LEU 121 139 139 LEU LEU A . n 
A 1 122 ARG 122 140 140 ARG ARG A . n 
A 1 123 PHE 123 141 141 PHE PHE A . n 
A 1 124 ILE 124 142 142 ILE ILE A . n 
A 1 125 SER 125 143 143 SER SER A . n 
A 1 126 GLY 126 144 144 GLY GLY A . n 
A 1 127 ARG 127 145 145 ARG ARG A . n 
A 1 128 SER 128 146 146 SER SER A . n 
A 1 129 GLY 129 147 147 GLY GLY A . n 
A 1 130 SER 130 148 148 SER SER A . n 
A 1 131 LEU 131 149 149 LEU LEU A . n 
A 1 132 ILE 132 150 150 ILE ILE A . n 
A 1 133 ASP 133 151 151 ASP ASP A . n 
A 1 134 ALA 134 152 152 ALA ALA A . n 
A 1 135 ILE 135 153 153 ILE ILE A . n 
A 1 136 GLY 136 154 154 GLY GLY A . n 
A 1 137 LEU 137 155 155 LEU LEU A . n 
A 1 138 HIS 138 156 156 HIS HIS A . n 
A 1 139 TRP 139 157 157 TRP TRP A . n 
A 1 140 ASP 140 158 158 ASP ASP A . n 
A 1 141 VAL 141 159 159 VAL VAL A . n 
# 
loop_
_pdbx_nonpoly_scheme.asym_id 
_pdbx_nonpoly_scheme.entity_id 
_pdbx_nonpoly_scheme.mon_id 
_pdbx_nonpoly_scheme.ndb_seq_num 
_pdbx_nonpoly_scheme.pdb_seq_num 
_pdbx_nonpoly_scheme.auth_seq_num 
_pdbx_nonpoly_scheme.pdb_mon_id 
_pdbx_nonpoly_scheme.auth_mon_id 
_pdbx_nonpoly_scheme.pdb_strand_id 
_pdbx_nonpoly_scheme.pdb_ins_code 
B 2 THR 1  201 800 THR THR A . 
C 3 MAN 1  202 801 MAN MAN A . 
D 4 CL  1  203 200 CL  CL  A . 
E 4 CL  1  204 201 CL  CL  A . 
F 5 HOH 1  301 2   HOH HOH A . 
F 5 HOH 2  302 6   HOH HOH A . 
F 5 HOH 3  303 11  HOH HOH A . 
F 5 HOH 4  304 13  HOH HOH A . 
F 5 HOH 5  305 161 HOH HOH A . 
F 5 HOH 6  306 164 HOH HOH A . 
F 5 HOH 7  307 168 HOH HOH A . 
F 5 HOH 8  308 173 HOH HOH A . 
F 5 HOH 9  309 174 HOH HOH A . 
F 5 HOH 10 310 175 HOH HOH A . 
F 5 HOH 11 311 176 HOH HOH A . 
F 5 HOH 12 312 182 HOH HOH A . 
F 5 HOH 13 313 183 HOH HOH A . 
F 5 HOH 14 314 184 HOH HOH A . 
F 5 HOH 15 315 186 HOH HOH A . 
F 5 HOH 16 316 196 HOH HOH A . 
F 5 HOH 17 317 197 HOH HOH A . 
F 5 HOH 18 318 205 HOH HOH A . 
F 5 HOH 19 319 206 HOH HOH A . 
F 5 HOH 20 320 207 HOH HOH A . 
F 5 HOH 21 321 221 HOH HOH A . 
F 5 HOH 22 322 222 HOH HOH A . 
F 5 HOH 23 323 223 HOH HOH A . 
F 5 HOH 24 324 228 HOH HOH A . 
F 5 HOH 25 325 233 HOH HOH A . 
F 5 HOH 26 326 249 HOH HOH A . 
F 5 HOH 27 327 257 HOH HOH A . 
F 5 HOH 28 328 258 HOH HOH A . 
F 5 HOH 29 329 259 HOH HOH A . 
F 5 HOH 30 330 260 HOH HOH A . 
F 5 HOH 31 331 261 HOH HOH A . 
F 5 HOH 32 332 262 HOH HOH A . 
F 5 HOH 33 333 263 HOH HOH A . 
F 5 HOH 34 334 264 HOH HOH A . 
F 5 HOH 35 335 266 HOH HOH A . 
F 5 HOH 36 336 267 HOH HOH A . 
F 5 HOH 37 337 268 HOH HOH A . 
F 5 HOH 38 338 269 HOH HOH A . 
F 5 HOH 39 339 270 HOH HOH A . 
F 5 HOH 40 340 271 HOH HOH A . 
F 5 HOH 41 341 273 HOH HOH A . 
F 5 HOH 42 342 274 HOH HOH A . 
F 5 HOH 43 343 275 HOH HOH A . 
F 5 HOH 44 344 276 HOH HOH A . 
F 5 HOH 45 345 278 HOH HOH A . 
F 5 HOH 46 346 279 HOH HOH A . 
F 5 HOH 47 347 281 HOH HOH A . 
F 5 HOH 48 348 282 HOH HOH A . 
F 5 HOH 49 349 283 HOH HOH A . 
F 5 HOH 50 350 284 HOH HOH A . 
F 5 HOH 51 351 285 HOH HOH A . 
# 
_pdbx_struct_assembly.id                   1 
_pdbx_struct_assembly.details              author_and_software_defined_assembly 
_pdbx_struct_assembly.method_details       PISA 
_pdbx_struct_assembly.oligomeric_details   monomeric 
_pdbx_struct_assembly.oligomeric_count     1 
# 
_pdbx_struct_assembly_gen.assembly_id       1 
_pdbx_struct_assembly_gen.oper_expression   1 
_pdbx_struct_assembly_gen.asym_id_list      A,B,C,D,E,F 
# 
_pdbx_struct_oper_list.id                   1 
_pdbx_struct_oper_list.type                 'identity operation' 
_pdbx_struct_oper_list.name                 1_555 
_pdbx_struct_oper_list.symmetry_operation   x,y,z 
_pdbx_struct_oper_list.matrix[1][1]         1.0000000000 
_pdbx_struct_oper_list.matrix[1][2]         0.0000000000 
_pdbx_struct_oper_list.matrix[1][3]         0.0000000000 
_pdbx_struct_oper_list.vector[1]            0.0000000000 
_pdbx_struct_oper_list.matrix[2][1]         0.0000000000 
_pdbx_struct_oper_list.matrix[2][2]         1.0000000000 
_pdbx_struct_oper_list.matrix[2][3]         0.0000000000 
_pdbx_struct_oper_list.vector[2]            0.0000000000 
_pdbx_struct_oper_list.matrix[3][1]         0.0000000000 
_pdbx_struct_oper_list.matrix[3][2]         0.0000000000 
_pdbx_struct_oper_list.matrix[3][3]         1.0000000000 
_pdbx_struct_oper_list.vector[3]            0.0000000000 
# 
loop_
_pdbx_audit_revision_history.ordinal 
_pdbx_audit_revision_history.data_content_type 
_pdbx_audit_revision_history.major_revision 
_pdbx_audit_revision_history.minor_revision 
_pdbx_audit_revision_history.revision_date 
1 'Structure model' 1 0 2013-10-16 
2 'Structure model' 1 1 2014-09-03 
3 'Structure model' 1 2 2020-07-29 
4 'Structure model' 1 3 2023-11-08 
# 
loop_
_pdbx_audit_revision_details.ordinal 
_pdbx_audit_revision_details.revision_ordinal 
_pdbx_audit_revision_details.data_content_type 
_pdbx_audit_revision_details.provider 
_pdbx_audit_revision_details.type 
_pdbx_audit_revision_details.description 
_pdbx_audit_revision_details.details 
1 1 'Structure model' repository 'Initial release' ?                          ? 
2 3 'Structure model' repository Remediation       'Carbohydrate remediation' ? 
# 
loop_
_pdbx_audit_revision_group.ordinal 
_pdbx_audit_revision_group.revision_ordinal 
_pdbx_audit_revision_group.data_content_type 
_pdbx_audit_revision_group.group 
1 2 'Structure model' 'Database references'    
2 3 'Structure model' 'Data collection'        
3 3 'Structure model' 'Database references'    
4 3 'Structure model' 'Derived calculations'   
5 3 'Structure model' 'Structure summary'      
6 4 'Structure model' 'Data collection'        
7 4 'Structure model' 'Database references'    
8 4 'Structure model' 'Refinement description' 
9 4 'Structure model' 'Structure summary'      
# 
loop_
_pdbx_audit_revision_category.ordinal 
_pdbx_audit_revision_category.revision_ordinal 
_pdbx_audit_revision_category.data_content_type 
_pdbx_audit_revision_category.category 
1  3 'Structure model' chem_comp                     
2  3 'Structure model' entity                        
3  3 'Structure model' pdbx_chem_comp_identifier     
4  3 'Structure model' pdbx_entity_nonpoly           
5  3 'Structure model' struct_conn                   
6  3 'Structure model' struct_ref_seq_dif            
7  3 'Structure model' struct_site                   
8  3 'Structure model' struct_site_gen               
9  4 'Structure model' chem_comp                     
10 4 'Structure model' chem_comp_atom                
11 4 'Structure model' chem_comp_bond                
12 4 'Structure model' database_2                    
13 4 'Structure model' pdbx_initial_refinement_model 
# 
loop_
_pdbx_audit_revision_item.ordinal 
_pdbx_audit_revision_item.revision_ordinal 
_pdbx_audit_revision_item.data_content_type 
_pdbx_audit_revision_item.item 
1  3 'Structure model' '_chem_comp.name'                     
2  3 'Structure model' '_chem_comp.type'                     
3  3 'Structure model' '_entity.pdbx_description'            
4  3 'Structure model' '_pdbx_entity_nonpoly.name'           
5  3 'Structure model' '_struct_conn.pdbx_leaving_atom_flag' 
6  3 'Structure model' '_struct_conn.pdbx_role'              
7  3 'Structure model' '_struct_ref_seq_dif.details'         
8  4 'Structure model' '_chem_comp.pdbx_synonyms'            
9  4 'Structure model' '_database_2.pdbx_DOI'                
10 4 'Structure model' '_database_2.pdbx_database_accession' 
# 
loop_
_software.name 
_software.classification 
_software.version 
_software.citation_id 
_software.pdbx_ordinal 
HKL-2000 'data collection' .        ? 1 
MOLREP   phasing           .        ? 2 
REFMAC   refinement        5.2.0019 ? 3 
DENZO    'data reduction'  .        ? 4 
SCALA    'data scaling'    .        ? 5 
# 
loop_
_pdbx_validate_torsion.id 
_pdbx_validate_torsion.PDB_model_num 
_pdbx_validate_torsion.auth_comp_id 
_pdbx_validate_torsion.auth_asym_id 
_pdbx_validate_torsion.auth_seq_id 
_pdbx_validate_torsion.PDB_ins_code 
_pdbx_validate_torsion.label_alt_id 
_pdbx_validate_torsion.phi 
_pdbx_validate_torsion.psi 
1 1 ASN A 57  ? ? -98.19  -142.10 
2 1 LYS A 102 ? ? -119.48 -95.88  
# 
loop_
_pdbx_unobs_or_zero_occ_residues.id 
_pdbx_unobs_or_zero_occ_residues.PDB_model_num 
_pdbx_unobs_or_zero_occ_residues.polymer_flag 
_pdbx_unobs_or_zero_occ_residues.occupancy_flag 
_pdbx_unobs_or_zero_occ_residues.auth_asym_id 
_pdbx_unobs_or_zero_occ_residues.auth_comp_id 
_pdbx_unobs_or_zero_occ_residues.auth_seq_id 
_pdbx_unobs_or_zero_occ_residues.PDB_ins_code 
_pdbx_unobs_or_zero_occ_residues.label_asym_id 
_pdbx_unobs_or_zero_occ_residues.label_comp_id 
_pdbx_unobs_or_zero_occ_residues.label_seq_id 
1 1 Y 1 A GLY 19 ? A GLY 1 
2 1 Y 1 A SER 20 ? A SER 2 
3 1 Y 1 A ALA 21 ? A ALA 3 
# 
loop_
_chem_comp_atom.comp_id 
_chem_comp_atom.atom_id 
_chem_comp_atom.type_symbol 
_chem_comp_atom.pdbx_aromatic_flag 
_chem_comp_atom.pdbx_stereo_config 
_chem_comp_atom.pdbx_ordinal 
ALA N    N  N N 1   
ALA CA   C  N S 2   
ALA C    C  N N 3   
ALA O    O  N N 4   
ALA CB   C  N N 5   
ALA OXT  O  N N 6   
ALA H    H  N N 7   
ALA H2   H  N N 8   
ALA HA   H  N N 9   
ALA HB1  H  N N 10  
ALA HB2  H  N N 11  
ALA HB3  H  N N 12  
ALA HXT  H  N N 13  
ARG N    N  N N 14  
ARG CA   C  N S 15  
ARG C    C  N N 16  
ARG O    O  N N 17  
ARG CB   C  N N 18  
ARG CG   C  N N 19  
ARG CD   C  N N 20  
ARG NE   N  N N 21  
ARG CZ   C  N N 22  
ARG NH1  N  N N 23  
ARG NH2  N  N N 24  
ARG OXT  O  N N 25  
ARG H    H  N N 26  
ARG H2   H  N N 27  
ARG HA   H  N N 28  
ARG HB2  H  N N 29  
ARG HB3  H  N N 30  
ARG HG2  H  N N 31  
ARG HG3  H  N N 32  
ARG HD2  H  N N 33  
ARG HD3  H  N N 34  
ARG HE   H  N N 35  
ARG HH11 H  N N 36  
ARG HH12 H  N N 37  
ARG HH21 H  N N 38  
ARG HH22 H  N N 39  
ARG HXT  H  N N 40  
ASN N    N  N N 41  
ASN CA   C  N S 42  
ASN C    C  N N 43  
ASN O    O  N N 44  
ASN CB   C  N N 45  
ASN CG   C  N N 46  
ASN OD1  O  N N 47  
ASN ND2  N  N N 48  
ASN OXT  O  N N 49  
ASN H    H  N N 50  
ASN H2   H  N N 51  
ASN HA   H  N N 52  
ASN HB2  H  N N 53  
ASN HB3  H  N N 54  
ASN HD21 H  N N 55  
ASN HD22 H  N N 56  
ASN HXT  H  N N 57  
ASP N    N  N N 58  
ASP CA   C  N S 59  
ASP C    C  N N 60  
ASP O    O  N N 61  
ASP CB   C  N N 62  
ASP CG   C  N N 63  
ASP OD1  O  N N 64  
ASP OD2  O  N N 65  
ASP OXT  O  N N 66  
ASP H    H  N N 67  
ASP H2   H  N N 68  
ASP HA   H  N N 69  
ASP HB2  H  N N 70  
ASP HB3  H  N N 71  
ASP HD2  H  N N 72  
ASP HXT  H  N N 73  
CL  CL   CL N N 74  
GLN N    N  N N 75  
GLN CA   C  N S 76  
GLN C    C  N N 77  
GLN O    O  N N 78  
GLN CB   C  N N 79  
GLN CG   C  N N 80  
GLN CD   C  N N 81  
GLN OE1  O  N N 82  
GLN NE2  N  N N 83  
GLN OXT  O  N N 84  
GLN H    H  N N 85  
GLN H2   H  N N 86  
GLN HA   H  N N 87  
GLN HB2  H  N N 88  
GLN HB3  H  N N 89  
GLN HG2  H  N N 90  
GLN HG3  H  N N 91  
GLN HE21 H  N N 92  
GLN HE22 H  N N 93  
GLN HXT  H  N N 94  
GLU N    N  N N 95  
GLU CA   C  N S 96  
GLU C    C  N N 97  
GLU O    O  N N 98  
GLU CB   C  N N 99  
GLU CG   C  N N 100 
GLU CD   C  N N 101 
GLU OE1  O  N N 102 
GLU OE2  O  N N 103 
GLU OXT  O  N N 104 
GLU H    H  N N 105 
GLU H2   H  N N 106 
GLU HA   H  N N 107 
GLU HB2  H  N N 108 
GLU HB3  H  N N 109 
GLU HG2  H  N N 110 
GLU HG3  H  N N 111 
GLU HE2  H  N N 112 
GLU HXT  H  N N 113 
GLY N    N  N N 114 
GLY CA   C  N N 115 
GLY C    C  N N 116 
GLY O    O  N N 117 
GLY OXT  O  N N 118 
GLY H    H  N N 119 
GLY H2   H  N N 120 
GLY HA2  H  N N 121 
GLY HA3  H  N N 122 
GLY HXT  H  N N 123 
HIS N    N  N N 124 
HIS CA   C  N S 125 
HIS C    C  N N 126 
HIS O    O  N N 127 
HIS CB   C  N N 128 
HIS CG   C  Y N 129 
HIS ND1  N  Y N 130 
HIS CD2  C  Y N 131 
HIS CE1  C  Y N 132 
HIS NE2  N  Y N 133 
HIS OXT  O  N N 134 
HIS H    H  N N 135 
HIS H2   H  N N 136 
HIS HA   H  N N 137 
HIS HB2  H  N N 138 
HIS HB3  H  N N 139 
HIS HD1  H  N N 140 
HIS HD2  H  N N 141 
HIS HE1  H  N N 142 
HIS HE2  H  N N 143 
HIS HXT  H  N N 144 
HOH O    O  N N 145 
HOH H1   H  N N 146 
HOH H2   H  N N 147 
ILE N    N  N N 148 
ILE CA   C  N S 149 
ILE C    C  N N 150 
ILE O    O  N N 151 
ILE CB   C  N S 152 
ILE CG1  C  N N 153 
ILE CG2  C  N N 154 
ILE CD1  C  N N 155 
ILE OXT  O  N N 156 
ILE H    H  N N 157 
ILE H2   H  N N 158 
ILE HA   H  N N 159 
ILE HB   H  N N 160 
ILE HG12 H  N N 161 
ILE HG13 H  N N 162 
ILE HG21 H  N N 163 
ILE HG22 H  N N 164 
ILE HG23 H  N N 165 
ILE HD11 H  N N 166 
ILE HD12 H  N N 167 
ILE HD13 H  N N 168 
ILE HXT  H  N N 169 
LEU N    N  N N 170 
LEU CA   C  N S 171 
LEU C    C  N N 172 
LEU O    O  N N 173 
LEU CB   C  N N 174 
LEU CG   C  N N 175 
LEU CD1  C  N N 176 
LEU CD2  C  N N 177 
LEU OXT  O  N N 178 
LEU H    H  N N 179 
LEU H2   H  N N 180 
LEU HA   H  N N 181 
LEU HB2  H  N N 182 
LEU HB3  H  N N 183 
LEU HG   H  N N 184 
LEU HD11 H  N N 185 
LEU HD12 H  N N 186 
LEU HD13 H  N N 187 
LEU HD21 H  N N 188 
LEU HD22 H  N N 189 
LEU HD23 H  N N 190 
LEU HXT  H  N N 191 
LYS N    N  N N 192 
LYS CA   C  N S 193 
LYS C    C  N N 194 
LYS O    O  N N 195 
LYS CB   C  N N 196 
LYS CG   C  N N 197 
LYS CD   C  N N 198 
LYS CE   C  N N 199 
LYS NZ   N  N N 200 
LYS OXT  O  N N 201 
LYS H    H  N N 202 
LYS H2   H  N N 203 
LYS HA   H  N N 204 
LYS HB2  H  N N 205 
LYS HB3  H  N N 206 
LYS HG2  H  N N 207 
LYS HG3  H  N N 208 
LYS HD2  H  N N 209 
LYS HD3  H  N N 210 
LYS HE2  H  N N 211 
LYS HE3  H  N N 212 
LYS HZ1  H  N N 213 
LYS HZ2  H  N N 214 
LYS HZ3  H  N N 215 
LYS HXT  H  N N 216 
MAN C1   C  N S 217 
MAN C2   C  N S 218 
MAN C3   C  N S 219 
MAN C4   C  N S 220 
MAN C5   C  N R 221 
MAN C6   C  N N 222 
MAN O1   O  N N 223 
MAN O2   O  N N 224 
MAN O3   O  N N 225 
MAN O4   O  N N 226 
MAN O5   O  N N 227 
MAN O6   O  N N 228 
MAN H1   H  N N 229 
MAN H2   H  N N 230 
MAN H3   H  N N 231 
MAN H4   H  N N 232 
MAN H5   H  N N 233 
MAN H61  H  N N 234 
MAN H62  H  N N 235 
MAN HO1  H  N N 236 
MAN HO2  H  N N 237 
MAN HO3  H  N N 238 
MAN HO4  H  N N 239 
MAN HO6  H  N N 240 
PHE N    N  N N 241 
PHE CA   C  N S 242 
PHE C    C  N N 243 
PHE O    O  N N 244 
PHE CB   C  N N 245 
PHE CG   C  Y N 246 
PHE CD1  C  Y N 247 
PHE CD2  C  Y N 248 
PHE CE1  C  Y N 249 
PHE CE2  C  Y N 250 
PHE CZ   C  Y N 251 
PHE OXT  O  N N 252 
PHE H    H  N N 253 
PHE H2   H  N N 254 
PHE HA   H  N N 255 
PHE HB2  H  N N 256 
PHE HB3  H  N N 257 
PHE HD1  H  N N 258 
PHE HD2  H  N N 259 
PHE HE1  H  N N 260 
PHE HE2  H  N N 261 
PHE HZ   H  N N 262 
PHE HXT  H  N N 263 
PRO N    N  N N 264 
PRO CA   C  N S 265 
PRO C    C  N N 266 
PRO O    O  N N 267 
PRO CB   C  N N 268 
PRO CG   C  N N 269 
PRO CD   C  N N 270 
PRO OXT  O  N N 271 
PRO H    H  N N 272 
PRO HA   H  N N 273 
PRO HB2  H  N N 274 
PRO HB3  H  N N 275 
PRO HG2  H  N N 276 
PRO HG3  H  N N 277 
PRO HD2  H  N N 278 
PRO HD3  H  N N 279 
PRO HXT  H  N N 280 
SER N    N  N N 281 
SER CA   C  N S 282 
SER C    C  N N 283 
SER O    O  N N 284 
SER CB   C  N N 285 
SER OG   O  N N 286 
SER OXT  O  N N 287 
SER H    H  N N 288 
SER H2   H  N N 289 
SER HA   H  N N 290 
SER HB2  H  N N 291 
SER HB3  H  N N 292 
SER HG   H  N N 293 
SER HXT  H  N N 294 
THR N    N  N N 295 
THR CA   C  N S 296 
THR C    C  N N 297 
THR O    O  N N 298 
THR CB   C  N R 299 
THR OG1  O  N N 300 
THR CG2  C  N N 301 
THR OXT  O  N N 302 
THR H    H  N N 303 
THR H2   H  N N 304 
THR HA   H  N N 305 
THR HB   H  N N 306 
THR HG1  H  N N 307 
THR HG21 H  N N 308 
THR HG22 H  N N 309 
THR HG23 H  N N 310 
THR HXT  H  N N 311 
TRP N    N  N N 312 
TRP CA   C  N S 313 
TRP C    C  N N 314 
TRP O    O  N N 315 
TRP CB   C  N N 316 
TRP CG   C  Y N 317 
TRP CD1  C  Y N 318 
TRP CD2  C  Y N 319 
TRP NE1  N  Y N 320 
TRP CE2  C  Y N 321 
TRP CE3  C  Y N 322 
TRP CZ2  C  Y N 323 
TRP CZ3  C  Y N 324 
TRP CH2  C  Y N 325 
TRP OXT  O  N N 326 
TRP H    H  N N 327 
TRP H2   H  N N 328 
TRP HA   H  N N 329 
TRP HB2  H  N N 330 
TRP HB3  H  N N 331 
TRP HD1  H  N N 332 
TRP HE1  H  N N 333 
TRP HE3  H  N N 334 
TRP HZ2  H  N N 335 
TRP HZ3  H  N N 336 
TRP HH2  H  N N 337 
TRP HXT  H  N N 338 
TYR N    N  N N 339 
TYR CA   C  N S 340 
TYR C    C  N N 341 
TYR O    O  N N 342 
TYR CB   C  N N 343 
TYR CG   C  Y N 344 
TYR CD1  C  Y N 345 
TYR CD2  C  Y N 346 
TYR CE1  C  Y N 347 
TYR CE2  C  Y N 348 
TYR CZ   C  Y N 349 
TYR OH   O  N N 350 
TYR OXT  O  N N 351 
TYR H    H  N N 352 
TYR H2   H  N N 353 
TYR HA   H  N N 354 
TYR HB2  H  N N 355 
TYR HB3  H  N N 356 
TYR HD1  H  N N 357 
TYR HD2  H  N N 358 
TYR HE1  H  N N 359 
TYR HE2  H  N N 360 
TYR HH   H  N N 361 
TYR HXT  H  N N 362 
VAL N    N  N N 363 
VAL CA   C  N S 364 
VAL C    C  N N 365 
VAL O    O  N N 366 
VAL CB   C  N N 367 
VAL CG1  C  N N 368 
VAL CG2  C  N N 369 
VAL OXT  O  N N 370 
VAL H    H  N N 371 
VAL H2   H  N N 372 
VAL HA   H  N N 373 
VAL HB   H  N N 374 
VAL HG11 H  N N 375 
VAL HG12 H  N N 376 
VAL HG13 H  N N 377 
VAL HG21 H  N N 378 
VAL HG22 H  N N 379 
VAL HG23 H  N N 380 
VAL HXT  H  N N 381 
# 
loop_
_chem_comp_bond.comp_id 
_chem_comp_bond.atom_id_1 
_chem_comp_bond.atom_id_2 
_chem_comp_bond.value_order 
_chem_comp_bond.pdbx_aromatic_flag 
_chem_comp_bond.pdbx_stereo_config 
_chem_comp_bond.pdbx_ordinal 
ALA N   CA   sing N N 1   
ALA N   H    sing N N 2   
ALA N   H2   sing N N 3   
ALA CA  C    sing N N 4   
ALA CA  CB   sing N N 5   
ALA CA  HA   sing N N 6   
ALA C   O    doub N N 7   
ALA C   OXT  sing N N 8   
ALA CB  HB1  sing N N 9   
ALA CB  HB2  sing N N 10  
ALA CB  HB3  sing N N 11  
ALA OXT HXT  sing N N 12  
ARG N   CA   sing N N 13  
ARG N   H    sing N N 14  
ARG N   H2   sing N N 15  
ARG CA  C    sing N N 16  
ARG CA  CB   sing N N 17  
ARG CA  HA   sing N N 18  
ARG C   O    doub N N 19  
ARG C   OXT  sing N N 20  
ARG CB  CG   sing N N 21  
ARG CB  HB2  sing N N 22  
ARG CB  HB3  sing N N 23  
ARG CG  CD   sing N N 24  
ARG CG  HG2  sing N N 25  
ARG CG  HG3  sing N N 26  
ARG CD  NE   sing N N 27  
ARG CD  HD2  sing N N 28  
ARG CD  HD3  sing N N 29  
ARG NE  CZ   sing N N 30  
ARG NE  HE   sing N N 31  
ARG CZ  NH1  sing N N 32  
ARG CZ  NH2  doub N N 33  
ARG NH1 HH11 sing N N 34  
ARG NH1 HH12 sing N N 35  
ARG NH2 HH21 sing N N 36  
ARG NH2 HH22 sing N N 37  
ARG OXT HXT  sing N N 38  
ASN N   CA   sing N N 39  
ASN N   H    sing N N 40  
ASN N   H2   sing N N 41  
ASN CA  C    sing N N 42  
ASN CA  CB   sing N N 43  
ASN CA  HA   sing N N 44  
ASN C   O    doub N N 45  
ASN C   OXT  sing N N 46  
ASN CB  CG   sing N N 47  
ASN CB  HB2  sing N N 48  
ASN CB  HB3  sing N N 49  
ASN CG  OD1  doub N N 50  
ASN CG  ND2  sing N N 51  
ASN ND2 HD21 sing N N 52  
ASN ND2 HD22 sing N N 53  
ASN OXT HXT  sing N N 54  
ASP N   CA   sing N N 55  
ASP N   H    sing N N 56  
ASP N   H2   sing N N 57  
ASP CA  C    sing N N 58  
ASP CA  CB   sing N N 59  
ASP CA  HA   sing N N 60  
ASP C   O    doub N N 61  
ASP C   OXT  sing N N 62  
ASP CB  CG   sing N N 63  
ASP CB  HB2  sing N N 64  
ASP CB  HB3  sing N N 65  
ASP CG  OD1  doub N N 66  
ASP CG  OD2  sing N N 67  
ASP OD2 HD2  sing N N 68  
ASP OXT HXT  sing N N 69  
GLN N   CA   sing N N 70  
GLN N   H    sing N N 71  
GLN N   H2   sing N N 72  
GLN CA  C    sing N N 73  
GLN CA  CB   sing N N 74  
GLN CA  HA   sing N N 75  
GLN C   O    doub N N 76  
GLN C   OXT  sing N N 77  
GLN CB  CG   sing N N 78  
GLN CB  HB2  sing N N 79  
GLN CB  HB3  sing N N 80  
GLN CG  CD   sing N N 81  
GLN CG  HG2  sing N N 82  
GLN CG  HG3  sing N N 83  
GLN CD  OE1  doub N N 84  
GLN CD  NE2  sing N N 85  
GLN NE2 HE21 sing N N 86  
GLN NE2 HE22 sing N N 87  
GLN OXT HXT  sing N N 88  
GLU N   CA   sing N N 89  
GLU N   H    sing N N 90  
GLU N   H2   sing N N 91  
GLU CA  C    sing N N 92  
GLU CA  CB   sing N N 93  
GLU CA  HA   sing N N 94  
GLU C   O    doub N N 95  
GLU C   OXT  sing N N 96  
GLU CB  CG   sing N N 97  
GLU CB  HB2  sing N N 98  
GLU CB  HB3  sing N N 99  
GLU CG  CD   sing N N 100 
GLU CG  HG2  sing N N 101 
GLU CG  HG3  sing N N 102 
GLU CD  OE1  doub N N 103 
GLU CD  OE2  sing N N 104 
GLU OE2 HE2  sing N N 105 
GLU OXT HXT  sing N N 106 
GLY N   CA   sing N N 107 
GLY N   H    sing N N 108 
GLY N   H2   sing N N 109 
GLY CA  C    sing N N 110 
GLY CA  HA2  sing N N 111 
GLY CA  HA3  sing N N 112 
GLY C   O    doub N N 113 
GLY C   OXT  sing N N 114 
GLY OXT HXT  sing N N 115 
HIS N   CA   sing N N 116 
HIS N   H    sing N N 117 
HIS N   H2   sing N N 118 
HIS CA  C    sing N N 119 
HIS CA  CB   sing N N 120 
HIS CA  HA   sing N N 121 
HIS C   O    doub N N 122 
HIS C   OXT  sing N N 123 
HIS CB  CG   sing N N 124 
HIS CB  HB2  sing N N 125 
HIS CB  HB3  sing N N 126 
HIS CG  ND1  sing Y N 127 
HIS CG  CD2  doub Y N 128 
HIS ND1 CE1  doub Y N 129 
HIS ND1 HD1  sing N N 130 
HIS CD2 NE2  sing Y N 131 
HIS CD2 HD2  sing N N 132 
HIS CE1 NE2  sing Y N 133 
HIS CE1 HE1  sing N N 134 
HIS NE2 HE2  sing N N 135 
HIS OXT HXT  sing N N 136 
HOH O   H1   sing N N 137 
HOH O   H2   sing N N 138 
ILE N   CA   sing N N 139 
ILE N   H    sing N N 140 
ILE N   H2   sing N N 141 
ILE CA  C    sing N N 142 
ILE CA  CB   sing N N 143 
ILE CA  HA   sing N N 144 
ILE C   O    doub N N 145 
ILE C   OXT  sing N N 146 
ILE CB  CG1  sing N N 147 
ILE CB  CG2  sing N N 148 
ILE CB  HB   sing N N 149 
ILE CG1 CD1  sing N N 150 
ILE CG1 HG12 sing N N 151 
ILE CG1 HG13 sing N N 152 
ILE CG2 HG21 sing N N 153 
ILE CG2 HG22 sing N N 154 
ILE CG2 HG23 sing N N 155 
ILE CD1 HD11 sing N N 156 
ILE CD1 HD12 sing N N 157 
ILE CD1 HD13 sing N N 158 
ILE OXT HXT  sing N N 159 
LEU N   CA   sing N N 160 
LEU N   H    sing N N 161 
LEU N   H2   sing N N 162 
LEU CA  C    sing N N 163 
LEU CA  CB   sing N N 164 
LEU CA  HA   sing N N 165 
LEU C   O    doub N N 166 
LEU C   OXT  sing N N 167 
LEU CB  CG   sing N N 168 
LEU CB  HB2  sing N N 169 
LEU CB  HB3  sing N N 170 
LEU CG  CD1  sing N N 171 
LEU CG  CD2  sing N N 172 
LEU CG  HG   sing N N 173 
LEU CD1 HD11 sing N N 174 
LEU CD1 HD12 sing N N 175 
LEU CD1 HD13 sing N N 176 
LEU CD2 HD21 sing N N 177 
LEU CD2 HD22 sing N N 178 
LEU CD2 HD23 sing N N 179 
LEU OXT HXT  sing N N 180 
LYS N   CA   sing N N 181 
LYS N   H    sing N N 182 
LYS N   H2   sing N N 183 
LYS CA  C    sing N N 184 
LYS CA  CB   sing N N 185 
LYS CA  HA   sing N N 186 
LYS C   O    doub N N 187 
LYS C   OXT  sing N N 188 
LYS CB  CG   sing N N 189 
LYS CB  HB2  sing N N 190 
LYS CB  HB3  sing N N 191 
LYS CG  CD   sing N N 192 
LYS CG  HG2  sing N N 193 
LYS CG  HG3  sing N N 194 
LYS CD  CE   sing N N 195 
LYS CD  HD2  sing N N 196 
LYS CD  HD3  sing N N 197 
LYS CE  NZ   sing N N 198 
LYS CE  HE2  sing N N 199 
LYS CE  HE3  sing N N 200 
LYS NZ  HZ1  sing N N 201 
LYS NZ  HZ2  sing N N 202 
LYS NZ  HZ3  sing N N 203 
LYS OXT HXT  sing N N 204 
MAN C1  C2   sing N N 205 
MAN C1  O1   sing N N 206 
MAN C1  O5   sing N N 207 
MAN C1  H1   sing N N 208 
MAN C2  C3   sing N N 209 
MAN C2  O2   sing N N 210 
MAN C2  H2   sing N N 211 
MAN C3  C4   sing N N 212 
MAN C3  O3   sing N N 213 
MAN C3  H3   sing N N 214 
MAN C4  C5   sing N N 215 
MAN C4  O4   sing N N 216 
MAN C4  H4   sing N N 217 
MAN C5  C6   sing N N 218 
MAN C5  O5   sing N N 219 
MAN C5  H5   sing N N 220 
MAN C6  O6   sing N N 221 
MAN C6  H61  sing N N 222 
MAN C6  H62  sing N N 223 
MAN O1  HO1  sing N N 224 
MAN O2  HO2  sing N N 225 
MAN O3  HO3  sing N N 226 
MAN O4  HO4  sing N N 227 
MAN O6  HO6  sing N N 228 
PHE N   CA   sing N N 229 
PHE N   H    sing N N 230 
PHE N   H2   sing N N 231 
PHE CA  C    sing N N 232 
PHE CA  CB   sing N N 233 
PHE CA  HA   sing N N 234 
PHE C   O    doub N N 235 
PHE C   OXT  sing N N 236 
PHE CB  CG   sing N N 237 
PHE CB  HB2  sing N N 238 
PHE CB  HB3  sing N N 239 
PHE CG  CD1  doub Y N 240 
PHE CG  CD2  sing Y N 241 
PHE CD1 CE1  sing Y N 242 
PHE CD1 HD1  sing N N 243 
PHE CD2 CE2  doub Y N 244 
PHE CD2 HD2  sing N N 245 
PHE CE1 CZ   doub Y N 246 
PHE CE1 HE1  sing N N 247 
PHE CE2 CZ   sing Y N 248 
PHE CE2 HE2  sing N N 249 
PHE CZ  HZ   sing N N 250 
PHE OXT HXT  sing N N 251 
PRO N   CA   sing N N 252 
PRO N   CD   sing N N 253 
PRO N   H    sing N N 254 
PRO CA  C    sing N N 255 
PRO CA  CB   sing N N 256 
PRO CA  HA   sing N N 257 
PRO C   O    doub N N 258 
PRO C   OXT  sing N N 259 
PRO CB  CG   sing N N 260 
PRO CB  HB2  sing N N 261 
PRO CB  HB3  sing N N 262 
PRO CG  CD   sing N N 263 
PRO CG  HG2  sing N N 264 
PRO CG  HG3  sing N N 265 
PRO CD  HD2  sing N N 266 
PRO CD  HD3  sing N N 267 
PRO OXT HXT  sing N N 268 
SER N   CA   sing N N 269 
SER N   H    sing N N 270 
SER N   H2   sing N N 271 
SER CA  C    sing N N 272 
SER CA  CB   sing N N 273 
SER CA  HA   sing N N 274 
SER C   O    doub N N 275 
SER C   OXT  sing N N 276 
SER CB  OG   sing N N 277 
SER CB  HB2  sing N N 278 
SER CB  HB3  sing N N 279 
SER OG  HG   sing N N 280 
SER OXT HXT  sing N N 281 
THR N   CA   sing N N 282 
THR N   H    sing N N 283 
THR N   H2   sing N N 284 
THR CA  C    sing N N 285 
THR CA  CB   sing N N 286 
THR CA  HA   sing N N 287 
THR C   O    doub N N 288 
THR C   OXT  sing N N 289 
THR CB  OG1  sing N N 290 
THR CB  CG2  sing N N 291 
THR CB  HB   sing N N 292 
THR OG1 HG1  sing N N 293 
THR CG2 HG21 sing N N 294 
THR CG2 HG22 sing N N 295 
THR CG2 HG23 sing N N 296 
THR OXT HXT  sing N N 297 
TRP N   CA   sing N N 298 
TRP N   H    sing N N 299 
TRP N   H2   sing N N 300 
TRP CA  C    sing N N 301 
TRP CA  CB   sing N N 302 
TRP CA  HA   sing N N 303 
TRP C   O    doub N N 304 
TRP C   OXT  sing N N 305 
TRP CB  CG   sing N N 306 
TRP CB  HB2  sing N N 307 
TRP CB  HB3  sing N N 308 
TRP CG  CD1  doub Y N 309 
TRP CG  CD2  sing Y N 310 
TRP CD1 NE1  sing Y N 311 
TRP CD1 HD1  sing N N 312 
TRP CD2 CE2  doub Y N 313 
TRP CD2 CE3  sing Y N 314 
TRP NE1 CE2  sing Y N 315 
TRP NE1 HE1  sing N N 316 
TRP CE2 CZ2  sing Y N 317 
TRP CE3 CZ3  doub Y N 318 
TRP CE3 HE3  sing N N 319 
TRP CZ2 CH2  doub Y N 320 
TRP CZ2 HZ2  sing N N 321 
TRP CZ3 CH2  sing Y N 322 
TRP CZ3 HZ3  sing N N 323 
TRP CH2 HH2  sing N N 324 
TRP OXT HXT  sing N N 325 
TYR N   CA   sing N N 326 
TYR N   H    sing N N 327 
TYR N   H2   sing N N 328 
TYR CA  C    sing N N 329 
TYR CA  CB   sing N N 330 
TYR CA  HA   sing N N 331 
TYR C   O    doub N N 332 
TYR C   OXT  sing N N 333 
TYR CB  CG   sing N N 334 
TYR CB  HB2  sing N N 335 
TYR CB  HB3  sing N N 336 
TYR CG  CD1  doub Y N 337 
TYR CG  CD2  sing Y N 338 
TYR CD1 CE1  sing Y N 339 
TYR CD1 HD1  sing N N 340 
TYR CD2 CE2  doub Y N 341 
TYR CD2 HD2  sing N N 342 
TYR CE1 CZ   doub Y N 343 
TYR CE1 HE1  sing N N 344 
TYR CE2 CZ   sing Y N 345 
TYR CE2 HE2  sing N N 346 
TYR CZ  OH   sing N N 347 
TYR OH  HH   sing N N 348 
TYR OXT HXT  sing N N 349 
VAL N   CA   sing N N 350 
VAL N   H    sing N N 351 
VAL N   H2   sing N N 352 
VAL CA  C    sing N N 353 
VAL CA  CB   sing N N 354 
VAL CA  HA   sing N N 355 
VAL C   O    doub N N 356 
VAL C   OXT  sing N N 357 
VAL CB  CG1  sing N N 358 
VAL CB  CG2  sing N N 359 
VAL CB  HB   sing N N 360 
VAL CG1 HG11 sing N N 361 
VAL CG1 HG12 sing N N 362 
VAL CG1 HG13 sing N N 363 
VAL CG2 HG21 sing N N 364 
VAL CG2 HG22 sing N N 365 
VAL CG2 HG23 sing N N 366 
VAL OXT HXT  sing N N 367 
# 
loop_
_pdbx_chem_comp_identifier.comp_id 
_pdbx_chem_comp_identifier.type 
_pdbx_chem_comp_identifier.program 
_pdbx_chem_comp_identifier.program_version 
_pdbx_chem_comp_identifier.identifier 
MAN 'CONDENSED IUPAC CARBOHYDRATE SYMBOL' GMML     1.0 DManpa            
MAN 'COMMON NAME'                         GMML     1.0 a-D-mannopyranose 
MAN 'IUPAC CARBOHYDRATE SYMBOL'           PDB-CARE 1.0 a-D-Manp          
MAN 'SNFG CARBOHYDRATE SYMBOL'            GMML     1.0 Man               
# 
loop_
_pdbx_entity_nonpoly.entity_id 
_pdbx_entity_nonpoly.name 
_pdbx_entity_nonpoly.comp_id 
2 THREONINE             THR 
3 alpha-D-mannopyranose MAN 
4 'CHLORIDE ION'        CL  
5 water                 HOH 
# 
_pdbx_initial_refinement_model.id               1 
_pdbx_initial_refinement_model.entity_id_list   ? 
_pdbx_initial_refinement_model.type             'experimental model' 
_pdbx_initial_refinement_model.source_name      PDB 
_pdbx_initial_refinement_model.accession_code   3APA 
_pdbx_initial_refinement_model.details          ? 
# 
